data_2Y0E
#
_entry.id   2Y0E
#
_cell.length_a   97.631
_cell.length_b   108.933
_cell.length_c   187.708
_cell.angle_alpha   90.00
_cell.angle_beta   90.00
_cell.angle_gamma   90.00
#
_symmetry.space_group_name_H-M   'P 21 21 21'
#
loop_
_entity.id
_entity.type
_entity.pdbx_description
1 polymer 'UDP-GLUCOSE DEHYDROGENASE'
2 non-polymer "URIDINE-5'-DIPHOSPHATE-GLUCURONIC ACID"
3 non-polymer 'SULFATE ION'
4 non-polymer 'ACETATE ION'
5 non-polymer GLYCEROL
6 water water
#
_entity_poly.entity_id   1
_entity_poly.type   'polypeptide(L)'
_entity_poly.pdbx_seq_one_letter_code
;HHHHHHGSMNLTIIGSGYVGLVTGACLADIGHDVFCLDVDQAKIDILNNGGVPIHEPGLKEVIARNRSAGRLRFSTDIEA
AVAHGDVQFIAVGTPPDEDGSADLQYVLAAARNIGRYMTGFKVIVDKSTVPVGTAERVRAAVAEELAKRGGDQMFSVVSN
PEFLKEGAAVDDFTRPDRIVIGCDDDVPGERARELMKKLYAPFNRNHERTLYMDVRSAEFTKYAANAMLATRISFMNELA
NLADRFGADIEAVRRGIGSDPRIGYHFLYAGCGYGGSCFPKDVEALIRTADEHGQSLQILKAVSSVNATQKRVLADKIVA
RFGEDLTGRTFAIWGLAFKPNTDDMREAPSRELIAELLSRGARIAAYDPVAQEEARRVIALDLADHPSWLERLSFVDDEA
QAARDADALVIVTEWKIFKSPDFVALGRLWKTPVIFDGRNLYEPETMSEQGIEYHPIGRPGSRQAVAARVTGTAPASA
;
_entity_poly.pdbx_strand_id   A,B,C,D
#
loop_
_chem_comp.id
_chem_comp.type
_chem_comp.name
_chem_comp.formula
ACT non-polymer 'ACETATE ION' 'C2 H3 O2 -1'
GOL non-polymer GLYCEROL 'C3 H8 O3'
SO4 non-polymer 'SULFATE ION' 'O4 S -2'
UGA non-polymer 'URIDINE-5'-DIPHOSPHATE-GLUCURONIC ACID' 'C15 H22 N2 O18 P2'
#
# COMPACT_ATOMS: atom_id res chain seq x y z
N GLY A 7 17.52 -0.50 31.64
CA GLY A 7 16.50 -0.82 30.65
C GLY A 7 15.24 -1.46 31.24
N SER A 8 15.45 -2.44 32.11
CA SER A 8 14.37 -3.17 32.77
C SER A 8 13.70 -2.32 33.84
N MET A 9 12.37 -2.33 33.86
CA MET A 9 11.61 -1.59 34.86
C MET A 9 10.69 -2.50 35.64
N ASN A 10 10.36 -2.11 36.86
CA ASN A 10 9.45 -2.85 37.67
C ASN A 10 8.04 -2.37 37.42
N LEU A 11 7.21 -3.25 36.88
CA LEU A 11 5.85 -2.88 36.48
C LEU A 11 4.80 -3.71 37.21
N THR A 12 3.65 -3.10 37.49
CA THR A 12 2.50 -3.84 37.99
C THR A 12 1.34 -3.66 37.01
N ILE A 13 0.64 -4.75 36.72
CA ILE A 13 -0.59 -4.68 35.95
C ILE A 13 -1.74 -5.11 36.82
N ILE A 14 -2.81 -4.33 36.82
CA ILE A 14 -3.99 -4.68 37.61
C ILE A 14 -5.09 -5.06 36.63
N GLY A 15 -5.58 -6.30 36.69
CA GLY A 15 -6.62 -6.77 35.78
C GLY A 15 -6.17 -8.00 34.99
N SER A 16 -7.10 -8.92 34.69
CA SER A 16 -6.74 -10.24 34.13
C SER A 16 -7.55 -10.67 32.91
N GLY A 17 -8.07 -9.70 32.16
CA GLY A 17 -8.71 -10.04 30.89
C GLY A 17 -7.62 -10.07 29.85
N TYR A 18 -7.98 -10.16 28.57
CA TYR A 18 -6.96 -10.13 27.53
C TYR A 18 -6.09 -8.89 27.63
N VAL A 19 -6.65 -7.74 28.01
CA VAL A 19 -5.82 -6.53 28.08
C VAL A 19 -4.73 -6.65 29.12
N GLY A 20 -5.07 -6.99 30.36
CA GLY A 20 -4.05 -7.02 31.38
C GLY A 20 -3.03 -8.16 31.22
N LEU A 21 -3.53 -9.34 30.90
CA LEU A 21 -2.64 -10.51 30.85
C LEU A 21 -1.68 -10.39 29.67
N VAL A 22 -2.20 -9.98 28.54
CA VAL A 22 -1.33 -9.82 27.36
C VAL A 22 -0.31 -8.69 27.58
N THR A 23 -0.79 -7.55 28.08
CA THR A 23 0.12 -6.44 28.39
C THR A 23 1.24 -6.85 29.34
N GLY A 24 0.87 -7.53 30.43
CA GLY A 24 1.84 -7.93 31.42
C GLY A 24 2.82 -8.94 30.89
N ALA A 25 2.30 -9.99 30.26
CA ALA A 25 3.17 -11.08 29.82
C ALA A 25 4.12 -10.59 28.73
N CYS A 26 3.61 -9.76 27.84
CA CYS A 26 4.40 -9.30 26.72
C CYS A 26 5.42 -8.24 27.15
N LEU A 27 5.09 -7.44 28.17
CA LEU A 27 6.10 -6.53 28.71
C LEU A 27 7.18 -7.29 29.52
N ALA A 28 6.79 -8.36 30.21
CA ALA A 28 7.81 -9.19 30.86
C ALA A 28 8.75 -9.78 29.78
N ASP A 29 8.16 -10.15 28.65
CA ASP A 29 8.91 -10.80 27.57
C ASP A 29 9.95 -9.87 26.96
N ILE A 30 9.80 -8.56 27.13
CA ILE A 30 10.85 -7.67 26.64
C ILE A 30 11.86 -7.28 27.71
N GLY A 31 11.71 -7.85 28.90
CA GLY A 31 12.74 -7.70 29.93
C GLY A 31 12.27 -7.02 31.21
N HIS A 32 11.05 -6.53 31.24
CA HIS A 32 10.58 -5.88 32.47
C HIS A 32 10.22 -6.95 33.51
N ASP A 33 10.21 -6.56 34.78
CA ASP A 33 9.84 -7.43 35.89
C ASP A 33 8.40 -7.09 36.29
N VAL A 34 7.47 -8.00 36.00
CA VAL A 34 6.05 -7.67 36.01
C VAL A 34 5.30 -8.43 37.09
N PHE A 35 4.47 -7.72 37.84
CA PHE A 35 3.59 -8.28 38.86
C PHE A 35 2.18 -8.08 38.34
N CYS A 36 1.47 -9.18 38.12
CA CYS A 36 0.09 -9.14 37.65
C CYS A 36 -0.85 -9.35 38.82
N LEU A 37 -1.61 -8.31 39.17
CA LEU A 37 -2.54 -8.37 40.29
C LEU A 37 -3.98 -8.56 39.80
N ASP A 38 -4.77 -9.36 40.50
CA ASP A 38 -6.21 -9.41 40.22
C ASP A 38 -6.91 -9.79 41.50
N VAL A 39 -8.17 -9.41 41.63
CA VAL A 39 -8.95 -9.73 42.82
C VAL A 39 -9.41 -11.20 42.83
N ASP A 40 -9.47 -11.83 41.65
CA ASP A 40 -10.06 -13.17 41.53
C ASP A 40 -9.03 -14.26 41.83
N GLN A 41 -9.12 -14.81 43.03
CA GLN A 41 -8.16 -15.81 43.48
C GLN A 41 -8.13 -17.06 42.62
N ALA A 42 -9.28 -17.50 42.12
CA ALA A 42 -9.32 -18.66 41.21
C ALA A 42 -8.53 -18.40 39.92
N LYS A 43 -8.68 -17.22 39.34
CA LYS A 43 -7.97 -16.92 38.10
C LYS A 43 -6.47 -16.87 38.36
N ILE A 44 -6.09 -16.32 39.51
CA ILE A 44 -4.68 -16.27 39.86
C ILE A 44 -4.17 -17.69 40.05
N ASP A 45 -4.93 -18.53 40.75
CA ASP A 45 -4.51 -19.94 40.96
C ASP A 45 -4.31 -20.67 39.64
N ILE A 46 -5.23 -20.44 38.71
CA ILE A 46 -5.18 -21.05 37.38
C ILE A 46 -3.93 -20.60 36.63
N LEU A 47 -3.67 -19.29 36.62
CA LEU A 47 -2.45 -18.78 36.01
C LEU A 47 -1.18 -19.39 36.62
N ASN A 48 -1.13 -19.49 37.95
CA ASN A 48 0.06 -20.05 38.61
C ASN A 48 0.19 -21.55 38.45
N ASN A 49 -0.81 -22.16 37.82
CA ASN A 49 -0.78 -23.59 37.56
C ASN A 49 -0.69 -23.88 36.09
N GLY A 50 -0.22 -22.89 35.33
CA GLY A 50 0.04 -23.08 33.91
C GLY A 50 -1.16 -22.99 32.98
N GLY A 51 -2.32 -22.60 33.51
CA GLY A 51 -3.51 -22.46 32.69
C GLY A 51 -3.68 -21.01 32.28
N VAL A 52 -4.61 -20.75 31.36
CA VAL A 52 -4.96 -19.37 31.01
C VAL A 52 -6.49 -19.27 31.00
N PRO A 53 -7.06 -18.30 31.73
CA PRO A 53 -8.53 -18.21 31.84
C PRO A 53 -9.16 -17.50 30.64
N ILE A 54 -8.41 -17.31 29.57
CA ILE A 54 -8.98 -16.74 28.36
C ILE A 54 -8.44 -17.46 27.13
N HIS A 55 -9.07 -17.19 25.98
CA HIS A 55 -8.75 -17.85 24.72
C HIS A 55 -7.82 -16.96 23.87
N GLU A 56 -6.51 -17.00 24.12
CA GLU A 56 -5.57 -16.14 23.36
C GLU A 56 -4.39 -16.94 22.83
N PRO A 57 -4.35 -17.14 21.53
CA PRO A 57 -3.25 -17.88 20.91
C PRO A 57 -1.90 -17.33 21.35
N GLY A 58 -1.00 -18.22 21.78
CA GLY A 58 0.36 -17.79 22.06
C GLY A 58 0.59 -17.29 23.48
N LEU A 59 -0.49 -17.00 24.21
CA LEU A 59 -0.35 -16.38 25.51
C LEU A 59 0.22 -17.34 26.56
N LYS A 60 -0.24 -18.60 26.54
CA LYS A 60 0.20 -19.59 27.52
C LYS A 60 1.73 -19.71 27.48
N GLU A 61 2.30 -19.71 26.27
CA GLU A 61 3.75 -19.88 26.11
C GLU A 61 4.56 -18.64 26.57
N VAL A 62 4.04 -17.44 26.27
CA VAL A 62 4.70 -16.24 26.75
C VAL A 62 4.71 -16.23 28.28
N ILE A 63 3.59 -16.58 28.90
CA ILE A 63 3.52 -16.61 30.35
C ILE A 63 4.49 -17.63 30.94
N ALA A 64 4.53 -18.82 30.37
CA ALA A 64 5.40 -19.87 30.92
C ALA A 64 6.88 -19.45 30.89
N ARG A 65 7.29 -18.89 29.76
CA ARG A 65 8.68 -18.50 29.57
C ARG A 65 9.05 -17.40 30.57
N ASN A 66 8.13 -16.47 30.81
CA ASN A 66 8.45 -15.38 31.68
C ASN A 66 8.32 -15.67 33.17
N ARG A 67 7.42 -16.57 33.54
CA ARG A 67 7.45 -17.09 34.92
C ARG A 67 8.79 -17.79 35.18
N SER A 68 9.21 -18.62 34.22
CA SER A 68 10.42 -19.41 34.40
C SER A 68 11.64 -18.51 34.56
N ALA A 69 11.63 -17.42 33.82
CA ALA A 69 12.67 -16.39 33.87
C ALA A 69 12.60 -15.49 35.14
N GLY A 70 11.57 -15.62 35.94
CA GLY A 70 11.45 -14.79 37.14
C GLY A 70 11.06 -13.36 36.83
N ARG A 71 10.50 -13.13 35.65
CA ARG A 71 10.03 -11.78 35.28
C ARG A 71 8.51 -11.61 35.37
N LEU A 72 7.80 -12.64 35.80
CA LEU A 72 6.33 -12.54 35.80
C LEU A 72 5.71 -13.34 36.97
N ARG A 73 4.93 -12.65 37.79
CA ARG A 73 4.33 -13.22 38.98
C ARG A 73 2.85 -12.88 38.97
N PHE A 74 2.03 -13.78 39.50
CA PHE A 74 0.58 -13.59 39.60
C PHE A 74 0.15 -13.67 41.05
N SER A 75 -0.69 -12.71 41.49
CA SER A 75 -1.02 -12.65 42.91
C SER A 75 -2.24 -11.83 43.16
N THR A 76 -2.94 -12.12 44.26
CA THR A 76 -4.03 -11.26 44.72
C THR A 76 -3.57 -10.24 45.76
N ASP A 77 -2.27 -10.22 46.07
CA ASP A 77 -1.74 -9.37 47.15
C ASP A 77 -1.58 -7.89 46.76
N ILE A 78 -2.56 -7.09 47.17
CA ILE A 78 -2.65 -5.69 46.75
C ILE A 78 -1.45 -4.89 47.24
N GLU A 79 -1.12 -5.02 48.51
CA GLU A 79 0.00 -4.27 49.05
C GLU A 79 1.31 -4.64 48.36
N ALA A 80 1.52 -5.92 48.09
CA ALA A 80 2.74 -6.34 47.40
C ALA A 80 2.77 -5.74 45.98
N ALA A 81 1.61 -5.66 45.37
CA ALA A 81 1.50 -5.13 43.99
C ALA A 81 1.93 -3.67 43.93
N VAL A 82 1.49 -2.90 44.93
CA VAL A 82 1.76 -1.46 44.95
C VAL A 82 3.24 -1.22 45.25
N ALA A 83 3.80 -2.01 46.15
CA ALA A 83 5.19 -1.82 46.49
C ALA A 83 6.10 -2.19 45.32
N HIS A 84 5.70 -3.18 44.54
CA HIS A 84 6.55 -3.65 43.45
C HIS A 84 6.68 -2.63 42.33
N GLY A 85 5.54 -2.15 41.83
CA GLY A 85 5.58 -1.44 40.55
C GLY A 85 5.83 0.06 40.63
N ASP A 86 6.89 0.52 39.98
CA ASP A 86 7.12 1.95 39.79
C ASP A 86 6.10 2.49 38.80
N VAL A 87 5.66 1.64 37.89
CA VAL A 87 4.61 2.00 36.95
C VAL A 87 3.42 1.07 37.19
N GLN A 88 2.23 1.62 37.36
CA GLN A 88 1.06 0.79 37.72
C GLN A 88 0.06 0.90 36.58
N PHE A 89 -0.13 -0.17 35.81
CA PHE A 89 -1.11 -0.15 34.74
C PHE A 89 -2.50 -0.58 35.29
N ILE A 90 -3.48 0.31 35.20
CA ILE A 90 -4.85 -0.06 35.52
C ILE A 90 -5.46 -0.62 34.23
N ALA A 91 -5.73 -1.93 34.25
CA ALA A 91 -6.23 -2.62 33.06
C ALA A 91 -7.47 -3.43 33.37
N VAL A 92 -8.25 -2.98 34.35
CA VAL A 92 -9.50 -3.66 34.72
C VAL A 92 -10.62 -3.31 33.72
N GLY A 93 -11.70 -4.08 33.70
CA GLY A 93 -12.78 -3.81 32.77
C GLY A 93 -13.52 -2.50 33.01
N THR A 94 -14.16 -1.97 31.96
CA THR A 94 -15.05 -0.81 32.03
C THR A 94 -16.38 -1.13 31.36
N PRO A 95 -17.17 -2.01 31.99
CA PRO A 95 -18.47 -2.44 31.51
C PRO A 95 -19.43 -1.25 31.54
N PRO A 96 -20.56 -1.36 30.86
CA PRO A 96 -21.59 -0.33 30.95
C PRO A 96 -22.18 -0.22 32.37
N ASP A 97 -22.43 1.01 32.81
CA ASP A 97 -23.27 1.33 33.97
C ASP A 97 -24.74 1.11 33.59
N GLU A 98 -25.63 1.25 34.57
CA GLU A 98 -27.07 1.13 34.30
C GLU A 98 -27.57 2.08 33.22
N ASP A 99 -27.00 3.27 33.16
CA ASP A 99 -27.46 4.26 32.18
C ASP A 99 -26.65 4.21 30.86
N GLY A 100 -25.75 3.24 30.76
CA GLY A 100 -24.94 3.07 29.57
C GLY A 100 -23.60 3.79 29.57
N SER A 101 -23.34 4.56 30.62
CA SER A 101 -22.04 5.24 30.74
C SER A 101 -21.01 4.21 31.14
N ALA A 102 -19.73 4.53 30.93
CA ALA A 102 -18.65 3.63 31.35
C ALA A 102 -18.70 3.47 32.87
N ASP A 103 -18.65 2.23 33.35
CA ASP A 103 -18.63 1.97 34.80
C ASP A 103 -17.17 2.02 35.29
N LEU A 104 -16.84 3.02 36.12
CA LEU A 104 -15.45 3.22 36.55
C LEU A 104 -15.13 2.64 37.95
N GLN A 105 -16.01 1.83 38.50
CA GLN A 105 -15.83 1.40 39.90
C GLN A 105 -14.55 0.61 40.17
N TYR A 106 -14.20 -0.29 39.27
CA TYR A 106 -12.93 -1.02 39.37
C TYR A 106 -11.69 -0.15 39.14
N VAL A 107 -11.77 0.77 38.18
CA VAL A 107 -10.65 1.67 37.91
C VAL A 107 -10.37 2.51 39.15
N LEU A 108 -11.42 3.10 39.71
CA LEU A 108 -11.26 3.95 40.89
C LEU A 108 -10.80 3.20 42.14
N ALA A 109 -11.26 1.96 42.30
CA ALA A 109 -10.81 1.17 43.43
C ALA A 109 -9.33 0.86 43.31
N ALA A 110 -8.89 0.57 42.10
CA ALA A 110 -7.47 0.32 41.86
C ALA A 110 -6.68 1.58 42.19
N ALA A 111 -7.20 2.71 41.74
CA ALA A 111 -6.51 3.99 41.97
C ALA A 111 -6.36 4.23 43.47
N ARG A 112 -7.45 4.05 44.20
CA ARG A 112 -7.39 4.29 45.65
C ARG A 112 -6.40 3.37 46.35
N ASN A 113 -6.34 2.12 45.91
CA ASN A 113 -5.38 1.19 46.50
C ASN A 113 -3.95 1.66 46.27
N ILE A 114 -3.65 2.13 45.06
CA ILE A 114 -2.32 2.66 44.82
C ILE A 114 -2.05 3.84 45.76
N GLY A 115 -3.01 4.76 45.85
CA GLY A 115 -2.81 5.96 46.65
C GLY A 115 -2.66 5.59 48.13
N ARG A 116 -3.39 4.57 48.55
CA ARG A 116 -3.38 4.23 49.97
C ARG A 116 -2.09 3.54 50.43
N TYR A 117 -1.37 2.88 49.53
CA TYR A 117 -0.14 2.15 49.88
C TYR A 117 1.18 2.68 49.36
N MET A 118 1.15 3.49 48.29
CA MET A 118 2.40 3.91 47.63
C MET A 118 3.34 4.69 48.54
N THR A 119 4.65 4.50 48.37
CA THR A 119 5.67 5.18 49.18
C THR A 119 6.73 5.95 48.40
N GLY A 120 6.56 6.07 47.09
CA GLY A 120 7.47 6.83 46.26
C GLY A 120 6.75 7.23 44.99
N PHE A 121 7.46 7.86 44.06
CA PHE A 121 6.85 8.36 42.82
C PHE A 121 6.23 7.20 42.06
N LYS A 122 5.00 7.41 41.59
CA LYS A 122 4.34 6.41 40.76
C LYS A 122 3.91 7.03 39.45
N VAL A 123 3.99 6.25 38.39
CA VAL A 123 3.28 6.55 37.16
C VAL A 123 2.08 5.63 37.16
N ILE A 124 0.91 6.23 37.15
CA ILE A 124 -0.31 5.45 37.09
C ILE A 124 -0.86 5.53 35.67
N VAL A 125 -0.95 4.37 35.04
CA VAL A 125 -1.31 4.29 33.61
C VAL A 125 -2.75 3.78 33.44
N ASP A 126 -3.64 4.62 32.92
CA ASP A 126 -5.00 4.15 32.64
C ASP A 126 -4.90 3.48 31.27
N LYS A 127 -4.98 2.15 31.26
CA LYS A 127 -4.90 1.39 30.03
C LYS A 127 -6.29 0.87 29.69
N SER A 128 -7.10 0.61 30.71
CA SER A 128 -8.54 0.43 30.52
C SER A 128 -9.17 1.48 29.64
N THR A 129 -10.16 1.08 28.85
CA THR A 129 -10.93 2.07 28.11
C THR A 129 -11.84 2.88 29.04
N VAL A 130 -11.52 4.15 29.19
CA VAL A 130 -12.23 5.05 30.13
C VAL A 130 -12.56 6.38 29.47
N PRO A 131 -13.69 7.01 29.88
CA PRO A 131 -14.06 8.29 29.24
C PRO A 131 -13.09 9.42 29.48
N VAL A 132 -13.12 10.39 28.59
CA VAL A 132 -12.35 11.62 28.72
C VAL A 132 -12.67 12.17 30.09
N GLY A 133 -11.62 12.53 30.82
CA GLY A 133 -11.78 13.06 32.17
C GLY A 133 -11.58 12.03 33.28
N THR A 134 -11.44 10.77 32.91
CA THR A 134 -11.22 9.71 33.91
C THR A 134 -9.88 9.86 34.61
N ALA A 135 -8.84 10.21 33.86
CA ALA A 135 -7.50 10.40 34.45
C ALA A 135 -7.54 11.48 35.53
N GLU A 136 -8.35 12.51 35.34
CA GLU A 136 -8.48 13.55 36.37
C GLU A 136 -9.18 12.99 37.63
N ARG A 137 -10.19 12.15 37.43
CA ARG A 137 -10.85 11.52 38.57
C ARG A 137 -9.90 10.58 39.29
N VAL A 138 -9.09 9.86 38.51
CA VAL A 138 -8.07 9.00 39.10
C VAL A 138 -7.05 9.82 39.91
N ARG A 139 -6.60 10.94 39.34
CA ARG A 139 -5.66 11.79 40.07
C ARG A 139 -6.30 12.29 41.37
N ALA A 140 -7.58 12.71 41.29
CA ALA A 140 -8.24 13.24 42.49
C ALA A 140 -8.36 12.16 43.55
N ALA A 141 -8.67 10.94 43.13
CA ALA A 141 -8.76 9.81 44.06
C ALA A 141 -7.42 9.45 44.71
N VAL A 142 -6.34 9.37 43.94
CA VAL A 142 -5.08 9.06 44.62
C VAL A 142 -4.60 10.24 45.48
N ALA A 143 -4.83 11.47 45.03
CA ALA A 143 -4.47 12.66 45.83
C ALA A 143 -5.19 12.66 47.18
N GLU A 144 -6.43 12.20 47.18
CA GLU A 144 -7.19 12.15 48.43
C GLU A 144 -6.63 11.09 49.39
N GLU A 145 -6.26 9.93 48.87
CA GLU A 145 -5.63 8.91 49.71
C GLU A 145 -4.30 9.41 50.25
N LEU A 146 -3.55 10.15 49.43
CA LEU A 146 -2.27 10.68 49.91
C LEU A 146 -2.46 11.76 50.96
N ALA A 147 -3.48 12.60 50.78
CA ALA A 147 -3.75 13.67 51.75
C ALA A 147 -4.12 13.08 53.10
N LYS A 148 -4.91 12.01 53.08
CA LYS A 148 -5.31 11.33 54.32
C LYS A 148 -4.11 10.84 55.13
N ARG A 149 -3.09 10.37 54.40
CA ARG A 149 -1.89 9.79 54.99
C ARG A 149 -0.86 10.84 55.36
N GLY A 150 -1.15 12.08 55.00
CA GLY A 150 -0.23 13.19 55.21
C GLY A 150 1.03 13.00 54.40
N GLY A 151 0.88 12.39 53.23
CA GLY A 151 2.02 12.01 52.41
C GLY A 151 2.51 13.10 51.47
N ASP A 152 3.79 13.01 51.11
CA ASP A 152 4.42 13.98 50.22
C ASP A 152 4.57 13.45 48.78
N GLN A 153 4.40 12.14 48.64
CA GLN A 153 4.66 11.45 47.37
C GLN A 153 4.10 12.15 46.14
N MET A 154 4.84 12.13 45.04
CA MET A 154 4.31 12.67 43.80
C MET A 154 3.96 11.55 42.86
N PHE A 155 3.18 11.87 41.83
CA PHE A 155 2.77 10.85 40.87
C PHE A 155 2.21 11.57 39.63
N SER A 156 1.87 10.81 38.59
CA SER A 156 1.25 11.40 37.41
C SER A 156 0.41 10.30 36.80
N VAL A 157 -0.77 10.67 36.31
CA VAL A 157 -1.65 9.73 35.67
C VAL A 157 -1.53 9.95 34.16
N VAL A 158 -1.23 8.85 33.46
CA VAL A 158 -1.01 8.86 32.02
C VAL A 158 -2.13 8.04 31.40
N SER A 159 -2.52 8.38 30.18
CA SER A 159 -3.48 7.57 29.44
C SER A 159 -2.72 6.77 28.41
N ASN A 160 -2.91 5.44 28.37
CA ASN A 160 -2.24 4.63 27.37
C ASN A 160 -3.19 3.54 26.92
N PRO A 161 -4.13 3.89 26.04
CA PRO A 161 -5.20 2.94 25.68
C PRO A 161 -4.65 1.70 25.01
N GLU A 162 -5.52 0.70 24.97
CA GLU A 162 -5.18 -0.59 24.36
C GLU A 162 -5.89 -0.72 23.02
N PHE A 163 -5.17 -1.24 22.04
CA PHE A 163 -5.73 -1.47 20.70
C PHE A 163 -5.52 -2.96 20.33
N LEU A 164 -5.96 -3.82 21.21
CA LEU A 164 -5.82 -5.26 20.95
C LEU A 164 -7.14 -5.81 20.47
N LYS A 165 -7.09 -6.84 19.65
CA LYS A 165 -8.31 -7.53 19.29
C LYS A 165 -8.36 -8.84 20.05
N GLU A 166 -9.51 -9.12 20.63
CA GLU A 166 -9.68 -10.32 21.38
C GLU A 166 -9.39 -11.51 20.47
N GLY A 167 -8.54 -12.43 20.92
CA GLY A 167 -8.23 -13.61 20.13
C GLY A 167 -7.01 -13.46 19.24
N ALA A 168 -6.51 -12.24 19.12
CA ALA A 168 -5.32 -11.95 18.32
C ALA A 168 -4.45 -10.98 19.10
N ALA A 169 -4.59 -11.00 20.42
CA ALA A 169 -4.02 -9.91 21.24
C ALA A 169 -2.50 -9.94 21.34
N VAL A 170 -1.90 -11.13 21.36
CA VAL A 170 -0.45 -11.19 21.50
C VAL A 170 0.20 -10.54 20.27
N ASP A 171 -0.28 -10.90 19.08
CA ASP A 171 0.27 -10.34 17.85
C ASP A 171 0.00 -8.84 17.77
N ASP A 172 -1.21 -8.42 18.17
CA ASP A 172 -1.52 -6.99 18.12
C ASP A 172 -0.65 -6.21 19.11
N PHE A 173 -0.31 -6.80 20.24
CA PHE A 173 0.54 -6.09 21.21
C PHE A 173 2.00 -6.05 20.75
N THR A 174 2.49 -7.17 20.20
CA THR A 174 3.92 -7.21 19.86
C THR A 174 4.22 -6.47 18.57
N ARG A 175 3.21 -6.33 17.70
CA ARG A 175 3.37 -5.62 16.44
C ARG A 175 2.29 -4.54 16.27
N PRO A 176 2.31 -3.52 17.14
CA PRO A 176 1.26 -2.49 17.15
C PRO A 176 1.34 -1.59 15.94
N ASP A 177 0.19 -1.13 15.44
CA ASP A 177 0.22 -0.08 14.42
C ASP A 177 0.69 1.23 15.04
N ARG A 178 0.28 1.50 16.27
CA ARG A 178 0.82 2.65 17.00
C ARG A 178 0.62 2.47 18.50
N ILE A 179 1.34 3.26 19.28
CA ILE A 179 1.21 3.27 20.75
C ILE A 179 0.82 4.70 21.08
N VAL A 180 -0.31 4.84 21.76
CA VAL A 180 -0.80 6.18 22.12
C VAL A 180 -0.52 6.48 23.58
N ILE A 181 0.18 7.59 23.85
CA ILE A 181 0.57 7.93 25.21
C ILE A 181 0.15 9.36 25.51
N GLY A 182 -0.80 9.52 26.41
CA GLY A 182 -1.22 10.86 26.82
C GLY A 182 -0.65 11.23 28.15
N CYS A 183 0.08 12.35 28.22
CA CYS A 183 0.72 12.78 29.47
C CYS A 183 0.53 14.28 29.69
N ASP A 184 0.46 14.70 30.95
CA ASP A 184 0.52 16.14 31.31
C ASP A 184 1.87 16.74 30.94
N ASP A 185 1.94 18.05 30.71
CA ASP A 185 3.25 18.65 30.47
C ASP A 185 3.83 19.38 31.69
N ASP A 186 3.30 19.09 32.86
CA ASP A 186 3.94 19.61 34.07
C ASP A 186 5.12 18.72 34.43
N VAL A 187 5.77 19.05 35.55
CA VAL A 187 6.98 18.32 35.93
C VAL A 187 6.78 16.81 36.13
N PRO A 188 5.75 16.40 36.91
CA PRO A 188 5.52 14.97 37.11
C PRO A 188 5.08 14.32 35.80
N GLY A 189 4.38 15.08 34.96
CA GLY A 189 3.91 14.55 33.68
C GLY A 189 5.05 14.28 32.71
N GLU A 190 6.03 15.18 32.64
CA GLU A 190 7.18 14.95 31.75
C GLU A 190 8.09 13.84 32.30
N ARG A 191 8.21 13.76 33.61
CA ARG A 191 8.90 12.66 34.25
C ARG A 191 8.25 11.34 33.82
N ALA A 192 6.93 11.33 33.85
CA ALA A 192 6.19 10.13 33.46
C ALA A 192 6.33 9.83 31.97
N ARG A 193 6.30 10.86 31.13
CA ARG A 193 6.43 10.60 29.70
C ARG A 193 7.77 9.95 29.40
N GLU A 194 8.83 10.38 30.09
CA GLU A 194 10.15 9.84 29.85
C GLU A 194 10.25 8.38 30.27
N LEU A 195 9.56 8.04 31.36
CA LEU A 195 9.50 6.66 31.81
C LEU A 195 8.72 5.81 30.82
N MET A 196 7.64 6.36 30.27
CA MET A 196 6.85 5.60 29.28
C MET A 196 7.67 5.36 28.02
N LYS A 197 8.45 6.37 27.64
CA LYS A 197 9.34 6.25 26.48
C LYS A 197 10.38 5.16 26.68
N LYS A 198 10.91 5.05 27.89
CA LYS A 198 11.88 4.03 28.22
C LYS A 198 11.22 2.65 28.18
N LEU A 199 10.03 2.57 28.74
CA LEU A 199 9.33 1.31 28.90
C LEU A 199 9.08 0.72 27.51
N TYR A 200 8.62 1.55 26.59
CA TYR A 200 8.28 1.07 25.24
C TYR A 200 9.42 1.09 24.24
N ALA A 201 10.61 1.45 24.68
CA ALA A 201 11.72 1.64 23.74
C ALA A 201 11.92 0.48 22.75
N PRO A 202 11.86 -0.77 23.23
CA PRO A 202 12.05 -1.87 22.26
C PRO A 202 11.08 -1.82 21.05
N PHE A 203 9.89 -1.27 21.24
CA PHE A 203 8.91 -1.21 20.16
C PHE A 203 9.13 -0.08 19.17
N ASN A 204 9.97 0.88 19.55
CA ASN A 204 10.27 2.05 18.71
C ASN A 204 11.70 2.05 18.19
N ARG A 205 12.35 0.89 18.22
CA ARG A 205 13.77 0.86 17.88
C ARG A 205 14.01 1.22 16.44
N ASN A 206 13.19 0.67 15.53
CA ASN A 206 13.45 0.80 14.11
C ASN A 206 12.45 1.71 13.46
N HIS A 207 11.27 1.81 14.08
CA HIS A 207 10.23 2.71 13.57
C HIS A 207 9.61 3.44 14.73
N GLU A 208 9.38 4.74 14.58
CA GLU A 208 8.70 5.45 15.65
C GLU A 208 7.21 5.14 15.57
N ARG A 209 6.73 4.45 16.60
CA ARG A 209 5.38 3.92 16.63
C ARG A 209 4.56 4.69 17.66
N THR A 210 5.19 5.54 18.46
CA THR A 210 4.47 6.16 19.57
C THR A 210 3.96 7.56 19.22
N LEU A 211 2.71 7.83 19.54
CA LEU A 211 2.13 9.14 19.35
C LEU A 211 1.94 9.72 20.72
N TYR A 212 2.64 10.82 21.01
CA TYR A 212 2.51 11.48 22.30
C TYR A 212 1.49 12.61 22.20
N MET A 213 0.60 12.72 23.15
CA MET A 213 -0.39 13.80 23.15
C MET A 213 -0.77 14.11 24.60
N ASP A 214 -1.74 15.01 24.83
CA ASP A 214 -2.23 15.29 26.16
CA ASP A 214 -2.16 15.24 26.19
C ASP A 214 -3.12 14.15 26.67
N VAL A 215 -3.37 14.10 27.98
CA VAL A 215 -4.18 12.99 28.52
C VAL A 215 -5.59 12.86 27.95
N ARG A 216 -6.33 13.97 27.90
CA ARG A 216 -7.71 13.87 27.45
C ARG A 216 -7.80 13.44 25.98
N SER A 217 -6.84 13.84 25.18
CA SER A 217 -6.87 13.51 23.76
C SER A 217 -6.59 12.03 23.58
N ALA A 218 -5.74 11.47 24.44
CA ALA A 218 -5.48 10.03 24.37
C ALA A 218 -6.72 9.26 24.77
N GLU A 219 -7.37 9.72 25.85
CA GLU A 219 -8.61 9.10 26.27
C GLU A 219 -9.64 9.10 25.13
N PHE A 220 -9.80 10.25 24.50
CA PHE A 220 -10.80 10.42 23.43
C PHE A 220 -10.46 9.54 22.22
N THR A 221 -9.17 9.46 21.86
CA THR A 221 -8.71 8.67 20.71
C THR A 221 -9.25 7.25 20.72
N LYS A 222 -9.25 6.60 21.88
CA LYS A 222 -9.69 5.22 21.94
C LYS A 222 -11.17 5.11 21.54
N TYR A 223 -12.01 5.98 22.08
CA TYR A 223 -13.43 5.98 21.71
C TYR A 223 -13.63 6.36 20.26
N ALA A 224 -12.89 7.35 19.80
CA ALA A 224 -13.06 7.78 18.42
C ALA A 224 -12.71 6.67 17.44
N ALA A 225 -11.66 5.89 17.74
CA ALA A 225 -11.29 4.80 16.87
C ALA A 225 -12.36 3.72 16.78
N ASN A 226 -12.79 3.22 17.93
CA ASN A 226 -13.84 2.21 17.93
C ASN A 226 -15.13 2.75 17.31
N ALA A 227 -15.43 4.04 17.54
CA ALA A 227 -16.65 4.61 16.98
C ALA A 227 -16.56 4.68 15.45
N MET A 228 -15.40 5.03 14.94
CA MET A 228 -15.25 5.09 13.48
C MET A 228 -15.39 3.70 12.84
N LEU A 229 -14.77 2.69 13.46
CA LEU A 229 -14.90 1.32 12.95
C LEU A 229 -16.39 0.89 12.93
N ALA A 230 -17.09 1.12 14.03
CA ALA A 230 -18.52 0.83 14.07
C ALA A 230 -19.28 1.60 13.00
N THR A 231 -18.88 2.85 12.76
CA THR A 231 -19.56 3.68 11.75
C THR A 231 -19.37 3.11 10.34
N ARG A 232 -18.16 2.63 10.03
CA ARG A 232 -17.93 2.06 8.70
C ARG A 232 -18.86 0.87 8.50
N ILE A 233 -18.97 0.06 9.55
CA ILE A 233 -19.84 -1.12 9.45
C ILE A 233 -21.30 -0.74 9.24
N SER A 234 -21.82 0.16 10.08
CA SER A 234 -23.26 0.46 9.96
C SER A 234 -23.52 1.23 8.67
N PHE A 235 -22.56 2.05 8.25
CA PHE A 235 -22.65 2.72 6.93
C PHE A 235 -22.87 1.68 5.83
N MET A 236 -22.06 0.63 5.81
CA MET A 236 -22.20 -0.36 4.76
C MET A 236 -23.47 -1.20 4.92
N ASN A 237 -23.92 -1.41 6.16
CA ASN A 237 -25.15 -2.15 6.37
C ASN A 237 -26.36 -1.38 5.87
N GLU A 238 -26.36 -0.07 6.07
CA GLU A 238 -27.45 0.68 5.48
C GLU A 238 -27.42 0.63 3.94
N LEU A 239 -26.23 0.74 3.36
CA LEU A 239 -26.14 0.64 1.92
C LEU A 239 -26.52 -0.74 1.42
N ALA A 240 -26.22 -1.76 2.21
CA ALA A 240 -26.56 -3.13 1.78
C ALA A 240 -28.07 -3.27 1.69
N ASN A 241 -28.78 -2.71 2.67
CA ASN A 241 -30.24 -2.80 2.69
C ASN A 241 -30.83 -2.03 1.49
N LEU A 242 -30.23 -0.87 1.18
CA LEU A 242 -30.55 -0.11 -0.05
C LEU A 242 -30.21 -0.88 -1.33
N ALA A 243 -29.04 -1.51 -1.39
CA ALA A 243 -28.64 -2.26 -2.57
C ALA A 243 -29.71 -3.27 -2.98
N ASP A 244 -30.37 -3.85 -2.00
CA ASP A 244 -31.46 -4.80 -2.31
C ASP A 244 -32.59 -4.10 -3.06
N ARG A 245 -32.85 -2.86 -2.69
CA ARG A 245 -33.98 -2.11 -3.24
C ARG A 245 -33.71 -1.64 -4.66
N PHE A 246 -32.47 -1.60 -5.09
N PHE A 246 -32.41 -1.62 -4.98
CA PHE A 246 -32.35 -1.29 -6.49
CA PHE A 246 -31.87 -1.10 -6.23
C PHE A 246 -31.36 -2.19 -7.17
C PHE A 246 -31.53 -2.22 -7.21
N GLY A 247 -31.32 -3.42 -6.69
CA GLY A 247 -30.70 -4.51 -7.43
C GLY A 247 -29.22 -4.28 -7.68
N ALA A 248 -28.54 -3.66 -6.72
CA ALA A 248 -27.09 -3.54 -6.77
C ALA A 248 -26.45 -4.58 -5.83
N ASP A 249 -25.14 -4.70 -5.91
CA ASP A 249 -24.40 -5.74 -5.19
C ASP A 249 -23.45 -5.00 -4.23
N ILE A 250 -23.72 -5.10 -2.95
CA ILE A 250 -22.93 -4.40 -1.95
C ILE A 250 -21.45 -4.79 -1.97
N GLU A 251 -21.10 -6.02 -2.38
CA GLU A 251 -19.68 -6.37 -2.37
C GLU A 251 -18.95 -5.72 -3.56
N ALA A 252 -19.66 -5.51 -4.67
CA ALA A 252 -19.08 -4.74 -5.78
C ALA A 252 -18.86 -3.28 -5.33
N VAL A 253 -19.86 -2.73 -4.65
CA VAL A 253 -19.74 -1.38 -4.06
C VAL A 253 -18.55 -1.31 -3.08
N ARG A 254 -18.41 -2.32 -2.23
CA ARG A 254 -17.23 -2.37 -1.33
C ARG A 254 -15.92 -2.30 -2.12
N ARG A 255 -15.77 -3.11 -3.19
CA ARG A 255 -14.56 -3.07 -4.02
C ARG A 255 -14.41 -1.69 -4.63
N GLY A 256 -15.53 -1.15 -5.08
CA GLY A 256 -15.56 0.12 -5.79
C GLY A 256 -15.20 1.32 -4.93
N ILE A 257 -15.56 1.32 -3.63
CA ILE A 257 -15.20 2.49 -2.78
C ILE A 257 -13.92 2.22 -2.00
N GLY A 258 -13.66 0.95 -1.67
CA GLY A 258 -12.48 0.59 -0.88
C GLY A 258 -11.18 0.85 -1.61
N SER A 259 -11.28 0.86 -2.94
CA SER A 259 -10.17 1.09 -3.82
C SER A 259 -9.79 2.58 -3.91
N ASP A 260 -10.57 3.46 -3.25
CA ASP A 260 -10.13 4.86 -3.07
C ASP A 260 -9.33 4.83 -1.76
N PRO A 261 -8.02 5.12 -1.84
CA PRO A 261 -7.19 4.98 -0.62
C PRO A 261 -7.60 5.93 0.48
N ARG A 262 -8.39 6.95 0.17
CA ARG A 262 -8.86 7.82 1.25
C ARG A 262 -9.91 7.13 2.11
N ILE A 263 -10.57 6.15 1.53
CA ILE A 263 -11.54 5.33 2.26
C ILE A 263 -10.90 4.07 2.80
N GLY A 264 -10.15 3.38 1.93
CA GLY A 264 -9.43 2.17 2.34
C GLY A 264 -10.33 0.93 2.31
N TYR A 265 -9.75 -0.26 2.28
N TYR A 265 -9.75 -0.26 2.28
CA TYR A 265 -10.52 -1.49 2.04
CA TYR A 265 -10.55 -1.46 2.01
C TYR A 265 -11.16 -2.14 3.27
C TYR A 265 -10.94 -2.30 3.22
N HIS A 266 -10.56 -1.88 4.43
CA HIS A 266 -10.93 -2.64 5.64
C HIS A 266 -12.25 -2.24 6.30
N PHE A 267 -12.88 -3.20 6.98
CA PHE A 267 -14.08 -2.90 7.78
C PHE A 267 -15.23 -2.35 6.98
N LEU A 268 -15.44 -2.92 5.78
CA LEU A 268 -16.52 -2.51 4.90
C LEU A 268 -17.37 -3.73 4.59
N TYR A 269 -17.27 -4.78 5.39
CA TYR A 269 -18.09 -5.99 5.16
C TYR A 269 -19.46 -5.93 5.80
N ALA A 270 -20.48 -5.71 4.96
CA ALA A 270 -21.86 -5.71 5.40
C ALA A 270 -22.21 -7.12 5.86
N GLY A 271 -23.19 -7.19 6.76
CA GLY A 271 -23.61 -8.48 7.29
C GLY A 271 -24.71 -8.33 8.31
N CYS A 272 -24.73 -9.22 9.30
CA CYS A 272 -25.80 -9.21 10.31
C CYS A 272 -25.48 -8.35 11.54
N GLY A 273 -24.47 -7.48 11.43
CA GLY A 273 -24.20 -6.49 12.46
C GLY A 273 -22.92 -6.72 13.22
N TYR A 274 -22.52 -5.77 14.07
CA TYR A 274 -21.36 -5.97 14.94
C TYR A 274 -21.78 -6.27 16.36
N GLY A 275 -20.89 -6.96 17.07
CA GLY A 275 -21.13 -7.32 18.45
C GLY A 275 -19.83 -7.26 19.19
N GLY A 276 -19.72 -8.02 20.29
CA GLY A 276 -18.48 -8.02 21.06
C GLY A 276 -18.55 -7.21 22.34
N SER A 277 -17.44 -7.22 23.06
CA SER A 277 -17.34 -6.63 24.39
C SER A 277 -16.91 -5.18 24.28
N CYS A 278 -16.71 -4.68 23.05
CA CYS A 278 -16.12 -3.35 22.85
C CYS A 278 -16.92 -2.34 22.07
N PHE A 279 -17.22 -2.62 20.79
CA PHE A 279 -17.97 -1.61 20.04
C PHE A 279 -19.31 -1.18 20.66
N PRO A 280 -20.20 -2.13 20.99
CA PRO A 280 -21.49 -1.64 21.51
C PRO A 280 -21.30 -0.80 22.78
N LYS A 281 -20.49 -1.29 23.72
CA LYS A 281 -20.40 -0.53 24.95
C LYS A 281 -19.60 0.78 24.77
N ASP A 282 -18.59 0.78 23.92
CA ASP A 282 -17.80 2.00 23.73
C ASP A 282 -18.59 3.07 22.96
N VAL A 283 -19.34 2.66 21.95
CA VAL A 283 -20.21 3.59 21.24
C VAL A 283 -21.27 4.19 22.18
N GLU A 284 -21.90 3.36 22.99
CA GLU A 284 -22.90 3.88 23.93
C GLU A 284 -22.22 4.82 24.94
N ALA A 285 -21.03 4.47 25.42
CA ALA A 285 -20.40 5.29 26.45
C ALA A 285 -20.02 6.64 25.90
N LEU A 286 -19.59 6.67 24.63
CA LEU A 286 -19.23 7.95 24.05
C LEU A 286 -20.47 8.81 23.86
N ILE A 287 -21.56 8.17 23.44
CA ILE A 287 -22.82 8.87 23.25
C ILE A 287 -23.26 9.46 24.59
N ARG A 288 -23.12 8.69 25.66
CA ARG A 288 -23.47 9.20 26.99
C ARG A 288 -22.54 10.34 27.45
N THR A 289 -21.24 10.18 27.26
CA THR A 289 -20.30 11.24 27.62
C THR A 289 -20.69 12.54 26.94
N ALA A 290 -21.03 12.46 25.64
CA ALA A 290 -21.40 13.64 24.88
C ALA A 290 -22.71 14.23 25.41
N ASP A 291 -23.72 13.40 25.61
CA ASP A 291 -24.99 13.92 26.10
C ASP A 291 -24.83 14.60 27.46
N GLU A 292 -23.92 14.09 28.29
CA GLU A 292 -23.72 14.68 29.63
C GLU A 292 -23.00 16.01 29.53
N HIS A 293 -22.45 16.28 28.35
CA HIS A 293 -21.84 17.58 28.06
C HIS A 293 -22.75 18.44 27.19
N GLY A 294 -24.01 18.03 27.06
CA GLY A 294 -24.97 18.81 26.28
C GLY A 294 -24.92 18.64 24.77
N GLN A 295 -24.28 17.58 24.28
CA GLN A 295 -24.16 17.40 22.83
C GLN A 295 -24.74 16.07 22.39
N SER A 296 -25.63 16.11 21.41
CA SER A 296 -26.13 14.85 20.85
C SER A 296 -25.27 14.42 19.66
N LEU A 297 -24.68 13.22 19.74
CA LEU A 297 -23.87 12.73 18.63
C LEU A 297 -24.77 12.10 17.60
N GLN A 298 -25.13 12.86 16.56
CA GLN A 298 -26.17 12.41 15.65
C GLN A 298 -25.73 11.18 14.85
N ILE A 299 -24.51 11.21 14.34
CA ILE A 299 -24.09 10.09 13.51
C ILE A 299 -23.98 8.82 14.37
N LEU A 300 -23.38 8.90 15.56
CA LEU A 300 -23.20 7.66 16.35
C LEU A 300 -24.52 7.10 16.81
N LYS A 301 -25.47 7.99 17.10
CA LYS A 301 -26.80 7.48 17.45
C LYS A 301 -27.40 6.69 16.28
N ALA A 302 -27.22 7.21 15.07
CA ALA A 302 -27.68 6.50 13.87
C ALA A 302 -26.93 5.17 13.66
N VAL A 303 -25.62 5.19 13.87
CA VAL A 303 -24.83 3.96 13.75
C VAL A 303 -25.37 2.89 14.72
N SER A 304 -25.63 3.27 15.96
CA SER A 304 -26.16 2.30 16.95
C SER A 304 -27.53 1.79 16.54
N SER A 305 -28.34 2.72 16.03
CA SER A 305 -29.73 2.40 15.67
C SER A 305 -29.70 1.42 14.51
N VAL A 306 -28.84 1.69 13.51
CA VAL A 306 -28.83 0.73 12.42
C VAL A 306 -28.29 -0.62 12.83
N ASN A 307 -27.34 -0.64 13.75
CA ASN A 307 -26.85 -1.95 14.15
C ASN A 307 -27.92 -2.77 14.89
N ALA A 308 -28.73 -2.11 15.71
CA ALA A 308 -29.77 -2.81 16.43
C ALA A 308 -30.74 -3.45 15.44
N THR A 309 -31.07 -2.73 14.37
CA THR A 309 -32.01 -3.28 13.39
C THR A 309 -31.33 -4.32 12.49
N GLN A 310 -30.01 -4.18 12.26
CA GLN A 310 -29.32 -5.14 11.39
C GLN A 310 -29.28 -6.51 12.04
N LYS A 311 -29.25 -6.56 13.37
CA LYS A 311 -29.24 -7.85 14.05
C LYS A 311 -30.57 -8.56 13.94
N ARG A 312 -31.60 -7.87 13.44
CA ARG A 312 -32.87 -8.50 13.14
C ARG A 312 -33.10 -8.92 11.69
N VAL A 313 -32.16 -8.58 10.80
CA VAL A 313 -32.39 -8.82 9.39
C VAL A 313 -32.49 -10.30 9.04
N LEU A 314 -31.66 -11.16 9.62
CA LEU A 314 -31.74 -12.57 9.26
C LEU A 314 -33.12 -13.15 9.67
N ALA A 315 -33.56 -12.86 10.88
CA ALA A 315 -34.86 -13.41 11.27
C ALA A 315 -35.97 -12.88 10.36
N ASP A 316 -35.91 -11.59 10.02
CA ASP A 316 -36.86 -11.01 9.06
C ASP A 316 -36.91 -11.74 7.72
N LYS A 317 -35.75 -12.07 7.15
CA LYS A 317 -35.71 -12.82 5.90
C LYS A 317 -36.32 -14.22 6.08
N ILE A 318 -36.01 -14.85 7.21
CA ILE A 318 -36.49 -16.21 7.45
C ILE A 318 -38.02 -16.20 7.61
N VAL A 319 -38.55 -15.20 8.31
CA VAL A 319 -40.00 -15.07 8.46
C VAL A 319 -40.65 -14.78 7.10
N ALA A 320 -40.04 -13.91 6.31
CA ALA A 320 -40.51 -13.70 4.93
C ALA A 320 -40.62 -15.00 4.12
N ARG A 321 -39.65 -15.91 4.30
CA ARG A 321 -39.55 -17.12 3.49
C ARG A 321 -40.44 -18.24 4.00
N PHE A 322 -40.54 -18.36 5.33
CA PHE A 322 -41.25 -19.50 5.94
C PHE A 322 -42.54 -19.17 6.68
N GLY A 323 -42.77 -17.89 6.97
CA GLY A 323 -43.96 -17.45 7.68
C GLY A 323 -43.70 -16.97 9.10
N GLU A 324 -44.71 -16.35 9.69
CA GLU A 324 -44.62 -15.85 11.06
C GLU A 324 -44.53 -16.96 12.12
N ASP A 325 -45.21 -18.08 11.88
CA ASP A 325 -45.22 -19.19 12.81
C ASP A 325 -44.23 -20.24 12.33
N LEU A 326 -43.17 -20.45 13.10
CA LEU A 326 -42.10 -21.34 12.69
C LEU A 326 -42.18 -22.68 13.42
N THR A 327 -43.31 -22.94 14.08
CA THR A 327 -43.48 -24.24 14.70
C THR A 327 -43.29 -25.32 13.64
N GLY A 328 -42.52 -26.35 13.96
CA GLY A 328 -42.26 -27.41 13.01
C GLY A 328 -41.15 -27.13 11.99
N ARG A 329 -40.57 -25.92 12.02
CA ARG A 329 -39.35 -25.63 11.24
C ARG A 329 -38.12 -25.82 12.12
N THR A 330 -37.00 -26.22 11.49
CA THR A 330 -35.73 -26.41 12.18
C THR A 330 -34.68 -25.60 11.42
N PHE A 331 -33.87 -24.84 12.16
CA PHE A 331 -32.80 -24.06 11.52
C PHE A 331 -31.45 -24.43 12.11
N ALA A 332 -30.50 -24.72 11.22
CA ALA A 332 -29.09 -24.90 11.61
C ALA A 332 -28.43 -23.54 11.68
N ILE A 333 -27.66 -23.32 12.74
CA ILE A 333 -26.94 -22.06 12.93
C ILE A 333 -25.45 -22.36 12.85
N TRP A 334 -24.77 -21.73 11.88
CA TRP A 334 -23.32 -21.87 11.80
C TRP A 334 -22.69 -20.58 12.31
N GLY A 335 -22.15 -20.66 13.51
CA GLY A 335 -21.48 -19.51 14.11
C GLY A 335 -22.28 -18.96 15.28
N LEU A 336 -21.64 -18.85 16.44
CA LEU A 336 -22.29 -18.29 17.65
C LEU A 336 -21.52 -17.10 18.20
N ALA A 337 -20.19 -17.22 18.21
CA ALA A 337 -19.34 -16.14 18.73
C ALA A 337 -19.61 -14.84 17.98
N PHE A 338 -19.27 -13.71 18.59
CA PHE A 338 -19.59 -12.44 17.95
C PHE A 338 -18.76 -12.21 16.69
N LYS A 339 -17.62 -12.89 16.59
CA LYS A 339 -16.75 -12.82 15.43
C LYS A 339 -15.95 -14.13 15.43
N PRO A 340 -15.21 -14.42 14.34
CA PRO A 340 -14.41 -15.67 14.35
C PRO A 340 -13.26 -15.58 15.34
N ASN A 341 -12.77 -16.75 15.75
CA ASN A 341 -11.54 -16.85 16.52
C ASN A 341 -11.65 -16.35 17.96
N THR A 342 -12.82 -16.50 18.54
CA THR A 342 -12.98 -16.18 19.95
C THR A 342 -14.13 -17.00 20.50
N ASP A 343 -14.20 -17.11 21.83
CA ASP A 343 -15.36 -17.74 22.46
C ASP A 343 -16.31 -16.70 23.04
N ASP A 344 -15.99 -15.42 22.84
CA ASP A 344 -16.80 -14.34 23.41
C ASP A 344 -18.18 -14.23 22.76
N MET A 345 -19.22 -14.23 23.59
CA MET A 345 -20.60 -14.23 23.09
C MET A 345 -21.25 -12.89 23.35
N ARG A 346 -20.50 -11.94 23.93
CA ARG A 346 -21.14 -10.66 24.30
C ARG A 346 -21.68 -9.88 23.09
N GLU A 347 -22.95 -9.44 23.19
CA GLU A 347 -23.65 -8.73 22.10
C GLU A 347 -23.59 -9.48 20.77
N ALA A 348 -23.46 -10.82 20.81
CA ALA A 348 -23.41 -11.60 19.57
C ALA A 348 -24.71 -11.51 18.76
N PRO A 349 -24.60 -11.17 17.47
CA PRO A 349 -25.81 -11.27 16.63
C PRO A 349 -26.53 -12.63 16.68
N SER A 350 -25.79 -13.72 16.91
CA SER A 350 -26.43 -15.05 16.98
C SER A 350 -27.50 -15.08 18.08
N ARG A 351 -27.27 -14.36 19.16
CA ARG A 351 -28.20 -14.42 20.29
C ARG A 351 -29.57 -13.82 19.97
N GLU A 352 -29.54 -12.72 19.24
CA GLU A 352 -30.78 -12.06 18.84
C GLU A 352 -31.53 -12.92 17.85
N LEU A 353 -30.78 -13.49 16.91
CA LEU A 353 -31.37 -14.36 15.89
C LEU A 353 -32.01 -15.57 16.54
N ILE A 354 -31.28 -16.24 17.41
CA ILE A 354 -31.77 -17.46 18.03
C ILE A 354 -33.01 -17.15 18.88
N ALA A 355 -32.99 -16.05 19.64
CA ALA A 355 -34.17 -15.69 20.43
C ALA A 355 -35.43 -15.49 19.57
N GLU A 356 -35.27 -14.76 18.46
CA GLU A 356 -36.39 -14.46 17.58
C GLU A 356 -36.95 -15.73 16.93
N LEU A 357 -36.07 -16.61 16.44
CA LEU A 357 -36.55 -17.87 15.86
C LEU A 357 -37.26 -18.79 16.90
N LEU A 358 -36.68 -18.93 18.09
CA LEU A 358 -37.33 -19.73 19.14
C LEU A 358 -38.66 -19.11 19.59
N SER A 359 -38.75 -17.78 19.61
CA SER A 359 -39.98 -17.14 20.08
C SER A 359 -41.11 -17.46 19.11
N ARG A 360 -40.76 -17.79 17.86
CA ARG A 360 -41.77 -18.08 16.85
C ARG A 360 -42.05 -19.57 16.68
N GLY A 361 -41.41 -20.40 17.51
CA GLY A 361 -41.72 -21.82 17.56
C GLY A 361 -40.71 -22.74 16.90
N ALA A 362 -39.67 -22.17 16.29
CA ALA A 362 -38.68 -22.99 15.61
C ALA A 362 -37.86 -23.84 16.56
N ARG A 363 -37.30 -24.93 16.02
CA ARG A 363 -36.19 -25.64 16.61
C ARG A 363 -34.88 -25.15 16.03
N ILE A 364 -33.87 -25.12 16.88
CA ILE A 364 -32.58 -24.61 16.51
C ILE A 364 -31.52 -25.63 16.84
N ALA A 365 -30.64 -25.90 15.88
CA ALA A 365 -29.46 -26.71 16.15
C ALA A 365 -28.22 -25.86 15.82
N ALA A 366 -27.43 -25.56 16.85
CA ALA A 366 -26.36 -24.58 16.72
C ALA A 366 -24.97 -25.19 16.81
N TYR A 367 -24.09 -24.72 15.95
CA TYR A 367 -22.68 -25.11 15.90
C TYR A 367 -21.71 -23.93 15.93
N ASP A 368 -20.71 -24.00 16.80
CA ASP A 368 -19.58 -23.09 16.73
C ASP A 368 -18.33 -23.88 17.10
N PRO A 369 -17.21 -23.65 16.40
CA PRO A 369 -15.98 -24.42 16.69
C PRO A 369 -15.48 -24.26 18.12
N VAL A 370 -15.72 -23.11 18.74
CA VAL A 370 -15.12 -22.78 20.03
C VAL A 370 -16.13 -22.32 21.11
N ALA A 371 -17.19 -21.65 20.70
CA ALA A 371 -18.06 -20.91 21.63
C ALA A 371 -19.27 -21.67 22.17
N GLN A 372 -19.36 -22.96 21.91
CA GLN A 372 -20.55 -23.70 22.32
C GLN A 372 -20.86 -23.61 23.83
N GLU A 373 -19.84 -23.79 24.65
CA GLU A 373 -20.01 -23.82 26.11
C GLU A 373 -20.55 -22.47 26.60
N GLU A 374 -19.93 -21.39 26.12
CA GLU A 374 -20.38 -20.05 26.48
C GLU A 374 -21.76 -19.71 25.92
N ALA A 375 -22.05 -20.13 24.68
CA ALA A 375 -23.32 -19.82 24.07
C ALA A 375 -24.42 -20.51 24.90
N ARG A 376 -24.14 -21.74 25.34
CA ARG A 376 -25.04 -22.50 26.21
C ARG A 376 -25.44 -21.67 27.40
N ARG A 377 -24.42 -21.11 28.03
CA ARG A 377 -24.61 -20.35 29.26
C ARG A 377 -25.42 -19.07 29.02
N VAL A 378 -24.97 -18.24 28.09
CA VAL A 378 -25.61 -16.92 27.93
C VAL A 378 -27.02 -17.01 27.30
N ILE A 379 -27.25 -17.97 26.42
CA ILE A 379 -28.56 -18.00 25.80
C ILE A 379 -29.58 -18.50 26.82
N ALA A 380 -29.17 -19.41 27.69
CA ALA A 380 -30.05 -19.83 28.80
C ALA A 380 -30.43 -18.64 29.68
N LEU A 381 -29.48 -17.75 29.97
CA LEU A 381 -29.80 -16.52 30.69
C LEU A 381 -30.72 -15.59 29.88
N ASP A 382 -30.42 -15.44 28.60
CA ASP A 382 -31.23 -14.54 27.77
C ASP A 382 -32.69 -14.94 27.82
N LEU A 383 -32.93 -16.25 27.81
CA LEU A 383 -34.27 -16.76 27.63
C LEU A 383 -34.81 -17.42 28.89
N ALA A 384 -34.28 -16.99 30.04
CA ALA A 384 -34.65 -17.60 31.33
C ALA A 384 -36.17 -17.57 31.57
N ASP A 385 -36.84 -16.54 31.06
CA ASP A 385 -38.29 -16.42 31.22
C ASP A 385 -39.06 -17.32 30.28
N HIS A 386 -38.35 -17.99 29.37
CA HIS A 386 -39.01 -18.86 28.41
C HIS A 386 -38.38 -20.24 28.31
N PRO A 387 -38.58 -21.08 29.33
CA PRO A 387 -37.98 -22.42 29.32
C PRO A 387 -38.42 -23.30 28.16
N SER A 388 -39.67 -23.18 27.73
CA SER A 388 -40.12 -23.99 26.59
C SER A 388 -39.36 -23.64 25.31
N TRP A 389 -38.90 -22.39 25.20
CA TRP A 389 -38.06 -22.01 24.06
C TRP A 389 -36.73 -22.75 24.11
N LEU A 390 -36.15 -22.81 25.29
CA LEU A 390 -34.83 -23.44 25.45
C LEU A 390 -34.87 -24.93 25.16
N GLU A 391 -36.06 -25.51 25.31
CA GLU A 391 -36.22 -26.94 25.05
C GLU A 391 -36.09 -27.22 23.54
N ARG A 392 -36.21 -26.17 22.74
CA ARG A 392 -36.11 -26.33 21.28
C ARG A 392 -34.74 -25.93 20.74
N LEU A 393 -33.81 -25.65 21.67
CA LEU A 393 -32.44 -25.29 21.29
C LEU A 393 -31.52 -26.46 21.58
N SER A 394 -30.71 -26.85 20.58
CA SER A 394 -29.67 -27.86 20.82
C SER A 394 -28.33 -27.41 20.24
N PHE A 395 -27.25 -27.98 20.77
CA PHE A 395 -25.89 -27.71 20.27
C PHE A 395 -25.26 -28.98 19.78
N VAL A 396 -24.61 -28.91 18.62
CA VAL A 396 -24.00 -30.09 18.02
C VAL A 396 -22.49 -29.89 17.88
N ASP A 397 -21.75 -30.99 17.80
CA ASP A 397 -20.29 -30.93 17.81
C ASP A 397 -19.68 -30.94 16.41
N ASP A 398 -20.53 -31.01 15.41
CA ASP A 398 -20.12 -31.12 14.02
C ASP A 398 -20.97 -30.19 13.16
N GLU A 399 -20.35 -29.41 12.28
CA GLU A 399 -21.10 -28.46 11.48
C GLU A 399 -22.20 -29.11 10.65
N ALA A 400 -21.90 -30.26 10.04
CA ALA A 400 -22.91 -30.86 9.19
C ALA A 400 -24.08 -31.39 10.01
N GLN A 401 -23.82 -31.85 11.23
CA GLN A 401 -24.90 -32.39 12.05
C GLN A 401 -25.99 -31.35 12.35
N ALA A 402 -25.62 -30.08 12.35
CA ALA A 402 -26.61 -29.03 12.60
C ALA A 402 -27.71 -29.05 11.54
N ALA A 403 -27.36 -29.44 10.32
CA ALA A 403 -28.32 -29.38 9.23
C ALA A 403 -29.28 -30.56 9.17
N ARG A 404 -29.17 -31.50 10.11
CA ARG A 404 -30.08 -32.65 10.15
C ARG A 404 -31.54 -32.22 10.22
N ASP A 405 -32.30 -32.56 9.19
CA ASP A 405 -33.73 -32.23 9.12
C ASP A 405 -34.00 -30.74 9.15
N ALA A 406 -33.01 -29.93 8.75
CA ALA A 406 -33.18 -28.49 8.81
C ALA A 406 -33.90 -27.95 7.57
N ASP A 407 -34.78 -26.97 7.76
CA ASP A 407 -35.39 -26.23 6.66
C ASP A 407 -34.41 -25.26 6.02
N ALA A 408 -33.48 -24.78 6.83
CA ALA A 408 -32.46 -23.89 6.28
C ALA A 408 -31.26 -23.82 7.18
N LEU A 409 -30.17 -23.35 6.57
CA LEU A 409 -28.90 -23.10 7.28
C LEU A 409 -28.68 -21.61 7.34
N VAL A 410 -28.23 -21.12 8.49
CA VAL A 410 -28.02 -19.69 8.66
C VAL A 410 -26.60 -19.46 9.09
N ILE A 411 -25.87 -18.63 8.37
CA ILE A 411 -24.46 -18.40 8.69
C ILE A 411 -24.38 -17.07 9.40
N VAL A 412 -23.86 -17.05 10.63
CA VAL A 412 -23.83 -15.84 11.44
C VAL A 412 -22.41 -15.35 11.68
N THR A 413 -21.46 -16.27 11.74
CA THR A 413 -20.10 -15.86 12.08
C THR A 413 -19.14 -16.57 11.10
N GLU A 414 -18.33 -15.78 10.41
CA GLU A 414 -17.54 -16.30 9.29
C GLU A 414 -16.27 -17.10 9.64
N TRP A 415 -16.42 -18.11 10.49
CA TRP A 415 -15.31 -18.99 10.80
C TRP A 415 -14.80 -19.59 9.47
N LYS A 416 -13.48 -19.71 9.36
CA LYS A 416 -12.87 -20.19 8.13
C LYS A 416 -13.44 -21.55 7.69
N ILE A 417 -13.72 -22.40 8.67
CA ILE A 417 -14.28 -23.72 8.37
C ILE A 417 -15.59 -23.67 7.55
N PHE A 418 -16.36 -22.59 7.65
CA PHE A 418 -17.61 -22.47 6.89
C PHE A 418 -17.38 -22.03 5.45
N LYS A 419 -16.18 -21.55 5.14
CA LYS A 419 -15.92 -21.02 3.81
C LYS A 419 -15.85 -22.10 2.73
N SER A 420 -15.67 -23.36 3.14
CA SER A 420 -15.61 -24.45 2.15
C SER A 420 -16.47 -25.64 2.56
N PRO A 421 -17.79 -25.47 2.51
CA PRO A 421 -18.76 -26.48 2.93
C PRO A 421 -18.75 -27.71 2.04
N ASP A 422 -19.05 -28.88 2.62
CA ASP A 422 -19.25 -30.11 1.87
C ASP A 422 -20.75 -30.23 1.58
N PHE A 423 -21.16 -29.74 0.41
CA PHE A 423 -22.59 -29.66 0.10
C PHE A 423 -23.24 -31.02 -0.10
N VAL A 424 -22.46 -32.03 -0.48
CA VAL A 424 -23.06 -33.37 -0.58
C VAL A 424 -23.36 -33.92 0.81
N ALA A 425 -22.47 -33.70 1.76
CA ALA A 425 -22.75 -34.09 3.14
C ALA A 425 -24.01 -33.37 3.62
N LEU A 426 -24.06 -32.05 3.44
CA LEU A 426 -25.24 -31.28 3.84
C LEU A 426 -26.47 -31.79 3.08
N GLY A 427 -26.28 -32.09 1.80
CA GLY A 427 -27.38 -32.55 0.96
C GLY A 427 -28.04 -33.82 1.47
N ARG A 428 -27.31 -34.60 2.26
CA ARG A 428 -27.84 -35.84 2.79
C ARG A 428 -28.62 -35.62 4.08
N LEU A 429 -28.55 -34.40 4.61
CA LEU A 429 -29.09 -34.12 5.94
C LEU A 429 -30.27 -33.15 5.96
N TRP A 430 -30.16 -32.04 5.22
CA TRP A 430 -31.19 -31.02 5.33
C TRP A 430 -32.46 -31.41 4.58
N LYS A 431 -33.58 -30.80 4.97
CA LYS A 431 -34.84 -30.98 4.23
C LYS A 431 -34.83 -30.28 2.88
N THR A 432 -34.34 -29.04 2.87
CA THR A 432 -34.37 -28.19 1.69
C THR A 432 -33.06 -27.42 1.66
N PRO A 433 -32.50 -27.21 0.47
CA PRO A 433 -31.18 -26.59 0.41
C PRO A 433 -31.30 -25.08 0.46
N VAL A 434 -31.57 -24.52 1.64
CA VAL A 434 -31.79 -23.09 1.75
C VAL A 434 -30.74 -22.53 2.69
N ILE A 435 -30.06 -21.45 2.28
CA ILE A 435 -29.07 -20.83 3.15
C ILE A 435 -29.36 -19.33 3.29
N PHE A 436 -29.37 -18.85 4.52
CA PHE A 436 -29.40 -17.42 4.79
C PHE A 436 -28.01 -17.07 5.27
N ASP A 437 -27.35 -16.13 4.59
CA ASP A 437 -25.97 -15.87 4.92
C ASP A 437 -25.85 -14.45 5.47
N GLY A 438 -25.59 -14.35 6.77
CA GLY A 438 -25.40 -13.04 7.39
C GLY A 438 -23.99 -12.51 7.21
N ARG A 439 -23.12 -13.24 6.52
CA ARG A 439 -21.73 -12.75 6.33
C ARG A 439 -21.20 -12.80 4.90
N ASN A 440 -22.08 -13.08 3.95
CA ASN A 440 -21.72 -13.10 2.53
C ASN A 440 -20.47 -13.91 2.20
N LEU A 441 -20.49 -15.20 2.55
CA LEU A 441 -19.34 -16.09 2.36
C LEU A 441 -19.16 -16.61 0.94
N TYR A 442 -20.26 -16.74 0.19
CA TYR A 442 -20.27 -17.47 -1.09
C TYR A 442 -20.68 -16.58 -2.26
N GLU A 443 -20.28 -16.94 -3.48
CA GLU A 443 -20.75 -16.23 -4.67
C GLU A 443 -22.11 -16.77 -5.07
N PRO A 444 -23.09 -15.88 -5.23
CA PRO A 444 -24.47 -16.21 -5.59
C PRO A 444 -24.58 -17.12 -6.82
N GLU A 445 -23.78 -16.83 -7.85
CA GLU A 445 -23.86 -17.61 -9.09
C GLU A 445 -23.44 -19.06 -8.82
N THR A 446 -22.43 -19.20 -7.99
CA THR A 446 -21.96 -20.52 -7.59
C THR A 446 -23.01 -21.29 -6.80
N MET A 447 -23.67 -20.62 -5.87
CA MET A 447 -24.77 -21.28 -5.17
C MET A 447 -25.84 -21.71 -6.16
N SER A 448 -26.08 -20.87 -7.18
CA SER A 448 -27.06 -21.16 -8.23
C SER A 448 -26.73 -22.47 -8.91
N GLU A 449 -25.45 -22.62 -9.27
CA GLU A 449 -24.95 -23.81 -9.94
C GLU A 449 -25.12 -25.06 -9.08
N GLN A 450 -25.04 -24.87 -7.76
CA GLN A 450 -25.09 -26.00 -6.84
C GLN A 450 -26.50 -26.35 -6.37
N GLY A 451 -27.50 -25.68 -6.93
CA GLY A 451 -28.89 -25.92 -6.56
C GLY A 451 -29.26 -25.41 -5.18
N ILE A 452 -28.52 -24.42 -4.69
CA ILE A 452 -28.78 -23.82 -3.37
C ILE A 452 -29.63 -22.56 -3.46
N GLU A 453 -30.66 -22.47 -2.63
CA GLU A 453 -31.46 -21.26 -2.56
C GLU A 453 -30.77 -20.35 -1.57
N TYR A 454 -30.08 -19.34 -2.09
CA TYR A 454 -29.10 -18.56 -1.30
C TYR A 454 -29.59 -17.14 -1.05
N HIS A 455 -29.59 -16.73 0.24
CA HIS A 455 -30.12 -15.43 0.65
C HIS A 455 -29.06 -14.68 1.39
N PRO A 456 -28.26 -13.92 0.64
CA PRO A 456 -27.20 -13.11 1.22
C PRO A 456 -27.69 -11.71 1.64
N ILE A 457 -26.80 -10.91 2.24
CA ILE A 457 -27.16 -9.55 2.66
C ILE A 457 -26.69 -8.51 1.64
N GLY A 458 -27.60 -7.77 1.00
CA GLY A 458 -27.18 -6.68 0.13
C GLY A 458 -26.72 -7.13 -1.26
N ARG A 459 -27.00 -8.37 -1.64
CA ARG A 459 -26.61 -8.86 -2.98
C ARG A 459 -27.76 -9.62 -3.57
N PRO A 460 -27.88 -9.63 -4.91
CA PRO A 460 -28.88 -10.58 -5.41
C PRO A 460 -28.53 -12.01 -4.97
N GLY A 461 -29.55 -12.79 -4.64
CA GLY A 461 -29.34 -14.16 -4.21
C GLY A 461 -29.25 -15.08 -5.42
N SER A 462 -29.10 -16.39 -5.20
CA SER A 462 -29.12 -17.37 -6.28
C SER A 462 -30.43 -17.29 -7.03
N ARG A 463 -30.52 -17.94 -8.19
CA ARG A 463 -31.74 -17.90 -8.97
C ARG A 463 -32.89 -18.55 -8.20
N GLN A 464 -32.55 -19.57 -7.40
CA GLN A 464 -33.55 -20.26 -6.59
C GLN A 464 -34.16 -19.34 -5.54
N ALA A 465 -33.35 -18.45 -4.97
CA ALA A 465 -33.85 -17.48 -4.00
C ALA A 465 -34.80 -16.46 -4.64
N VAL A 466 -34.44 -15.98 -5.82
CA VAL A 466 -35.28 -15.05 -6.57
C VAL A 466 -36.69 -15.61 -6.80
N ALA A 467 -36.77 -16.88 -7.19
CA ALA A 467 -38.04 -17.55 -7.40
C ALA A 467 -38.82 -17.68 -6.10
N GLY B 7 -5.16 0.40 -32.02
CA GLY B 7 -5.37 0.63 -30.61
C GLY B 7 -6.02 1.98 -30.36
N SER B 8 -5.99 2.83 -31.38
CA SER B 8 -6.63 4.15 -31.29
C SER B 8 -8.11 4.06 -31.64
N MET B 9 -8.93 4.79 -30.89
CA MET B 9 -10.38 4.73 -31.10
C MET B 9 -10.96 6.11 -31.35
N ASN B 10 -12.10 6.15 -32.04
CA ASN B 10 -12.84 7.38 -32.26
C ASN B 10 -13.86 7.60 -31.15
N LEU B 11 -13.63 8.64 -30.35
CA LEU B 11 -14.41 8.89 -29.14
C LEU B 11 -15.14 10.22 -29.21
N THR B 12 -16.36 10.26 -28.69
CA THR B 12 -17.05 11.56 -28.53
C THR B 12 -17.32 11.79 -27.05
N ILE B 13 -17.04 13.00 -26.56
CA ILE B 13 -17.41 13.37 -25.18
C ILE B 13 -18.51 14.39 -25.28
N ILE B 14 -19.64 14.14 -24.61
CA ILE B 14 -20.72 15.12 -24.59
C ILE B 14 -20.72 15.89 -23.28
N GLY B 15 -20.52 17.21 -23.35
CA GLY B 15 -20.42 18.04 -22.16
C GLY B 15 -19.01 18.44 -21.79
N SER B 16 -18.80 19.74 -21.53
CA SER B 16 -17.47 20.29 -21.26
C SER B 16 -17.29 21.10 -19.95
N GLY B 17 -17.67 20.50 -18.83
CA GLY B 17 -17.25 20.95 -17.52
C GLY B 17 -15.90 20.32 -17.29
N TYR B 18 -15.39 20.32 -16.06
CA TYR B 18 -14.06 19.75 -15.87
C TYR B 18 -14.10 18.27 -16.21
N VAL B 19 -15.23 17.62 -15.97
CA VAL B 19 -15.25 16.18 -16.19
C VAL B 19 -15.09 15.86 -17.69
N GLY B 20 -15.93 16.47 -18.52
CA GLY B 20 -15.89 16.19 -19.96
C GLY B 20 -14.59 16.69 -20.61
N LEU B 21 -14.13 17.86 -20.21
CA LEU B 21 -12.96 18.44 -20.87
C LEU B 21 -11.68 17.69 -20.51
N VAL B 22 -11.55 17.31 -19.25
CA VAL B 22 -10.37 16.58 -18.82
C VAL B 22 -10.41 15.18 -19.41
N THR B 23 -11.59 14.54 -19.36
CA THR B 23 -11.69 13.19 -19.91
C THR B 23 -11.29 13.20 -21.40
N GLY B 24 -11.86 14.13 -22.15
CA GLY B 24 -11.64 14.18 -23.59
C GLY B 24 -10.19 14.50 -23.93
N ALA B 25 -9.63 15.50 -23.27
CA ALA B 25 -8.27 15.93 -23.63
C ALA B 25 -7.28 14.83 -23.28
N CYS B 26 -7.45 14.19 -22.13
CA CYS B 26 -6.45 13.21 -21.69
C CYS B 26 -6.56 11.91 -22.46
N LEU B 27 -7.77 11.59 -22.93
CA LEU B 27 -7.94 10.42 -23.80
C LEU B 27 -7.32 10.69 -25.19
N ALA B 28 -7.46 11.92 -25.69
CA ALA B 28 -6.77 12.27 -26.93
C ALA B 28 -5.24 12.15 -26.69
N ASP B 29 -4.80 12.51 -25.49
CA ASP B 29 -3.37 12.56 -25.19
C ASP B 29 -2.70 11.16 -25.24
N ILE B 30 -3.47 10.11 -25.03
CA ILE B 30 -2.91 8.75 -25.12
C ILE B 30 -3.16 8.14 -26.50
N GLY B 31 -3.71 8.93 -27.42
CA GLY B 31 -3.76 8.55 -28.82
C GLY B 31 -5.13 8.33 -29.44
N HIS B 32 -6.20 8.55 -28.67
CA HIS B 32 -7.53 8.43 -29.24
C HIS B 32 -7.89 9.69 -30.02
N ASP B 33 -8.81 9.56 -30.96
CA ASP B 33 -9.26 10.69 -31.78
C ASP B 33 -10.58 11.17 -31.18
N VAL B 34 -10.55 12.36 -30.55
CA VAL B 34 -11.63 12.80 -29.67
C VAL B 34 -12.41 14.02 -30.21
N PHE B 35 -13.75 13.89 -30.22
CA PHE B 35 -14.66 14.98 -30.57
C PHE B 35 -15.35 15.42 -29.26
N CYS B 36 -15.09 16.65 -28.81
CA CYS B 36 -15.74 17.20 -27.63
C CYS B 36 -16.92 18.07 -28.04
N LEU B 37 -18.12 17.63 -27.68
CA LEU B 37 -19.38 18.31 -28.03
C LEU B 37 -19.91 19.05 -26.80
N ASP B 38 -20.40 20.28 -26.98
CA ASP B 38 -21.17 20.90 -25.90
C ASP B 38 -22.20 21.84 -26.50
N VAL B 39 -23.25 22.10 -25.74
CA VAL B 39 -24.30 23.01 -26.19
C VAL B 39 -23.85 24.45 -26.10
N ASP B 40 -22.88 24.74 -25.22
CA ASP B 40 -22.52 26.14 -24.96
C ASP B 40 -21.54 26.67 -26.02
N GLN B 41 -22.06 27.46 -26.96
CA GLN B 41 -21.25 27.94 -28.08
C GLN B 41 -20.10 28.85 -27.64
N ALA B 42 -20.32 29.64 -26.59
CA ALA B 42 -19.27 30.49 -26.04
C ALA B 42 -18.11 29.65 -25.49
N LYS B 43 -18.44 28.64 -24.70
CA LYS B 43 -17.43 27.73 -24.19
C LYS B 43 -16.62 27.11 -25.34
N ILE B 44 -17.33 26.62 -26.35
CA ILE B 44 -16.70 26.00 -27.51
C ILE B 44 -15.81 26.98 -28.31
N ASP B 45 -16.28 28.21 -28.51
CA ASP B 45 -15.46 29.24 -29.20
C ASP B 45 -14.19 29.54 -28.41
N ILE B 46 -14.34 29.66 -27.09
CA ILE B 46 -13.20 29.94 -26.22
C ILE B 46 -12.15 28.86 -26.31
N LEU B 47 -12.60 27.60 -26.27
CA LEU B 47 -11.71 26.46 -26.42
C LEU B 47 -11.06 26.47 -27.80
N ASN B 48 -11.86 26.76 -28.83
CA ASN B 48 -11.32 26.79 -30.21
C ASN B 48 -10.40 28.00 -30.41
N ASN B 49 -10.50 28.96 -29.51
CA ASN B 49 -9.67 30.17 -29.60
C ASN B 49 -8.35 30.02 -28.83
N GLY B 50 -8.19 28.91 -28.10
CA GLY B 50 -6.96 28.67 -27.37
C GLY B 50 -7.08 28.94 -25.88
N GLY B 51 -8.28 29.26 -25.44
CA GLY B 51 -8.52 29.53 -24.02
C GLY B 51 -9.08 28.30 -23.33
N VAL B 52 -9.17 28.33 -22.00
CA VAL B 52 -9.94 27.30 -21.34
C VAL B 52 -10.85 27.92 -20.29
N PRO B 53 -12.14 27.61 -20.40
CA PRO B 53 -13.25 28.19 -19.63
C PRO B 53 -13.30 27.68 -18.20
N ILE B 54 -12.28 26.95 -17.77
CA ILE B 54 -12.26 26.49 -16.38
C ILE B 54 -10.87 26.57 -15.76
N HIS B 55 -10.83 26.56 -14.43
CA HIS B 55 -9.61 26.69 -13.65
C HIS B 55 -9.01 25.30 -13.37
N GLU B 56 -8.03 24.87 -14.17
CA GLU B 56 -7.56 23.47 -14.16
C GLU B 56 -6.09 23.27 -14.61
N PRO B 57 -5.16 23.08 -13.65
CA PRO B 57 -3.72 22.97 -13.94
C PRO B 57 -3.37 21.90 -14.96
N GLY B 58 -2.50 22.28 -15.91
CA GLY B 58 -2.01 21.35 -16.91
C GLY B 58 -2.93 21.15 -18.09
N LEU B 59 -4.19 21.59 -17.98
CA LEU B 59 -5.20 21.27 -18.99
C LEU B 59 -4.91 21.99 -20.28
N LYS B 60 -4.55 23.27 -20.17
CA LYS B 60 -4.38 24.08 -21.37
C LYS B 60 -3.35 23.44 -22.28
N GLU B 61 -2.27 22.94 -21.68
CA GLU B 61 -1.21 22.39 -22.51
C GLU B 61 -1.57 21.05 -23.11
N VAL B 62 -2.34 20.23 -22.39
CA VAL B 62 -2.82 18.98 -22.95
C VAL B 62 -3.77 19.26 -24.12
N ILE B 63 -4.67 20.22 -23.95
CA ILE B 63 -5.55 20.61 -25.05
C ILE B 63 -4.75 21.08 -26.27
N ALA B 64 -3.84 22.02 -26.04
CA ALA B 64 -3.07 22.61 -27.13
C ALA B 64 -2.33 21.56 -27.97
N ARG B 65 -1.62 20.67 -27.30
CA ARG B 65 -0.80 19.72 -28.05
C ARG B 65 -1.66 18.72 -28.80
N ASN B 66 -2.85 18.39 -28.27
CA ASN B 66 -3.72 17.44 -28.93
C ASN B 66 -4.58 18.05 -30.04
N ARG B 67 -4.88 19.33 -29.93
CA ARG B 67 -5.46 20.03 -31.08
C ARG B 67 -4.45 20.07 -32.21
N SER B 68 -3.21 20.38 -31.88
CA SER B 68 -2.15 20.47 -32.91
C SER B 68 -1.94 19.14 -33.63
N ALA B 69 -2.10 18.05 -32.88
CA ALA B 69 -1.87 16.70 -33.39
C ALA B 69 -3.04 16.14 -34.18
N GLY B 70 -4.17 16.84 -34.16
CA GLY B 70 -5.34 16.39 -34.90
C GLY B 70 -6.17 15.35 -34.17
N ARG B 71 -6.01 15.28 -32.85
CA ARG B 71 -6.73 14.26 -32.06
C ARG B 71 -7.84 14.84 -31.17
N LEU B 72 -8.08 16.15 -31.25
CA LEU B 72 -9.01 16.80 -30.33
C LEU B 72 -9.72 17.93 -31.03
N ARG B 73 -11.04 17.83 -31.08
CA ARG B 73 -11.86 18.82 -31.77
C ARG B 73 -12.96 19.29 -30.80
N PHE B 74 -13.37 20.56 -30.94
CA PHE B 74 -14.44 21.16 -30.15
C PHE B 74 -15.50 21.74 -31.06
N SER B 75 -16.75 21.42 -30.78
CA SER B 75 -17.82 21.77 -31.69
C SER B 75 -19.18 21.68 -31.00
N THR B 76 -20.16 22.43 -31.51
CA THR B 76 -21.52 22.32 -31.04
C THR B 76 -22.36 21.49 -32.03
N ASP B 77 -21.72 20.87 -33.00
CA ASP B 77 -22.42 20.13 -34.05
C ASP B 77 -22.87 18.74 -33.60
N ILE B 78 -24.10 18.60 -33.13
CA ILE B 78 -24.59 17.33 -32.62
C ILE B 78 -24.47 16.16 -33.59
N GLU B 79 -24.90 16.35 -34.83
CA GLU B 79 -24.85 15.23 -35.77
C GLU B 79 -23.44 14.74 -36.05
N ALA B 80 -22.51 15.68 -36.15
CA ALA B 80 -21.13 15.32 -36.45
C ALA B 80 -20.57 14.51 -35.28
N ALA B 81 -20.99 14.88 -34.08
CA ALA B 81 -20.50 14.24 -32.85
C ALA B 81 -20.94 12.80 -32.79
N VAL B 82 -22.20 12.57 -33.17
CA VAL B 82 -22.74 11.22 -33.14
C VAL B 82 -22.06 10.36 -34.19
N ALA B 83 -21.83 10.92 -35.38
CA ALA B 83 -21.25 10.16 -36.47
C ALA B 83 -19.79 9.79 -36.19
N HIS B 84 -19.07 10.67 -35.49
CA HIS B 84 -17.66 10.43 -35.19
C HIS B 84 -17.42 9.29 -34.21
N GLY B 85 -18.12 9.35 -33.09
CA GLY B 85 -17.80 8.52 -31.95
C GLY B 85 -18.44 7.15 -31.94
N ASP B 86 -17.58 6.12 -31.96
CA ASP B 86 -18.00 4.75 -31.73
C ASP B 86 -18.33 4.57 -30.25
N VAL B 87 -17.66 5.35 -29.42
CA VAL B 87 -17.96 5.39 -27.98
C VAL B 87 -18.36 6.84 -27.68
N GLN B 88 -19.52 7.01 -27.05
CA GLN B 88 -20.12 8.31 -26.72
C GLN B 88 -20.19 8.45 -25.20
N PHE B 89 -19.38 9.33 -24.64
CA PHE B 89 -19.40 9.55 -23.20
C PHE B 89 -20.37 10.66 -22.90
N ILE B 90 -21.41 10.36 -22.12
CA ILE B 90 -22.28 11.42 -21.62
C ILE B 90 -21.65 12.01 -20.37
N ALA B 91 -21.18 13.25 -20.50
CA ALA B 91 -20.52 13.93 -19.37
C ALA B 91 -21.16 15.28 -19.02
N VAL B 92 -22.48 15.37 -19.18
N VAL B 92 -22.46 15.39 -19.27
CA VAL B 92 -23.20 16.60 -18.81
CA VAL B 92 -23.19 16.64 -19.13
C VAL B 92 -23.52 16.67 -17.31
C VAL B 92 -23.58 16.94 -17.70
N GLY B 93 -23.75 17.88 -16.80
N GLY B 93 -24.18 18.11 -17.48
CA GLY B 93 -23.96 18.05 -15.38
CA GLY B 93 -24.58 18.52 -16.15
C GLY B 93 -25.18 17.32 -14.85
C GLY B 93 -25.95 17.99 -15.78
N THR B 94 -25.17 17.01 -13.55
N THR B 94 -26.25 17.97 -14.49
CA THR B 94 -26.34 16.48 -12.87
CA THR B 94 -27.56 17.55 -14.01
C THR B 94 -26.61 17.25 -11.58
C THR B 94 -28.01 18.52 -12.92
N PRO B 95 -27.11 18.48 -11.72
N PRO B 95 -28.28 19.78 -13.32
CA PRO B 95 -27.41 19.38 -10.61
CA PRO B 95 -28.61 20.91 -12.43
C PRO B 95 -28.66 18.96 -9.85
C PRO B 95 -29.76 20.62 -11.50
N PRO B 96 -28.81 19.45 -8.61
N PRO B 96 -29.89 21.40 -10.40
CA PRO B 96 -29.93 19.12 -7.70
CA PRO B 96 -30.98 21.27 -9.43
C PRO B 96 -31.29 19.23 -8.39
C PRO B 96 -32.33 21.00 -10.10
N ALA B 102 -31.90 15.42 -8.38
CA ALA B 102 -31.01 15.17 -9.52
C ALA B 102 -31.74 15.30 -10.86
N ASP B 103 -31.45 16.37 -11.60
CA ASP B 103 -32.09 16.65 -12.88
C ASP B 103 -31.38 15.94 -14.05
N LEU B 104 -32.14 15.21 -14.86
CA LEU B 104 -31.55 14.34 -15.87
C LEU B 104 -31.91 14.73 -17.30
N GLN B 105 -32.46 15.92 -17.47
CA GLN B 105 -32.90 16.34 -18.79
C GLN B 105 -31.76 16.40 -19.81
N TYR B 106 -30.59 16.86 -19.39
CA TYR B 106 -29.48 16.95 -20.33
C TYR B 106 -28.91 15.58 -20.66
N VAL B 107 -28.77 14.74 -19.65
CA VAL B 107 -28.33 13.38 -19.85
C VAL B 107 -29.26 12.69 -20.85
N LEU B 108 -30.56 12.79 -20.59
CA LEU B 108 -31.55 12.16 -21.46
C LEU B 108 -31.61 12.77 -22.85
N ALA B 109 -31.46 14.09 -22.93
CA ALA B 109 -31.47 14.75 -24.23
C ALA B 109 -30.28 14.25 -25.02
N ALA B 110 -29.13 14.14 -24.36
CA ALA B 110 -27.94 13.61 -25.00
C ALA B 110 -28.20 12.19 -25.52
N ALA B 111 -28.83 11.34 -24.72
CA ALA B 111 -29.15 9.97 -25.16
C ALA B 111 -30.06 9.96 -26.39
N ARG B 112 -31.05 10.84 -26.40
CA ARG B 112 -31.96 10.90 -27.54
C ARG B 112 -31.25 11.32 -28.82
N ASN B 113 -30.33 12.27 -28.72
CA ASN B 113 -29.60 12.70 -29.90
C ASN B 113 -28.78 11.54 -30.47
N ILE B 114 -28.18 10.75 -29.59
CA ILE B 114 -27.40 9.62 -30.04
C ILE B 114 -28.30 8.67 -30.82
N GLY B 115 -29.46 8.37 -30.24
CA GLY B 115 -30.38 7.42 -30.81
C GLY B 115 -31.01 7.99 -32.09
N ARG B 116 -31.35 9.27 -32.07
CA ARG B 116 -31.92 9.95 -33.23
C ARG B 116 -31.00 9.95 -34.47
N TYR B 117 -29.70 9.80 -34.27
CA TYR B 117 -28.76 9.94 -35.39
C TYR B 117 -27.82 8.77 -35.67
N MET B 118 -27.61 7.90 -34.67
CA MET B 118 -26.61 6.84 -34.81
C MET B 118 -26.88 5.92 -36.00
N THR B 119 -25.80 5.37 -36.52
CA THR B 119 -25.84 4.55 -37.71
C THR B 119 -25.40 3.12 -37.45
N GLY B 120 -24.34 2.96 -36.67
CA GLY B 120 -23.85 1.64 -36.33
C GLY B 120 -23.89 1.40 -34.83
N PHE B 121 -23.27 0.31 -34.40
CA PHE B 121 -23.16 -0.01 -32.97
C PHE B 121 -22.55 1.14 -32.18
N LYS B 122 -23.15 1.44 -31.02
CA LYS B 122 -22.61 2.46 -30.13
C LYS B 122 -22.47 1.91 -28.73
N VAL B 123 -21.39 2.32 -28.08
CA VAL B 123 -21.30 2.12 -26.64
C VAL B 123 -21.60 3.51 -26.08
N ILE B 124 -22.63 3.60 -25.25
CA ILE B 124 -22.96 4.88 -24.64
C ILE B 124 -22.51 4.82 -23.19
N VAL B 125 -21.63 5.74 -22.80
CA VAL B 125 -20.98 5.70 -21.47
C VAL B 125 -21.52 6.79 -20.58
N ASP B 126 -22.27 6.39 -19.55
CA ASP B 126 -22.72 7.36 -18.55
C ASP B 126 -21.54 7.71 -17.66
N LYS B 127 -20.93 8.88 -17.87
CA LYS B 127 -19.77 9.29 -17.10
C LYS B 127 -20.17 10.31 -16.03
N SER B 128 -21.11 11.18 -16.38
CA SER B 128 -21.73 12.06 -15.38
C SER B 128 -22.20 11.28 -14.18
N THR B 129 -22.17 11.88 -13.00
CA THR B 129 -22.77 11.21 -11.83
C THR B 129 -24.30 11.21 -11.92
N VAL B 130 -24.86 10.01 -12.02
CA VAL B 130 -26.30 9.83 -12.21
C VAL B 130 -26.86 8.75 -11.28
N PRO B 131 -28.13 8.91 -10.86
CA PRO B 131 -28.74 7.97 -9.91
C PRO B 131 -28.77 6.55 -10.44
N VAL B 132 -28.73 5.59 -9.53
CA VAL B 132 -28.92 4.20 -9.88
C VAL B 132 -30.18 4.04 -10.75
N GLY B 133 -30.08 3.24 -11.81
CA GLY B 133 -31.18 3.06 -12.76
C GLY B 133 -31.18 4.04 -13.93
N THR B 134 -30.29 5.02 -13.91
CA THR B 134 -30.23 5.98 -15.02
C THR B 134 -29.85 5.32 -16.34
N ALA B 135 -28.92 4.36 -16.30
CA ALA B 135 -28.52 3.69 -17.52
C ALA B 135 -29.69 3.00 -18.20
N GLU B 136 -30.64 2.48 -17.39
CA GLU B 136 -31.83 1.87 -17.95
C GLU B 136 -32.72 2.89 -18.66
N ARG B 137 -32.85 4.06 -18.07
CA ARG B 137 -33.61 5.13 -18.70
C ARG B 137 -32.93 5.64 -19.96
N VAL B 138 -31.60 5.74 -19.93
CA VAL B 138 -30.83 6.13 -21.11
C VAL B 138 -31.09 5.09 -22.19
N ARG B 139 -31.05 3.81 -21.81
CA ARG B 139 -31.28 2.75 -22.78
C ARG B 139 -32.67 2.92 -23.42
N ALA B 140 -33.66 3.23 -22.59
CA ALA B 140 -35.02 3.40 -23.05
C ALA B 140 -35.14 4.57 -24.03
N ALA B 141 -34.47 5.69 -23.70
CA ALA B 141 -34.53 6.86 -24.56
C ALA B 141 -33.91 6.57 -25.91
N VAL B 142 -32.80 5.83 -25.91
CA VAL B 142 -32.11 5.52 -27.15
C VAL B 142 -32.95 4.57 -27.99
N ALA B 143 -33.50 3.55 -27.35
CA ALA B 143 -34.27 2.53 -28.04
C ALA B 143 -35.51 3.12 -28.71
N GLU B 144 -36.18 4.03 -28.01
CA GLU B 144 -37.41 4.61 -28.52
C GLU B 144 -37.18 5.61 -29.67
N GLU B 145 -35.96 6.15 -29.78
CA GLU B 145 -35.60 6.92 -30.96
C GLU B 145 -35.26 5.97 -32.10
N LEU B 146 -34.60 4.87 -31.78
CA LEU B 146 -34.26 3.87 -32.80
C LEU B 146 -35.53 3.27 -33.39
N ALA B 147 -36.56 3.11 -32.56
CA ALA B 147 -37.83 2.53 -33.01
C ALA B 147 -38.55 3.45 -34.01
N LYS B 148 -38.54 4.74 -33.74
CA LYS B 148 -39.15 5.71 -34.64
C LYS B 148 -38.53 5.58 -36.03
N ARG B 149 -37.27 5.16 -36.04
CA ARG B 149 -36.54 4.92 -37.28
C ARG B 149 -36.63 3.43 -37.68
N GLN B 153 -29.92 -1.06 -35.67
CA GLN B 153 -28.62 -0.93 -35.01
C GLN B 153 -28.65 -1.35 -33.54
N MET B 154 -27.50 -1.75 -33.02
CA MET B 154 -27.40 -2.21 -31.64
C MET B 154 -26.51 -1.28 -30.80
N PHE B 155 -26.60 -1.42 -29.49
CA PHE B 155 -25.85 -0.54 -28.60
C PHE B 155 -25.89 -1.10 -27.20
N SER B 156 -25.05 -0.56 -26.33
CA SER B 156 -25.10 -0.92 -24.92
C SER B 156 -24.73 0.31 -24.11
N VAL B 157 -25.35 0.44 -22.94
CA VAL B 157 -25.08 1.58 -22.07
C VAL B 157 -24.21 1.06 -20.95
N VAL B 158 -23.07 1.73 -20.74
CA VAL B 158 -22.08 1.36 -19.72
C VAL B 158 -22.06 2.47 -18.65
N SER B 159 -21.81 2.11 -17.39
CA SER B 159 -21.59 3.11 -16.34
C SER B 159 -20.09 3.22 -16.14
N ASN B 160 -19.52 4.43 -16.22
CA ASN B 160 -18.08 4.61 -15.99
C ASN B 160 -17.92 5.95 -15.25
N PRO B 161 -18.18 5.94 -13.94
CA PRO B 161 -18.22 7.19 -13.15
C PRO B 161 -16.86 7.89 -13.15
N GLU B 162 -16.90 9.17 -12.83
CA GLU B 162 -15.69 9.98 -12.71
C GLU B 162 -15.30 10.14 -11.25
N PHE B 163 -13.99 10.08 -11.00
CA PHE B 163 -13.46 10.32 -9.68
C PHE B 163 -12.39 11.42 -9.77
N LEU B 164 -12.74 12.54 -10.38
CA LEU B 164 -11.80 13.65 -10.49
C LEU B 164 -12.09 14.66 -9.40
N LYS B 165 -11.05 15.38 -8.99
CA LYS B 165 -11.19 16.50 -8.05
C LYS B 165 -10.98 17.81 -8.80
N GLU B 166 -11.96 18.70 -8.71
CA GLU B 166 -11.87 19.97 -9.39
C GLU B 166 -10.55 20.63 -9.04
N GLY B 167 -9.82 21.15 -10.03
CA GLY B 167 -8.55 21.78 -9.76
C GLY B 167 -7.32 20.88 -9.70
N ALA B 168 -7.53 19.56 -9.65
CA ALA B 168 -6.46 18.57 -9.67
C ALA B 168 -6.81 17.44 -10.63
N ALA B 169 -7.68 17.76 -11.58
CA ALA B 169 -8.38 16.73 -12.33
C ALA B 169 -7.50 16.02 -13.36
N VAL B 170 -6.49 16.73 -13.87
CA VAL B 170 -5.65 16.14 -14.93
C VAL B 170 -4.81 15.02 -14.33
N ASP B 171 -4.20 15.29 -13.18
CA ASP B 171 -3.42 14.26 -12.48
C ASP B 171 -4.34 13.12 -12.03
N ASP B 172 -5.53 13.45 -11.55
CA ASP B 172 -6.48 12.44 -11.10
C ASP B 172 -6.87 11.46 -12.22
N PHE B 173 -7.01 11.99 -13.44
CA PHE B 173 -7.41 11.17 -14.57
C PHE B 173 -6.22 10.34 -15.06
N THR B 174 -5.06 10.96 -15.10
CA THR B 174 -3.94 10.28 -15.72
C THR B 174 -3.37 9.22 -14.82
N ARG B 175 -3.55 9.40 -13.51
CA ARG B 175 -3.08 8.39 -12.56
C ARG B 175 -4.19 7.96 -11.62
N PRO B 176 -5.18 7.22 -12.13
CA PRO B 176 -6.36 7.02 -11.29
C PRO B 176 -6.11 5.92 -10.23
N ASP B 177 -6.80 5.99 -9.10
CA ASP B 177 -6.65 4.89 -8.14
C ASP B 177 -7.36 3.66 -8.68
N ARG B 178 -8.51 3.87 -9.29
CA ARG B 178 -9.15 2.78 -10.05
C ARG B 178 -10.04 3.34 -11.14
N ILE B 179 -10.43 2.50 -12.08
CA ILE B 179 -11.37 2.86 -13.13
C ILE B 179 -12.58 1.92 -12.98
N VAL B 180 -13.75 2.49 -12.68
CA VAL B 180 -14.91 1.64 -12.45
C VAL B 180 -15.75 1.50 -13.71
N ILE B 181 -16.05 0.28 -14.11
CA ILE B 181 -16.75 0.07 -15.36
C ILE B 181 -17.88 -0.89 -15.10
N GLY B 182 -19.10 -0.39 -15.25
CA GLY B 182 -20.28 -1.25 -15.07
C GLY B 182 -20.88 -1.59 -16.43
N CYS B 183 -21.03 -2.89 -16.70
CA CYS B 183 -21.46 -3.33 -18.04
C CYS B 183 -22.42 -4.49 -17.90
N ASP B 184 -23.43 -4.59 -18.80
CA ASP B 184 -24.31 -5.77 -18.85
C ASP B 184 -23.53 -7.01 -19.32
N ASP B 185 -24.04 -8.21 -19.05
CA ASP B 185 -23.32 -9.39 -19.53
C ASP B 185 -24.01 -10.09 -20.71
N ASP B 186 -24.92 -9.37 -21.36
CA ASP B 186 -25.52 -9.90 -22.59
C ASP B 186 -24.56 -9.66 -23.75
N VAL B 187 -24.98 -10.00 -24.96
CA VAL B 187 -24.05 -9.90 -26.09
C VAL B 187 -23.55 -8.46 -26.36
N PRO B 188 -24.45 -7.47 -26.43
CA PRO B 188 -24.03 -6.07 -26.61
C PRO B 188 -23.20 -5.57 -25.44
N GLY B 189 -23.46 -6.12 -24.25
CA GLY B 189 -22.77 -5.72 -23.05
C GLY B 189 -21.33 -6.18 -23.07
N GLU B 190 -21.12 -7.42 -23.48
CA GLU B 190 -19.76 -7.97 -23.51
C GLU B 190 -18.93 -7.30 -24.62
N ARG B 191 -19.59 -6.99 -25.74
CA ARG B 191 -18.94 -6.25 -26.81
C ARG B 191 -18.52 -4.86 -26.31
N ALA B 192 -19.41 -4.23 -25.55
CA ALA B 192 -19.09 -2.94 -24.93
C ALA B 192 -17.92 -3.09 -23.96
N ARG B 193 -17.96 -4.13 -23.14
CA ARG B 193 -16.92 -4.31 -22.12
C ARG B 193 -15.57 -4.46 -22.81
N GLU B 194 -15.53 -5.20 -23.92
CA GLU B 194 -14.31 -5.37 -24.67
C GLU B 194 -13.78 -4.05 -25.25
N LEU B 195 -14.68 -3.16 -25.67
CA LEU B 195 -14.26 -1.88 -26.22
C LEU B 195 -13.69 -0.95 -25.12
N MET B 196 -14.33 -0.95 -23.97
CA MET B 196 -13.83 -0.22 -22.81
C MET B 196 -12.46 -0.74 -22.36
N LYS B 197 -12.28 -2.06 -22.44
CA LYS B 197 -10.99 -2.65 -22.08
C LYS B 197 -9.92 -2.12 -23.02
N LYS B 198 -10.22 -2.06 -24.31
CA LYS B 198 -9.26 -1.55 -25.27
C LYS B 198 -8.98 -0.06 -25.04
N LEU B 199 -10.06 0.68 -24.83
CA LEU B 199 -9.96 2.13 -24.63
C LEU B 199 -9.02 2.48 -23.47
N TYR B 200 -9.16 1.77 -22.36
CA TYR B 200 -8.36 2.08 -21.18
C TYR B 200 -7.06 1.26 -21.05
N ALA B 201 -6.75 0.44 -22.04
CA ALA B 201 -5.54 -0.38 -21.96
C ALA B 201 -4.26 0.39 -21.57
N PRO B 202 -4.06 1.61 -22.10
CA PRO B 202 -2.84 2.33 -21.73
C PRO B 202 -2.70 2.61 -20.25
N PHE B 203 -3.80 2.54 -19.48
CA PHE B 203 -3.71 2.81 -18.06
C PHE B 203 -3.48 1.54 -17.27
N ASN B 204 -3.50 0.40 -17.96
CA ASN B 204 -3.46 -0.92 -17.30
C ASN B 204 -2.23 -1.72 -17.68
N ARG B 205 -1.17 -1.01 -18.04
CA ARG B 205 0.05 -1.72 -18.46
C ARG B 205 0.87 -2.23 -17.28
N ASN B 206 0.66 -1.62 -16.12
CA ASN B 206 1.24 -2.11 -14.86
C ASN B 206 0.13 -2.73 -13.96
N HIS B 207 -0.12 -2.19 -12.77
CA HIS B 207 -1.23 -2.70 -11.96
C HIS B 207 -2.54 -2.63 -12.76
N GLU B 208 -3.41 -3.63 -12.62
CA GLU B 208 -4.73 -3.55 -13.24
C GLU B 208 -5.52 -2.48 -12.50
N ARG B 209 -5.90 -1.42 -13.18
CA ARG B 209 -6.64 -0.33 -12.53
C ARG B 209 -8.15 -0.47 -12.72
N THR B 210 -8.55 -1.19 -13.76
CA THR B 210 -9.98 -1.27 -14.02
C THR B 210 -10.66 -2.26 -13.09
N LEU B 211 -11.85 -1.90 -12.61
CA LEU B 211 -12.69 -2.76 -11.80
C LEU B 211 -14.02 -2.94 -12.53
N TYR B 212 -14.34 -4.17 -12.94
CA TYR B 212 -15.57 -4.39 -13.71
C TYR B 212 -16.67 -4.89 -12.79
N MET B 213 -17.89 -4.42 -13.01
CA MET B 213 -19.03 -4.86 -12.21
C MET B 213 -20.29 -4.66 -13.04
N ASP B 214 -21.46 -4.88 -12.47
CA ASP B 214 -22.67 -4.65 -13.25
C ASP B 214 -23.01 -3.16 -13.24
N VAL B 215 -23.91 -2.73 -14.11
CA VAL B 215 -24.16 -1.30 -14.29
C VAL B 215 -24.68 -0.64 -13.03
N ARG B 216 -25.71 -1.24 -12.41
CA ARG B 216 -26.28 -0.60 -11.21
C ARG B 216 -25.28 -0.49 -10.07
N SER B 217 -24.43 -1.49 -9.90
CA SER B 217 -23.42 -1.41 -8.82
C SER B 217 -22.41 -0.31 -9.10
N ALA B 218 -22.06 -0.13 -10.37
CA ALA B 218 -21.17 0.98 -10.73
C ALA B 218 -21.82 2.34 -10.45
N GLU B 219 -23.10 2.47 -10.81
CA GLU B 219 -23.83 3.70 -10.52
C GLU B 219 -23.80 3.96 -9.00
N PHE B 220 -24.10 2.92 -8.22
CA PHE B 220 -24.23 3.06 -6.77
C PHE B 220 -22.87 3.39 -6.15
N THR B 221 -21.83 2.74 -6.65
CA THR B 221 -20.46 3.01 -6.18
C THR B 221 -20.09 4.49 -6.11
N LYS B 222 -20.40 5.27 -7.15
CA LYS B 222 -20.03 6.68 -7.13
C LYS B 222 -20.68 7.42 -5.93
N TYR B 223 -21.98 7.23 -5.74
CA TYR B 223 -22.66 7.82 -4.58
C TYR B 223 -22.12 7.31 -3.25
N ALA B 224 -21.83 6.02 -3.19
CA ALA B 224 -21.36 5.46 -1.93
C ALA B 224 -20.01 6.04 -1.55
N ALA B 225 -19.15 6.25 -2.55
CA ALA B 225 -17.81 6.78 -2.29
C ALA B 225 -17.93 8.19 -1.75
N ASN B 226 -18.67 9.05 -2.44
CA ASN B 226 -18.74 10.44 -1.99
C ASN B 226 -19.48 10.47 -0.65
N ALA B 227 -20.47 9.58 -0.50
CA ALA B 227 -21.14 9.51 0.81
C ALA B 227 -20.20 9.14 1.96
N MET B 228 -19.30 8.19 1.72
CA MET B 228 -18.37 7.79 2.78
C MET B 228 -17.40 8.94 3.08
N LEU B 229 -16.97 9.65 2.05
CA LEU B 229 -16.04 10.76 2.30
C LEU B 229 -16.74 11.83 3.15
N ALA B 230 -17.99 12.12 2.80
CA ALA B 230 -18.73 13.09 3.58
C ALA B 230 -18.97 12.65 5.01
N THR B 231 -19.23 11.36 5.18
CA THR B 231 -19.43 10.79 6.52
C THR B 231 -18.18 10.93 7.38
N ARG B 232 -17.02 10.67 6.80
CA ARG B 232 -15.78 10.85 7.56
C ARG B 232 -15.66 12.29 8.07
N ILE B 233 -15.94 13.24 7.18
CA ILE B 233 -15.82 14.64 7.55
C ILE B 233 -16.84 15.03 8.66
N SER B 234 -18.11 14.69 8.48
CA SER B 234 -19.10 15.06 9.50
C SER B 234 -18.84 14.30 10.81
N PHE B 235 -18.33 13.07 10.73
CA PHE B 235 -18.01 12.30 11.94
C PHE B 235 -16.95 13.09 12.71
N MET B 236 -15.93 13.58 12.00
CA MET B 236 -14.87 14.32 12.71
C MET B 236 -15.36 15.66 13.21
N ASN B 237 -16.28 16.28 12.48
CA ASN B 237 -16.82 17.57 12.91
C ASN B 237 -17.62 17.44 14.19
N GLU B 238 -18.45 16.41 14.29
CA GLU B 238 -19.11 16.14 15.60
C GLU B 238 -18.09 15.94 16.73
N LEU B 239 -17.06 15.15 16.47
CA LEU B 239 -16.06 14.91 17.51
C LEU B 239 -15.26 16.17 17.85
N ALA B 240 -15.01 17.05 16.87
CA ALA B 240 -14.32 18.30 17.15
C ALA B 240 -15.16 19.18 18.07
N ASN B 241 -16.47 19.22 17.83
CA ASN B 241 -17.33 20.08 18.63
C ASN B 241 -17.38 19.52 20.06
N LEU B 242 -17.31 18.20 20.16
CA LEU B 242 -17.24 17.56 21.49
C LEU B 242 -15.89 17.86 22.14
N ALA B 243 -14.81 17.85 21.36
CA ALA B 243 -13.47 18.17 21.92
C ALA B 243 -13.45 19.55 22.54
N ASP B 244 -14.18 20.48 21.92
CA ASP B 244 -14.25 21.86 22.42
C ASP B 244 -15.03 21.93 23.71
N ARG B 245 -15.79 20.90 24.02
CA ARG B 245 -16.57 20.90 25.26
C ARG B 245 -15.79 20.25 26.39
N PHE B 246 -14.92 19.29 26.07
CA PHE B 246 -14.26 18.60 27.17
C PHE B 246 -12.72 18.62 27.18
N GLY B 247 -12.15 19.59 26.46
CA GLY B 247 -10.74 19.88 26.60
C GLY B 247 -9.81 18.93 25.87
N ALA B 248 -10.25 18.39 24.74
CA ALA B 248 -9.35 17.54 23.91
C ALA B 248 -8.91 18.25 22.64
N ASP B 249 -7.98 17.60 21.91
CA ASP B 249 -7.38 18.18 20.73
C ASP B 249 -7.74 17.27 19.56
N ILE B 250 -8.65 17.71 18.69
CA ILE B 250 -9.13 16.87 17.59
C ILE B 250 -8.00 16.49 16.63
N GLU B 251 -6.96 17.33 16.51
CA GLU B 251 -5.85 16.95 15.62
C GLU B 251 -5.03 15.81 16.19
N ALA B 252 -4.90 15.78 17.52
CA ALA B 252 -4.26 14.63 18.16
C ALA B 252 -5.11 13.38 17.92
N VAL B 253 -6.41 13.53 18.08
CA VAL B 253 -7.32 12.40 17.88
C VAL B 253 -7.27 11.93 16.43
N ARG B 254 -7.23 12.88 15.50
CA ARG B 254 -7.12 12.54 14.07
C ARG B 254 -5.90 11.66 13.80
N ARG B 255 -4.73 12.06 14.31
CA ARG B 255 -3.54 11.21 14.12
C ARG B 255 -3.68 9.87 14.88
N GLY B 256 -4.34 9.93 16.03
CA GLY B 256 -4.49 8.75 16.88
C GLY B 256 -5.37 7.70 16.23
N ILE B 257 -6.38 8.13 15.48
CA ILE B 257 -7.26 7.11 14.84
C ILE B 257 -6.80 6.85 13.40
N GLY B 258 -6.20 7.85 12.76
CA GLY B 258 -5.78 7.70 11.35
C GLY B 258 -4.69 6.64 11.25
N SER B 259 -3.98 6.45 12.34
CA SER B 259 -2.86 5.55 12.36
C SER B 259 -3.29 4.10 12.51
N ASP B 260 -4.61 3.85 12.65
CA ASP B 260 -5.14 2.50 12.52
C ASP B 260 -5.37 2.34 11.02
N PRO B 261 -4.65 1.41 10.37
CA PRO B 261 -4.78 1.30 8.91
C PRO B 261 -6.19 0.91 8.44
N ARG B 262 -7.07 0.49 9.33
CA ARG B 262 -8.43 0.15 8.91
C ARG B 262 -9.22 1.44 8.78
N ILE B 263 -8.70 2.50 9.39
CA ILE B 263 -9.33 3.84 9.26
C ILE B 263 -8.61 4.71 8.23
N GLY B 264 -7.29 4.83 8.34
CA GLY B 264 -6.56 5.65 7.40
C GLY B 264 -6.52 7.14 7.77
N TYR B 265 -5.57 7.87 7.19
CA TYR B 265 -5.36 9.23 7.64
C TYR B 265 -6.14 10.33 6.95
N HIS B 266 -6.74 10.02 5.80
CA HIS B 266 -7.28 11.09 4.93
C HIS B 266 -8.70 11.46 5.15
N PHE B 267 -9.09 12.70 4.80
CA PHE B 267 -10.49 13.13 4.96
C PHE B 267 -10.99 13.02 6.38
N LEU B 268 -10.11 13.37 7.33
CA LEU B 268 -10.48 13.40 8.73
C LEU B 268 -10.19 14.77 9.30
N TYR B 269 -10.10 15.79 8.44
CA TYR B 269 -9.81 17.18 8.90
C TYR B 269 -11.11 17.91 9.25
N ALA B 270 -11.37 18.01 10.55
CA ALA B 270 -12.50 18.78 11.04
C ALA B 270 -12.30 20.26 10.69
N GLY B 271 -13.41 20.99 10.66
CA GLY B 271 -13.33 22.39 10.26
C GLY B 271 -14.74 22.94 10.14
N CYS B 272 -14.91 23.91 9.23
CA CYS B 272 -16.17 24.63 9.09
C CYS B 272 -17.11 24.00 8.06
N GLY B 273 -16.83 22.74 7.68
CA GLY B 273 -17.77 21.93 6.91
C GLY B 273 -17.28 21.65 5.51
N TYR B 274 -18.03 20.81 4.79
CA TYR B 274 -17.75 20.60 3.37
C TYR B 274 -18.71 21.37 2.46
N GLY B 275 -18.19 21.73 1.29
CA GLY B 275 -18.98 22.45 0.29
C GLY B 275 -18.68 21.80 -1.06
N GLY B 276 -18.88 22.58 -2.12
CA GLY B 276 -18.56 22.15 -3.46
C GLY B 276 -19.82 21.73 -4.20
N SER B 277 -19.66 21.35 -5.46
CA SER B 277 -20.82 20.94 -6.23
C SER B 277 -21.01 19.43 -6.25
N CYS B 278 -20.34 18.71 -5.36
CA CYS B 278 -20.39 17.24 -5.37
C CYS B 278 -20.98 16.60 -4.13
N PHE B 279 -20.33 16.74 -2.99
CA PHE B 279 -20.80 16.08 -1.77
C PHE B 279 -22.22 16.51 -1.38
N PRO B 280 -22.49 17.83 -1.33
CA PRO B 280 -23.86 18.14 -0.89
C PRO B 280 -24.90 17.55 -1.83
N LYS B 281 -24.68 17.73 -3.13
CA LYS B 281 -25.65 17.26 -4.12
C LYS B 281 -25.76 15.73 -4.11
N ASP B 282 -24.64 15.03 -4.05
CA ASP B 282 -24.67 13.57 -4.10
C ASP B 282 -25.22 12.95 -2.81
N VAL B 283 -24.88 13.54 -1.67
CA VAL B 283 -25.41 13.05 -0.39
C VAL B 283 -26.94 13.23 -0.40
N GLU B 284 -27.38 14.40 -0.85
CA GLU B 284 -28.83 14.68 -0.87
C GLU B 284 -29.51 13.74 -1.86
N ALA B 285 -28.90 13.54 -3.02
CA ALA B 285 -29.49 12.67 -4.05
C ALA B 285 -29.67 11.24 -3.56
N LEU B 286 -28.65 10.70 -2.89
CA LEU B 286 -28.77 9.37 -2.27
C LEU B 286 -29.88 9.27 -1.26
N ILE B 287 -29.97 10.25 -0.37
CA ILE B 287 -30.99 10.26 0.68
C ILE B 287 -32.36 10.25 0.00
N ARG B 288 -32.47 11.05 -1.06
CA ARG B 288 -33.73 11.18 -1.79
C ARG B 288 -34.13 9.89 -2.52
N THR B 289 -33.19 9.31 -3.26
CA THR B 289 -33.38 8.04 -3.96
C THR B 289 -33.78 6.94 -2.98
N ALA B 290 -33.12 6.91 -1.84
CA ALA B 290 -33.44 5.88 -0.85
C ALA B 290 -34.84 6.08 -0.30
N ASP B 291 -35.19 7.32 0.03
CA ASP B 291 -36.52 7.62 0.55
C ASP B 291 -37.60 7.28 -0.47
N GLU B 292 -37.30 7.49 -1.75
CA GLU B 292 -38.23 7.13 -2.84
C GLU B 292 -38.37 5.62 -2.99
N HIS B 293 -37.41 4.88 -2.44
CA HIS B 293 -37.48 3.43 -2.44
C HIS B 293 -37.92 2.92 -1.06
N GLY B 294 -38.39 3.84 -0.23
CA GLY B 294 -38.94 3.48 1.07
C GLY B 294 -37.96 3.22 2.20
N GLN B 295 -36.73 3.73 2.08
CA GLN B 295 -35.76 3.54 3.16
C GLN B 295 -35.17 4.89 3.58
N SER B 296 -35.13 5.11 4.88
CA SER B 296 -34.52 6.31 5.45
C SER B 296 -33.04 6.02 5.77
N LEU B 297 -32.10 6.70 5.11
CA LEU B 297 -30.66 6.57 5.42
C LEU B 297 -30.34 7.40 6.66
N GLN B 298 -30.31 6.74 7.80
CA GLN B 298 -30.18 7.38 9.08
C GLN B 298 -28.82 8.04 9.22
N ILE B 299 -27.79 7.31 8.83
CA ILE B 299 -26.44 7.86 8.99
C ILE B 299 -26.26 9.04 8.02
N LEU B 300 -26.64 8.87 6.76
CA LEU B 300 -26.46 9.98 5.80
C LEU B 300 -27.31 11.21 6.12
N LYS B 301 -28.53 11.00 6.61
CA LYS B 301 -29.31 12.13 7.10
C LYS B 301 -28.56 12.86 8.24
N ALA B 302 -27.90 12.11 9.11
CA ALA B 302 -27.18 12.74 10.21
C ALA B 302 -25.97 13.48 9.67
N VAL B 303 -25.25 12.84 8.73
CA VAL B 303 -24.09 13.49 8.06
C VAL B 303 -24.47 14.86 7.48
N SER B 304 -25.60 14.88 6.79
CA SER B 304 -26.09 16.09 6.17
C SER B 304 -26.50 17.15 7.22
N SER B 305 -27.22 16.71 8.26
CA SER B 305 -27.63 17.58 9.37
C SER B 305 -26.41 18.24 10.03
N VAL B 306 -25.42 17.42 10.33
CA VAL B 306 -24.18 17.90 10.94
C VAL B 306 -23.50 18.94 10.07
N ASN B 307 -23.43 18.68 8.77
CA ASN B 307 -22.72 19.63 7.92
C ASN B 307 -23.40 21.00 7.86
N ALA B 308 -24.71 20.98 7.78
CA ALA B 308 -25.47 22.24 7.78
C ALA B 308 -25.18 23.07 9.04
N THR B 309 -25.11 22.43 10.19
CA THR B 309 -24.85 23.19 11.41
C THR B 309 -23.35 23.54 11.52
N GLN B 310 -22.49 22.71 10.93
CA GLN B 310 -21.05 22.99 11.04
C GLN B 310 -20.70 24.29 10.30
N LYS B 311 -21.43 24.56 9.23
CA LYS B 311 -21.20 25.81 8.50
C LYS B 311 -21.62 27.07 9.31
N ARG B 312 -22.23 26.87 10.48
CA ARG B 312 -22.59 27.97 11.36
C ARG B 312 -21.65 28.08 12.55
N VAL B 313 -20.71 27.13 12.67
CA VAL B 313 -19.87 27.08 13.87
C VAL B 313 -18.95 28.30 14.02
N LEU B 314 -18.36 28.76 12.92
CA LEU B 314 -17.51 29.95 13.02
C LEU B 314 -18.34 31.13 13.56
N ALA B 315 -19.53 31.36 13.03
CA ALA B 315 -20.35 32.48 13.51
C ALA B 315 -20.77 32.25 14.98
N ASP B 316 -21.05 31.00 15.34
CA ASP B 316 -21.33 30.69 16.75
C ASP B 316 -20.18 31.14 17.67
N LYS B 317 -18.96 30.80 17.31
CA LYS B 317 -17.78 31.19 18.10
C LYS B 317 -17.58 32.69 18.12
N ILE B 318 -17.82 33.34 16.99
CA ILE B 318 -17.66 34.80 16.93
C ILE B 318 -18.67 35.51 17.84
N VAL B 319 -19.89 35.01 17.78
CA VAL B 319 -20.98 35.53 18.60
C VAL B 319 -20.71 35.25 20.07
N ALA B 320 -20.12 34.09 20.38
CA ALA B 320 -19.84 33.85 21.79
C ALA B 320 -18.78 34.84 22.33
N ARG B 321 -17.86 35.24 21.46
CA ARG B 321 -16.76 36.12 21.82
C ARG B 321 -17.17 37.60 21.83
N PHE B 322 -17.99 38.01 20.86
CA PHE B 322 -18.24 39.44 20.68
C PHE B 322 -19.69 39.83 20.93
N GLY B 323 -20.56 38.84 21.08
CA GLY B 323 -21.99 39.14 21.20
C GLY B 323 -22.85 38.96 19.95
N GLU B 324 -24.16 39.03 20.12
CA GLU B 324 -25.08 38.84 19.01
C GLU B 324 -25.09 40.05 18.11
N ASP B 325 -24.85 41.22 18.68
CA ASP B 325 -24.85 42.42 17.84
C ASP B 325 -23.42 42.74 17.42
N LEU B 326 -23.13 42.54 16.12
CA LEU B 326 -21.76 42.76 15.63
C LEU B 326 -21.64 44.13 14.94
N THR B 327 -22.63 44.99 15.12
CA THR B 327 -22.52 46.35 14.64
C THR B 327 -21.25 47.01 15.20
N GLY B 328 -20.52 47.72 14.34
CA GLY B 328 -19.26 48.35 14.76
C GLY B 328 -18.04 47.44 14.73
N ARG B 329 -18.26 46.17 14.41
CA ARG B 329 -17.13 45.22 14.28
C ARG B 329 -16.76 45.01 12.82
N THR B 330 -15.49 44.69 12.60
CA THR B 330 -14.98 44.41 11.25
C THR B 330 -14.25 43.07 11.32
N PHE B 331 -14.59 42.19 10.37
CA PHE B 331 -13.96 40.85 10.32
C PHE B 331 -13.29 40.71 8.99
N ALA B 332 -12.04 40.25 9.03
CA ALA B 332 -11.29 39.91 7.83
C ALA B 332 -11.61 38.45 7.55
N ILE B 333 -11.91 38.12 6.31
CA ILE B 333 -12.15 36.71 5.92
C ILE B 333 -11.01 36.27 4.99
N TRP B 334 -10.33 35.20 5.38
CA TRP B 334 -9.33 34.58 4.52
C TRP B 334 -9.84 33.29 3.94
N GLY B 335 -10.16 33.37 2.64
CA GLY B 335 -10.63 32.20 1.88
C GLY B 335 -12.12 32.30 1.61
N LEU B 336 -12.51 32.08 0.36
CA LEU B 336 -13.92 32.13 -0.04
C LEU B 336 -14.35 30.88 -0.81
N ALA B 337 -13.48 30.36 -1.67
CA ALA B 337 -13.83 29.17 -2.46
C ALA B 337 -14.11 28.00 -1.51
N PHE B 338 -14.82 27.00 -2.03
CA PHE B 338 -15.24 25.92 -1.13
C PHE B 338 -14.08 25.09 -0.66
N LYS B 339 -12.97 25.12 -1.43
CA LYS B 339 -11.72 24.45 -1.05
C LYS B 339 -10.63 25.22 -1.74
N PRO B 340 -9.38 24.98 -1.34
CA PRO B 340 -8.26 25.65 -2.03
C PRO B 340 -8.11 25.22 -3.49
N ASN B 341 -7.41 26.05 -4.27
CA ASN B 341 -7.06 25.72 -5.66
C ASN B 341 -8.26 25.61 -6.59
N THR B 342 -9.32 26.35 -6.30
CA THR B 342 -10.42 26.48 -7.24
C THR B 342 -11.06 27.86 -7.14
N ASP B 343 -11.84 28.25 -8.14
CA ASP B 343 -12.68 29.45 -7.96
C ASP B 343 -14.15 29.12 -7.66
N ASP B 344 -14.41 27.85 -7.43
CA ASP B 344 -15.78 27.35 -7.30
C ASP B 344 -16.38 27.77 -5.96
N MET B 345 -17.51 28.49 -6.01
CA MET B 345 -18.17 28.96 -4.79
C MET B 345 -19.37 28.12 -4.37
N ARG B 346 -19.64 27.05 -5.09
CA ARG B 346 -20.84 26.26 -4.86
C ARG B 346 -20.83 25.66 -3.44
N GLU B 347 -21.91 25.91 -2.72
CA GLU B 347 -22.07 25.46 -1.32
C GLU B 347 -20.91 25.85 -0.38
N ALA B 348 -20.22 26.96 -0.69
CA ALA B 348 -19.00 27.29 0.09
C ALA B 348 -19.36 27.71 1.50
N PRO B 349 -18.69 27.13 2.52
CA PRO B 349 -18.96 27.58 3.90
C PRO B 349 -18.80 29.07 4.08
N SER B 350 -17.93 29.71 3.29
CA SER B 350 -17.79 31.17 3.41
C SER B 350 -19.09 31.94 3.20
N ARG B 351 -19.96 31.45 2.34
CA ARG B 351 -21.21 32.17 2.05
C ARG B 351 -22.15 32.18 3.30
N GLU B 352 -22.18 31.08 4.05
CA GLU B 352 -23.02 31.04 5.23
C GLU B 352 -22.42 31.94 6.32
N LEU B 353 -21.10 31.88 6.49
CA LEU B 353 -20.44 32.73 7.49
C LEU B 353 -20.70 34.21 7.15
N ILE B 354 -20.44 34.61 5.91
CA ILE B 354 -20.60 36.01 5.57
C ILE B 354 -22.03 36.51 5.73
N ALA B 355 -22.99 35.70 5.30
CA ALA B 355 -24.38 36.11 5.50
C ALA B 355 -24.69 36.29 6.98
N GLU B 356 -24.24 35.37 7.82
CA GLU B 356 -24.53 35.47 9.24
C GLU B 356 -23.93 36.71 9.87
N LEU B 357 -22.68 37.00 9.53
CA LEU B 357 -22.01 38.17 10.14
C LEU B 357 -22.62 39.46 9.62
N LEU B 358 -22.90 39.52 8.32
CA LEU B 358 -23.55 40.72 7.79
C LEU B 358 -24.92 40.96 8.44
N SER B 359 -25.64 39.87 8.66
CA SER B 359 -27.01 39.97 9.22
C SER B 359 -27.00 40.53 10.63
N ARG B 360 -25.86 40.38 11.29
CA ARG B 360 -25.69 40.87 12.66
C ARG B 360 -25.03 42.27 12.73
N GLY B 361 -24.82 42.91 11.58
CA GLY B 361 -24.37 44.30 11.55
C GLY B 361 -22.88 44.53 11.26
N ALA B 362 -22.11 43.46 11.11
CA ALA B 362 -20.66 43.62 10.95
C ALA B 362 -20.25 44.12 9.58
N ARG B 363 -19.02 44.65 9.52
CA ARG B 363 -18.36 44.93 8.25
C ARG B 363 -17.44 43.76 7.94
N ILE B 364 -17.33 43.43 6.66
CA ILE B 364 -16.53 42.27 6.26
C ILE B 364 -15.56 42.71 5.16
N ALA B 365 -14.28 42.36 5.33
CA ALA B 365 -13.32 42.53 4.24
C ALA B 365 -12.77 41.16 3.90
N ALA B 366 -13.01 40.72 2.67
CA ALA B 366 -12.71 39.33 2.31
C ALA B 366 -11.59 39.24 1.25
N TYR B 367 -10.80 38.17 1.36
CA TYR B 367 -9.73 37.90 0.41
C TYR B 367 -9.71 36.45 0.00
N ASP B 368 -9.53 36.20 -1.29
CA ASP B 368 -9.27 34.84 -1.79
C ASP B 368 -8.35 35.01 -3.00
N PRO B 369 -7.33 34.16 -3.15
CA PRO B 369 -6.37 34.29 -4.27
C PRO B 369 -7.02 34.26 -5.65
N VAL B 370 -8.14 33.53 -5.79
CA VAL B 370 -8.75 33.38 -7.11
C VAL B 370 -10.25 33.62 -7.19
N ALA B 371 -10.96 33.48 -6.09
CA ALA B 371 -12.42 33.41 -6.18
C ALA B 371 -13.20 34.71 -5.90
N GLN B 372 -12.52 35.85 -5.80
CA GLN B 372 -13.22 37.06 -5.37
C GLN B 372 -14.34 37.46 -6.31
N GLU B 373 -14.10 37.37 -7.63
CA GLU B 373 -15.10 37.83 -8.59
C GLU B 373 -16.36 36.99 -8.47
N GLU B 374 -16.19 35.69 -8.44
CA GLU B 374 -17.33 34.78 -8.34
C GLU B 374 -17.99 34.87 -6.95
N ALA B 375 -17.19 35.03 -5.90
CA ALA B 375 -17.78 35.24 -4.57
C ALA B 375 -18.65 36.50 -4.49
N ARG B 376 -18.19 37.62 -5.05
CA ARG B 376 -19.00 38.83 -5.02
C ARG B 376 -20.35 38.61 -5.72
N ARG B 377 -20.29 37.93 -6.85
CA ARG B 377 -21.50 37.60 -7.63
C ARG B 377 -22.50 36.76 -6.84
N VAL B 378 -22.05 35.63 -6.30
CA VAL B 378 -22.99 34.72 -5.68
C VAL B 378 -23.45 35.22 -4.32
N ILE B 379 -22.58 35.91 -3.59
CA ILE B 379 -23.06 36.45 -2.31
C ILE B 379 -24.11 37.52 -2.52
N ALA B 380 -23.96 38.32 -3.57
CA ALA B 380 -24.97 39.32 -3.85
C ALA B 380 -26.31 38.69 -4.21
N LEU B 381 -26.27 37.56 -4.94
CA LEU B 381 -27.50 36.79 -5.18
C LEU B 381 -28.04 36.18 -3.88
N ASP B 382 -27.17 35.62 -3.04
CA ASP B 382 -27.61 35.05 -1.76
C ASP B 382 -28.37 36.10 -0.96
N LEU B 383 -27.89 37.34 -1.03
CA LEU B 383 -28.40 38.40 -0.16
C LEU B 383 -29.32 39.38 -0.89
N ALA B 384 -29.95 38.91 -1.98
CA ALA B 384 -30.78 39.80 -2.81
C ALA B 384 -31.94 40.44 -2.06
N ASP B 385 -32.43 39.75 -1.04
CA ASP B 385 -33.47 40.32 -0.16
C ASP B 385 -32.95 41.41 0.80
N HIS B 386 -31.63 41.52 0.94
CA HIS B 386 -31.05 42.47 1.87
C HIS B 386 -29.92 43.21 1.19
N PRO B 387 -30.25 43.92 0.11
CA PRO B 387 -29.21 44.57 -0.69
C PRO B 387 -28.33 45.49 0.13
N SER B 388 -28.88 46.14 1.15
CA SER B 388 -28.06 47.02 1.98
C SER B 388 -26.94 46.31 2.72
N TRP B 389 -27.12 45.03 3.05
CA TRP B 389 -26.05 44.32 3.78
C TRP B 389 -24.82 44.28 2.93
N LEU B 390 -25.00 44.25 1.62
CA LEU B 390 -23.83 44.20 0.71
C LEU B 390 -22.98 45.47 0.79
N GLU B 391 -23.55 46.58 1.23
CA GLU B 391 -22.77 47.80 1.39
C GLU B 391 -21.65 47.62 2.44
N ARG B 392 -21.78 46.63 3.33
CA ARG B 392 -20.74 46.44 4.34
C ARG B 392 -19.76 45.30 3.98
N LEU B 393 -19.83 44.82 2.75
CA LEU B 393 -18.95 43.73 2.29
C LEU B 393 -17.99 44.28 1.26
N SER B 394 -16.70 44.15 1.55
CA SER B 394 -15.68 44.54 0.58
C SER B 394 -14.73 43.38 0.30
N PHE B 395 -14.05 43.47 -0.83
CA PHE B 395 -13.07 42.46 -1.21
C PHE B 395 -11.78 43.20 -1.47
N VAL B 396 -10.67 42.67 -0.95
CA VAL B 396 -9.36 43.32 -1.04
C VAL B 396 -8.39 42.56 -1.95
N ASP B 397 -7.32 43.24 -2.35
CA ASP B 397 -6.37 42.70 -3.32
C ASP B 397 -5.30 41.83 -2.69
N ASP B 398 -5.05 42.01 -1.39
CA ASP B 398 -4.16 41.07 -0.73
C ASP B 398 -4.55 40.79 0.71
N GLU B 399 -4.04 39.68 1.21
CA GLU B 399 -4.56 39.12 2.42
C GLU B 399 -4.38 40.07 3.61
N ALA B 400 -3.23 40.75 3.68
CA ALA B 400 -3.00 41.56 4.88
C ALA B 400 -3.95 42.76 4.93
N GLN B 401 -4.33 43.27 3.77
CA GLN B 401 -5.24 44.42 3.74
C GLN B 401 -6.58 44.12 4.39
N ALA B 402 -7.02 42.87 4.28
CA ALA B 402 -8.30 42.51 4.89
C ALA B 402 -8.28 42.75 6.37
N ALA B 403 -7.10 42.63 6.98
CA ALA B 403 -6.98 42.76 8.44
C ALA B 403 -7.03 44.19 8.97
N ARG B 404 -7.05 45.17 8.07
CA ARG B 404 -6.99 46.56 8.54
C ARG B 404 -8.14 46.89 9.49
N ASP B 405 -7.83 47.30 10.72
CA ASP B 405 -8.84 47.67 11.73
C ASP B 405 -9.78 46.50 12.07
N ALA B 406 -9.35 45.29 11.80
CA ALA B 406 -10.21 44.14 12.07
C ALA B 406 -10.25 43.78 13.53
N ASP B 407 -11.45 43.46 14.01
CA ASP B 407 -11.58 42.90 15.37
C ASP B 407 -11.07 41.46 15.42
N ALA B 408 -11.19 40.75 14.30
CA ALA B 408 -10.67 39.38 14.21
C ALA B 408 -10.50 38.99 12.76
N LEU B 409 -9.64 38.00 12.53
CA LEU B 409 -9.45 37.40 11.22
C LEU B 409 -10.10 36.01 11.29
N VAL B 410 -10.74 35.61 10.20
CA VAL B 410 -11.47 34.34 10.16
C VAL B 410 -10.96 33.58 8.95
N ILE B 411 -10.44 32.39 9.20
CA ILE B 411 -9.88 31.58 8.11
C ILE B 411 -10.89 30.52 7.70
N VAL B 412 -11.22 30.49 6.41
CA VAL B 412 -12.32 29.61 5.96
C VAL B 412 -11.83 28.56 4.98
N THR B 413 -10.82 28.89 4.18
CA THR B 413 -10.32 27.95 3.19
C THR B 413 -8.81 27.96 3.24
N GLU B 414 -8.24 26.76 3.37
CA GLU B 414 -6.82 26.63 3.64
C GLU B 414 -5.85 26.76 2.44
N TRP B 415 -5.98 27.86 1.72
CA TRP B 415 -5.00 28.15 0.66
C TRP B 415 -3.59 28.17 1.28
N LYS B 416 -2.61 27.66 0.53
CA LYS B 416 -1.25 27.61 1.06
C LYS B 416 -0.71 28.94 1.55
N ILE B 417 -1.08 30.04 0.87
CA ILE B 417 -0.58 31.36 1.26
C ILE B 417 -0.96 31.70 2.72
N PHE B 418 -2.03 31.12 3.23
CA PHE B 418 -2.43 31.43 4.60
C PHE B 418 -1.62 30.65 5.65
N LYS B 419 -0.84 29.66 5.22
CA LYS B 419 -0.23 28.74 6.21
C LYS B 419 0.92 29.32 7.03
N SER B 420 1.68 30.25 6.45
CA SER B 420 2.77 30.89 7.16
C SER B 420 2.73 32.36 6.86
N PRO B 421 1.76 33.06 7.44
CA PRO B 421 1.62 34.49 7.14
C PRO B 421 2.59 35.30 7.98
N ASP B 422 2.72 36.58 7.62
CA ASP B 422 3.54 37.53 8.37
C ASP B 422 2.71 38.14 9.49
N PHE B 423 2.78 37.52 10.68
CA PHE B 423 1.99 37.99 11.81
C PHE B 423 2.43 39.34 12.33
N VAL B 424 3.69 39.69 12.08
CA VAL B 424 4.17 40.98 12.56
C VAL B 424 3.50 42.07 11.74
N ALA B 425 3.47 41.86 10.43
CA ALA B 425 2.76 42.75 9.52
C ALA B 425 1.27 42.88 9.88
N LEU B 426 0.57 41.77 10.10
CA LEU B 426 -0.82 41.97 10.46
C LEU B 426 -1.03 42.54 11.87
N GLY B 427 -0.05 42.37 12.75
CA GLY B 427 -0.10 42.97 14.06
C GLY B 427 -0.05 44.51 13.97
N ARG B 428 0.44 45.03 12.87
CA ARG B 428 0.45 46.48 12.66
C ARG B 428 -0.87 46.99 12.04
N LEU B 429 -1.77 46.05 11.72
CA LEU B 429 -2.95 46.34 10.92
C LEU B 429 -4.27 46.16 11.66
N TRP B 430 -4.40 45.03 12.38
CA TRP B 430 -5.68 44.71 13.02
C TRP B 430 -5.98 45.50 14.30
N LYS B 431 -7.24 45.55 14.69
CA LYS B 431 -7.56 46.24 15.93
C LYS B 431 -7.22 45.39 17.16
N THR B 432 -7.54 44.09 17.09
CA THR B 432 -7.19 43.14 18.15
C THR B 432 -6.68 41.85 17.52
N PRO B 433 -5.70 41.20 18.16
CA PRO B 433 -5.05 39.99 17.63
C PRO B 433 -5.89 38.76 17.93
N VAL B 434 -6.99 38.64 17.21
CA VAL B 434 -7.92 37.54 17.40
C VAL B 434 -8.13 36.78 16.09
N ILE B 435 -8.00 35.45 16.13
CA ILE B 435 -8.14 34.64 14.90
C ILE B 435 -9.13 33.51 15.19
N PHE B 436 -10.13 33.38 14.32
CA PHE B 436 -11.03 32.23 14.33
C PHE B 436 -10.60 31.39 13.16
N ASP B 437 -10.34 30.09 13.39
CA ASP B 437 -9.76 29.29 12.33
C ASP B 437 -10.60 28.08 12.04
N GLY B 438 -11.28 28.13 10.89
CA GLY B 438 -12.19 27.07 10.49
C GLY B 438 -11.46 25.91 9.83
N ARG B 439 -10.15 25.99 9.68
CA ARG B 439 -9.40 24.90 9.04
C ARG B 439 -8.19 24.44 9.84
N ASN B 440 -8.11 24.87 11.10
CA ASN B 440 -7.00 24.43 11.95
C ASN B 440 -5.58 24.49 11.33
N LEU B 441 -5.16 25.69 10.93
CA LEU B 441 -3.86 25.87 10.26
C LEU B 441 -2.65 26.00 11.18
N TYR B 442 -2.84 26.50 12.40
CA TYR B 442 -1.76 26.94 13.26
C TYR B 442 -1.69 26.13 14.56
N GLU B 443 -0.50 26.04 15.14
CA GLU B 443 -0.34 25.41 16.46
C GLU B 443 -0.75 26.38 17.56
N PRO B 444 -1.70 25.97 18.42
CA PRO B 444 -2.25 26.87 19.43
C PRO B 444 -1.19 27.44 20.38
N GLU B 445 -0.22 26.63 20.80
CA GLU B 445 0.83 27.15 21.68
C GLU B 445 1.67 28.20 20.96
N THR B 446 1.91 28.01 19.66
CA THR B 446 2.63 29.02 18.91
C THR B 446 1.87 30.36 18.86
N MET B 447 0.57 30.27 18.62
CA MET B 447 -0.28 31.47 18.65
C MET B 447 -0.19 32.13 20.01
N SER B 448 -0.23 31.31 21.07
CA SER B 448 -0.14 31.79 22.45
C SER B 448 1.09 32.66 22.64
N GLU B 449 2.21 32.16 22.13
CA GLU B 449 3.51 32.79 22.33
C GLU B 449 3.65 34.06 21.50
N GLN B 450 2.75 34.24 20.53
CA GLN B 450 2.76 35.43 19.71
C GLN B 450 1.70 36.42 20.14
N GLY B 451 1.06 36.12 21.27
CA GLY B 451 0.04 37.00 21.80
C GLY B 451 -1.22 37.05 20.96
N ILE B 452 -1.45 36.00 20.19
CA ILE B 452 -2.69 35.92 19.39
C ILE B 452 -3.75 35.07 20.10
N GLU B 453 -4.96 35.63 20.22
CA GLU B 453 -6.11 34.93 20.76
C GLU B 453 -6.70 34.03 19.69
N TYR B 454 -6.54 32.71 19.85
CA TYR B 454 -6.75 31.77 18.75
C TYR B 454 -7.90 30.82 19.04
N HIS B 455 -8.85 30.75 18.10
CA HIS B 455 -10.09 29.98 18.25
C HIS B 455 -10.23 29.02 17.08
N PRO B 456 -9.59 27.87 17.19
CA PRO B 456 -9.72 26.84 16.16
C PRO B 456 -10.98 26.03 16.38
N ILE B 457 -11.21 25.05 15.51
CA ILE B 457 -12.33 24.14 15.68
C ILE B 457 -11.88 22.81 16.27
N GLY B 458 -12.22 22.55 17.53
CA GLY B 458 -11.87 21.24 18.07
C GLY B 458 -10.51 21.17 18.73
N ARG B 459 -9.85 22.30 18.93
CA ARG B 459 -8.54 22.28 19.60
C ARG B 459 -8.50 23.38 20.64
N PRO B 460 -7.71 23.18 21.69
CA PRO B 460 -7.73 24.20 22.75
C PRO B 460 -7.28 25.56 22.18
N GLY B 461 -7.89 26.63 22.65
CA GLY B 461 -7.48 27.95 22.21
C GLY B 461 -6.09 28.27 22.73
N SER B 462 -5.45 29.28 22.14
CA SER B 462 -4.23 29.81 22.71
C SER B 462 -4.57 30.32 24.11
N ARG B 463 -3.56 30.57 24.93
CA ARG B 463 -3.79 31.00 26.31
C ARG B 463 -4.63 32.28 26.37
N GLN B 464 -4.44 33.17 25.41
CA GLN B 464 -5.22 34.40 25.32
C GLN B 464 -6.69 34.07 25.08
N ALA B 465 -6.93 32.97 24.34
CA ALA B 465 -8.28 32.48 24.08
C ALA B 465 -8.87 31.83 25.33
N GLY C 7 -20.41 -23.74 -17.01
CA GLY C 7 -19.10 -23.19 -16.68
C GLY C 7 -18.06 -24.26 -16.38
N SER C 8 -18.54 -25.43 -15.96
CA SER C 8 -17.68 -26.57 -15.62
C SER C 8 -17.13 -27.24 -16.87
N MET C 9 -15.82 -27.50 -16.86
CA MET C 9 -15.17 -28.18 -17.97
C MET C 9 -14.63 -29.50 -17.47
N ASN C 10 -14.29 -30.40 -18.38
CA ASN C 10 -13.68 -31.66 -18.03
C ASN C 10 -12.17 -31.55 -18.21
N LEU C 11 -11.43 -31.73 -17.13
CA LEU C 11 -9.99 -31.45 -17.15
C LEU C 11 -9.18 -32.69 -16.81
N THR C 12 -8.01 -32.82 -17.40
CA THR C 12 -7.10 -33.87 -16.94
C THR C 12 -5.82 -33.22 -16.44
N ILE C 13 -5.35 -33.66 -15.28
CA ILE C 13 -4.03 -33.28 -14.76
C ILE C 13 -3.14 -34.52 -14.85
N ILE C 14 -2.03 -34.39 -15.56
CA ILE C 14 -1.08 -35.49 -15.68
C ILE C 14 0.04 -35.24 -14.69
N GLY C 15 0.20 -36.14 -13.73
CA GLY C 15 1.18 -35.93 -12.69
C GLY C 15 0.48 -35.73 -11.37
N SER C 16 0.59 -36.72 -10.51
CA SER C 16 -0.07 -36.69 -9.22
C SER C 16 0.91 -36.24 -8.16
N GLY C 17 1.88 -35.45 -8.58
CA GLY C 17 2.80 -34.81 -7.65
C GLY C 17 2.26 -33.51 -7.11
N TYR C 18 3.16 -32.76 -6.48
CA TYR C 18 2.83 -31.53 -5.77
C TYR C 18 2.11 -30.42 -6.58
N VAL C 19 2.65 -30.06 -7.74
CA VAL C 19 1.99 -29.05 -8.58
C VAL C 19 0.67 -29.61 -9.14
N GLY C 20 0.71 -30.87 -9.54
CA GLY C 20 -0.46 -31.58 -10.07
C GLY C 20 -1.60 -31.73 -9.07
N LEU C 21 -1.26 -32.11 -7.84
CA LEU C 21 -2.29 -32.36 -6.82
C LEU C 21 -3.01 -31.07 -6.42
N VAL C 22 -2.23 -30.01 -6.20
CA VAL C 22 -2.85 -28.72 -5.84
C VAL C 22 -3.66 -28.15 -6.99
N THR C 23 -3.09 -28.18 -8.20
CA THR C 23 -3.79 -27.66 -9.36
C THR C 23 -5.08 -28.44 -9.61
N GLY C 24 -4.98 -29.77 -9.62
CA GLY C 24 -6.14 -30.63 -9.81
C GLY C 24 -7.21 -30.45 -8.76
N ALA C 25 -6.80 -30.45 -7.50
CA ALA C 25 -7.78 -30.42 -6.43
C ALA C 25 -8.51 -29.07 -6.39
N CYS C 26 -7.76 -27.99 -6.56
CA CYS C 26 -8.37 -26.66 -6.49
C CYS C 26 -9.20 -26.33 -7.72
N LEU C 27 -8.86 -26.88 -8.89
CA LEU C 27 -9.72 -26.68 -10.06
C LEU C 27 -11.02 -27.48 -9.96
N ALA C 28 -10.95 -28.65 -9.31
CA ALA C 28 -12.17 -29.39 -9.01
C ALA C 28 -13.01 -28.53 -8.08
N ASP C 29 -12.34 -27.85 -7.16
CA ASP C 29 -13.02 -27.10 -6.11
C ASP C 29 -13.83 -25.89 -6.63
N ILE C 30 -13.46 -25.37 -7.80
CA ILE C 30 -14.25 -24.29 -8.40
C ILE C 30 -15.30 -24.83 -9.40
N GLY C 31 -15.43 -26.14 -9.45
CA GLY C 31 -16.55 -26.75 -10.16
C GLY C 31 -16.21 -27.55 -11.39
N HIS C 32 -14.92 -27.65 -11.72
CA HIS C 32 -14.54 -28.45 -12.88
C HIS C 32 -14.51 -29.93 -12.52
N ASP C 33 -14.61 -30.78 -13.54
CA ASP C 33 -14.54 -32.22 -13.32
C ASP C 33 -13.14 -32.68 -13.68
N VAL C 34 -12.36 -33.08 -12.68
CA VAL C 34 -10.92 -33.30 -12.86
C VAL C 34 -10.51 -34.77 -12.77
N PHE C 35 -9.75 -35.20 -13.78
CA PHE C 35 -9.15 -36.53 -13.78
C PHE C 35 -7.65 -36.36 -13.51
N CYS C 36 -7.16 -36.86 -12.37
CA CYS C 36 -5.73 -36.82 -12.07
C CYS C 36 -5.03 -38.14 -12.42
N LEU C 37 -4.16 -38.08 -13.41
CA LEU C 37 -3.45 -39.25 -13.90
C LEU C 37 -2.03 -39.35 -13.37
N ASP C 38 -1.63 -40.56 -13.00
CA ASP C 38 -0.24 -40.84 -12.68
C ASP C 38 -0.01 -42.30 -12.95
N VAL C 39 1.18 -42.67 -13.43
CA VAL C 39 1.47 -44.06 -13.76
C VAL C 39 1.81 -44.90 -12.52
N ASP C 40 2.29 -44.24 -11.47
CA ASP C 40 2.66 -44.93 -10.23
C ASP C 40 1.41 -45.36 -9.45
N GLN C 41 1.08 -46.65 -9.54
CA GLN C 41 -0.11 -47.17 -8.88
C GLN C 41 -0.04 -47.01 -7.36
N ALA C 42 1.17 -47.14 -6.83
CA ALA C 42 1.38 -46.99 -5.38
C ALA C 42 0.94 -45.62 -4.89
N LYS C 43 1.26 -44.58 -5.66
CA LYS C 43 0.86 -43.22 -5.32
C LYS C 43 -0.64 -43.00 -5.51
N ILE C 44 -1.18 -43.49 -6.61
CA ILE C 44 -2.62 -43.41 -6.87
C ILE C 44 -3.39 -44.07 -5.73
N ASP C 45 -2.85 -45.16 -5.21
CA ASP C 45 -3.46 -45.89 -4.11
C ASP C 45 -3.48 -45.03 -2.85
N ILE C 46 -2.32 -44.51 -2.46
CA ILE C 46 -2.23 -43.68 -1.26
C ILE C 46 -3.23 -42.53 -1.33
N LEU C 47 -3.47 -42.01 -2.52
CA LEU C 47 -4.40 -40.90 -2.73
C LEU C 47 -5.85 -41.33 -2.60
N ASN C 48 -6.17 -42.50 -3.13
CA ASN C 48 -7.53 -43.03 -3.08
C ASN C 48 -7.90 -43.61 -1.71
N ASN C 49 -6.89 -43.73 -0.84
CA ASN C 49 -7.11 -44.20 0.53
C ASN C 49 -7.24 -43.02 1.48
N GLY C 50 -7.37 -41.83 0.93
CA GLY C 50 -7.50 -40.61 1.71
C GLY C 50 -6.17 -40.11 2.23
N GLY C 51 -5.08 -40.61 1.64
CA GLY C 51 -3.75 -40.19 2.03
C GLY C 51 -3.20 -39.13 1.08
N VAL C 52 -2.18 -38.42 1.54
CA VAL C 52 -1.52 -37.41 0.72
C VAL C 52 -0.01 -37.44 0.89
N PRO C 53 0.72 -37.67 -0.21
CA PRO C 53 2.18 -37.81 -0.29
C PRO C 53 3.02 -36.58 0.09
N ILE C 54 2.40 -35.42 0.32
CA ILE C 54 3.18 -34.21 0.59
C ILE C 54 2.74 -33.39 1.82
N HIS C 55 3.66 -32.57 2.31
CA HIS C 55 3.42 -31.66 3.44
C HIS C 55 2.73 -30.38 2.96
N GLU C 56 1.41 -30.41 2.85
CA GLU C 56 0.69 -29.28 2.23
C GLU C 56 -0.63 -28.99 2.93
N PRO C 57 -0.62 -27.99 3.82
CA PRO C 57 -1.79 -27.56 4.60
C PRO C 57 -3.05 -27.41 3.77
N GLY C 58 -4.13 -28.07 4.18
CA GLY C 58 -5.41 -27.90 3.55
C GLY C 58 -5.68 -28.79 2.36
N LEU C 59 -4.63 -29.40 1.81
CA LEU C 59 -4.78 -30.16 0.58
C LEU C 59 -5.69 -31.39 0.74
N LYS C 60 -5.47 -32.15 1.81
CA LYS C 60 -6.20 -33.40 2.00
C LYS C 60 -7.71 -33.13 2.10
N GLU C 61 -8.08 -32.06 2.81
CA GLU C 61 -9.48 -31.68 2.95
C GLU C 61 -10.12 -31.31 1.61
N VAL C 62 -9.38 -30.57 0.79
CA VAL C 62 -9.86 -30.19 -0.54
C VAL C 62 -10.07 -31.41 -1.43
N ILE C 63 -9.11 -32.33 -1.41
CA ILE C 63 -9.24 -33.61 -2.12
C ILE C 63 -10.47 -34.39 -1.65
N ALA C 64 -10.58 -34.57 -0.33
CA ALA C 64 -11.68 -35.37 0.22
C ALA C 64 -13.02 -34.80 -0.24
N ARG C 65 -13.16 -33.48 -0.13
CA ARG C 65 -14.43 -32.84 -0.47
C ARG C 65 -14.79 -33.07 -1.95
N ASN C 66 -13.79 -32.94 -2.81
CA ASN C 66 -14.03 -33.07 -4.25
C ASN C 66 -14.14 -34.48 -4.78
N ARG C 67 -13.46 -35.44 -4.17
CA ARG C 67 -13.76 -36.83 -4.43
C ARG C 67 -15.24 -37.10 -4.14
N SER C 68 -15.69 -36.64 -2.98
CA SER C 68 -17.08 -36.88 -2.57
C SER C 68 -18.10 -36.24 -3.52
N ALA C 69 -17.77 -35.05 -4.01
CA ALA C 69 -18.65 -34.32 -4.92
C ALA C 69 -18.63 -34.93 -6.33
N GLY C 70 -17.73 -35.90 -6.53
CA GLY C 70 -17.63 -36.54 -7.84
C GLY C 70 -16.95 -35.66 -8.87
N ARG C 71 -16.12 -34.73 -8.40
CA ARG C 71 -15.38 -33.84 -9.28
C ARG C 71 -13.88 -34.15 -9.36
N LEU C 72 -13.42 -35.15 -8.62
CA LEU C 72 -11.99 -35.48 -8.58
C LEU C 72 -11.77 -36.99 -8.56
N ARG C 73 -11.10 -37.51 -9.58
CA ARG C 73 -10.76 -38.92 -9.64
C ARG C 73 -9.25 -39.11 -9.76
N PHE C 74 -8.76 -40.21 -9.19
CA PHE C 74 -7.36 -40.60 -9.35
C PHE C 74 -7.25 -41.93 -10.03
N SER C 75 -6.46 -41.98 -11.10
CA SER C 75 -6.32 -43.25 -11.82
C SER C 75 -5.00 -43.33 -12.57
N THR C 76 -4.62 -44.57 -12.88
CA THR C 76 -3.41 -44.82 -13.65
C THR C 76 -3.83 -45.07 -15.08
N ASP C 77 -5.12 -44.94 -15.34
CA ASP C 77 -5.66 -45.28 -16.65
C ASP C 77 -5.41 -44.17 -17.68
N ILE C 78 -4.41 -44.39 -18.54
CA ILE C 78 -4.00 -43.37 -19.49
C ILE C 78 -5.07 -43.02 -20.52
N GLU C 79 -5.59 -44.04 -21.18
CA GLU C 79 -6.57 -43.82 -22.24
C GLU C 79 -7.82 -43.16 -21.69
N ALA C 80 -8.16 -43.49 -20.45
CA ALA C 80 -9.33 -42.88 -19.84
C ALA C 80 -8.99 -41.41 -19.61
N ALA C 81 -7.76 -41.15 -19.19
CA ALA C 81 -7.32 -39.77 -18.91
C ALA C 81 -7.40 -38.88 -20.15
N VAL C 82 -6.79 -39.36 -21.23
CA VAL C 82 -6.81 -38.64 -22.49
C VAL C 82 -8.23 -38.41 -23.04
N ALA C 83 -9.11 -39.40 -22.87
CA ALA C 83 -10.48 -39.29 -23.35
C ALA C 83 -11.31 -38.31 -22.53
N HIS C 84 -11.10 -38.29 -21.21
CA HIS C 84 -11.79 -37.35 -20.35
C HIS C 84 -11.42 -35.89 -20.66
N GLY C 85 -10.12 -35.61 -20.64
CA GLY C 85 -9.65 -34.23 -20.63
C GLY C 85 -9.71 -33.45 -21.93
N ASP C 86 -10.61 -32.48 -21.97
CA ASP C 86 -10.62 -31.52 -23.07
C ASP C 86 -9.42 -30.61 -22.95
N VAL C 87 -9.07 -30.28 -21.71
CA VAL C 87 -7.81 -29.59 -21.43
C VAL C 87 -6.92 -30.57 -20.65
N GLN C 88 -5.70 -30.74 -21.14
CA GLN C 88 -4.76 -31.68 -20.56
C GLN C 88 -3.61 -30.91 -19.93
N PHE C 89 -3.55 -30.88 -18.61
CA PHE C 89 -2.44 -30.21 -17.93
C PHE C 89 -1.28 -31.17 -17.73
N ILE C 90 -0.13 -30.82 -18.28
CA ILE C 90 1.09 -31.56 -18.01
C ILE C 90 1.76 -30.98 -16.77
N ALA C 91 1.70 -31.72 -15.66
CA ALA C 91 2.24 -31.22 -14.40
C ALA C 91 3.23 -32.21 -13.80
N VAL C 92 3.88 -33.00 -14.66
CA VAL C 92 4.80 -34.04 -14.20
C VAL C 92 6.13 -33.42 -13.82
N GLY C 93 6.95 -34.17 -13.10
CA GLY C 93 8.23 -33.64 -12.65
C GLY C 93 9.25 -33.50 -13.76
N THR C 94 10.31 -32.76 -13.48
CA THR C 94 11.44 -32.69 -14.38
C THR C 94 12.72 -32.84 -13.56
N PRO C 95 12.93 -34.07 -13.05
CA PRO C 95 14.03 -34.39 -12.14
C PRO C 95 15.36 -34.15 -12.84
N PRO C 96 16.41 -33.81 -12.07
CA PRO C 96 17.71 -33.55 -12.69
C PRO C 96 18.34 -34.84 -13.24
N ASP C 97 19.36 -34.68 -14.08
CA ASP C 97 20.16 -35.81 -14.54
C ASP C 97 21.46 -35.78 -13.75
N GLU C 98 22.34 -36.75 -14.00
CA GLU C 98 23.67 -36.67 -13.41
C GLU C 98 24.36 -35.43 -13.96
N ASP C 99 23.85 -34.98 -15.11
CA ASP C 99 24.32 -33.76 -15.74
C ASP C 99 23.76 -32.54 -15.03
N GLY C 100 22.72 -32.75 -14.22
CA GLY C 100 22.15 -31.68 -13.42
C GLY C 100 21.18 -30.78 -14.19
N SER C 101 20.89 -31.15 -15.43
CA SER C 101 19.85 -30.48 -16.21
C SER C 101 18.52 -31.22 -16.02
N ALA C 102 17.41 -30.51 -16.19
CA ALA C 102 16.10 -31.11 -15.97
C ALA C 102 15.74 -32.10 -17.07
N ASP C 103 15.25 -33.27 -16.67
CA ASP C 103 14.89 -34.30 -17.61
C ASP C 103 13.47 -34.09 -18.10
N LEU C 104 13.32 -33.87 -19.40
CA LEU C 104 12.01 -33.63 -20.01
C LEU C 104 11.30 -34.91 -20.44
N GLN C 105 11.87 -36.07 -20.14
CA GLN C 105 11.33 -37.32 -20.70
C GLN C 105 9.88 -37.53 -20.31
N TYR C 106 9.53 -37.16 -19.08
CA TYR C 106 8.17 -37.40 -18.59
C TYR C 106 7.15 -36.45 -19.20
N VAL C 107 7.52 -35.18 -19.45
CA VAL C 107 6.60 -34.30 -20.15
C VAL C 107 6.37 -34.74 -21.59
N LEU C 108 7.42 -35.18 -22.26
CA LEU C 108 7.26 -35.62 -23.65
C LEU C 108 6.51 -36.94 -23.72
N ALA C 109 6.76 -37.82 -22.77
CA ALA C 109 6.00 -39.07 -22.71
C ALA C 109 4.51 -38.78 -22.55
N ALA C 110 4.18 -37.74 -21.77
CA ALA C 110 2.78 -37.35 -21.56
C ALA C 110 2.22 -36.77 -22.84
N ALA C 111 3.02 -35.94 -23.52
CA ALA C 111 2.60 -35.32 -24.78
C ALA C 111 2.27 -36.42 -25.79
N ARG C 112 3.20 -37.35 -25.97
CA ARG C 112 3.00 -38.46 -26.91
C ARG C 112 1.71 -39.24 -26.61
N ASN C 113 1.47 -39.57 -25.34
CA ASN C 113 0.26 -40.28 -24.95
C ASN C 113 -1.03 -39.53 -25.31
N ILE C 114 -1.01 -38.22 -25.13
CA ILE C 114 -2.16 -37.42 -25.54
C ILE C 114 -2.42 -37.59 -27.05
N GLY C 115 -1.36 -37.48 -27.84
CA GLY C 115 -1.50 -37.51 -29.27
C GLY C 115 -1.88 -38.89 -29.79
N ARG C 116 -1.49 -39.94 -29.06
CA ARG C 116 -1.77 -41.33 -29.45
C ARG C 116 -3.25 -41.69 -29.34
N TYR C 117 -3.91 -41.12 -28.34
CA TYR C 117 -5.27 -41.56 -28.00
C TYR C 117 -6.31 -40.47 -28.21
N MET C 118 -5.86 -39.24 -28.41
CA MET C 118 -6.80 -38.12 -28.52
C MET C 118 -7.71 -38.21 -29.73
N THR C 119 -8.98 -37.92 -29.48
CA THR C 119 -9.95 -37.69 -30.53
C THR C 119 -10.50 -36.29 -30.29
N GLY C 120 -10.63 -35.50 -31.35
CA GLY C 120 -11.15 -34.16 -31.22
C GLY C 120 -10.15 -33.19 -30.59
N PHE C 121 -10.53 -31.93 -30.56
CA PHE C 121 -9.63 -30.85 -30.17
C PHE C 121 -9.14 -30.98 -28.73
N LYS C 122 -7.86 -30.70 -28.51
CA LYS C 122 -7.31 -30.66 -27.16
C LYS C 122 -6.50 -29.40 -26.96
N VAL C 123 -6.56 -28.87 -25.74
CA VAL C 123 -5.61 -27.85 -25.30
C VAL C 123 -4.62 -28.58 -24.41
N ILE C 124 -3.35 -28.56 -24.77
CA ILE C 124 -2.32 -29.18 -23.94
C ILE C 124 -1.60 -28.05 -23.18
N VAL C 125 -1.67 -28.09 -21.85
CA VAL C 125 -1.10 -27.03 -21.01
C VAL C 125 0.18 -27.48 -20.31
N ASP C 126 1.29 -26.82 -20.60
CA ASP C 126 2.55 -27.05 -19.90
C ASP C 126 2.48 -26.25 -18.62
N LYS C 127 2.26 -26.95 -17.52
CA LYS C 127 2.11 -26.37 -16.20
C LYS C 127 3.37 -26.54 -15.35
N SER C 128 4.01 -27.71 -15.41
CA SER C 128 5.24 -27.84 -14.66
C SER C 128 6.27 -26.92 -15.30
N THR C 129 7.23 -26.47 -14.51
CA THR C 129 8.20 -25.50 -15.01
C THR C 129 9.11 -26.15 -16.03
N VAL C 130 9.13 -25.62 -17.25
CA VAL C 130 9.93 -26.20 -18.34
C VAL C 130 10.66 -25.11 -19.12
N PRO C 131 11.80 -25.46 -19.73
CA PRO C 131 12.65 -24.52 -20.49
C PRO C 131 11.94 -23.84 -21.67
N VAL C 132 12.30 -22.61 -21.98
CA VAL C 132 11.75 -21.95 -23.16
C VAL C 132 11.94 -22.85 -24.38
N GLY C 133 10.90 -23.01 -25.19
CA GLY C 133 10.95 -23.91 -26.33
C GLY C 133 10.37 -25.30 -26.09
N THR C 134 9.97 -25.58 -24.86
CA THR C 134 9.40 -26.89 -24.54
C THR C 134 8.04 -27.09 -25.18
N ALA C 135 7.22 -26.06 -25.21
CA ALA C 135 5.91 -26.17 -25.83
C ALA C 135 6.02 -26.56 -27.30
N GLU C 136 7.04 -26.06 -27.98
CA GLU C 136 7.25 -26.42 -29.39
C GLU C 136 7.68 -27.88 -29.53
N ARG C 137 8.46 -28.39 -28.58
CA ARG C 137 8.80 -29.81 -28.58
C ARG C 137 7.56 -30.67 -28.31
N VAL C 138 6.73 -30.22 -27.37
CA VAL C 138 5.47 -30.90 -27.07
C VAL C 138 4.53 -30.94 -28.29
N ARG C 139 4.41 -29.81 -28.97
CA ARG C 139 3.57 -29.73 -30.17
C ARG C 139 4.03 -30.73 -31.22
N ALA C 140 5.34 -30.72 -31.48
CA ALA C 140 5.91 -31.63 -32.47
C ALA C 140 5.70 -33.11 -32.10
N ALA C 141 5.82 -33.42 -30.81
CA ALA C 141 5.62 -34.79 -30.35
C ALA C 141 4.17 -35.24 -30.50
N VAL C 142 3.25 -34.31 -30.28
CA VAL C 142 1.82 -34.61 -30.45
C VAL C 142 1.49 -34.77 -31.95
N ALA C 143 2.03 -33.88 -32.77
CA ALA C 143 1.81 -33.94 -34.21
C ALA C 143 2.42 -35.21 -34.81
N GLU C 144 3.53 -35.66 -34.23
CA GLU C 144 4.16 -36.91 -34.60
C GLU C 144 3.18 -38.06 -34.50
N GLU C 145 2.50 -38.13 -33.36
CA GLU C 145 1.59 -39.23 -33.08
C GLU C 145 0.30 -39.12 -33.88
N LEU C 146 -0.11 -37.89 -34.18
CA LEU C 146 -1.29 -37.67 -35.01
C LEU C 146 -1.04 -38.08 -36.46
N ALA C 147 0.18 -37.82 -36.94
CA ALA C 147 0.58 -38.12 -38.30
C ALA C 147 0.41 -39.60 -38.59
N LYS C 148 0.92 -40.43 -37.69
CA LYS C 148 0.78 -41.88 -37.80
C LYS C 148 -0.69 -42.23 -38.01
N ARG C 149 -1.53 -41.81 -37.08
CA ARG C 149 -2.97 -42.05 -37.18
C ARG C 149 -3.55 -41.32 -38.39
N MET C 154 -6.69 -31.55 -34.57
CA MET C 154 -6.46 -30.17 -34.12
C MET C 154 -6.19 -30.04 -32.61
N PHE C 155 -5.16 -29.28 -32.27
CA PHE C 155 -4.79 -29.03 -30.87
C PHE C 155 -3.95 -27.76 -30.76
N SER C 156 -3.73 -27.32 -29.52
CA SER C 156 -2.80 -26.21 -29.29
C SER C 156 -2.07 -26.42 -27.97
N VAL C 157 -0.80 -26.06 -27.91
CA VAL C 157 -0.05 -26.18 -26.67
C VAL C 157 0.05 -24.79 -26.06
N VAL C 158 -0.28 -24.70 -24.78
CA VAL C 158 -0.32 -23.45 -24.00
C VAL C 158 0.71 -23.56 -22.90
N SER C 159 1.40 -22.46 -22.57
CA SER C 159 2.24 -22.38 -21.37
C SER C 159 1.46 -21.70 -20.25
N ASN C 160 1.28 -22.40 -19.12
CA ASN C 160 0.59 -21.80 -17.97
C ASN C 160 1.38 -22.16 -16.71
N PRO C 161 2.47 -21.39 -16.47
CA PRO C 161 3.41 -21.72 -15.38
C PRO C 161 2.74 -21.68 -14.01
N GLU C 162 3.37 -22.35 -13.05
CA GLU C 162 2.88 -22.38 -11.67
C GLU C 162 3.68 -21.37 -10.85
N PHE C 163 2.99 -20.67 -9.94
CA PHE C 163 3.62 -19.72 -9.03
C PHE C 163 3.23 -20.09 -7.58
N LEU C 164 3.35 -21.38 -7.27
CA LEU C 164 3.02 -21.85 -5.92
C LEU C 164 4.26 -21.84 -5.05
N LYS C 165 4.03 -21.80 -3.73
CA LYS C 165 5.11 -21.92 -2.74
C LYS C 165 4.85 -23.14 -1.88
N GLU C 166 5.80 -24.08 -1.84
CA GLU C 166 5.63 -25.24 -0.99
C GLU C 166 5.21 -24.82 0.39
N GLY C 167 4.23 -25.53 0.95
CA GLY C 167 3.80 -25.24 2.31
C GLY C 167 2.69 -24.22 2.37
N ALA C 168 2.47 -23.52 1.27
CA ALA C 168 1.39 -22.54 1.15
C ALA C 168 0.68 -22.65 -0.21
N ALA C 169 0.84 -23.79 -0.86
CA ALA C 169 0.39 -23.96 -2.25
C ALA C 169 -1.13 -23.78 -2.42
N VAL C 170 -1.93 -24.24 -1.47
CA VAL C 170 -3.38 -24.15 -1.64
C VAL C 170 -3.81 -22.67 -1.66
N ASP C 171 -3.32 -21.89 -0.71
CA ASP C 171 -3.58 -20.46 -0.67
C ASP C 171 -3.07 -19.75 -1.91
N ASP C 172 -1.84 -20.09 -2.32
CA ASP C 172 -1.24 -19.45 -3.49
C ASP C 172 -2.07 -19.71 -4.76
N PHE C 173 -2.59 -20.92 -4.89
CA PHE C 173 -3.39 -21.27 -6.06
C PHE C 173 -4.74 -20.57 -5.97
N THR C 174 -5.35 -20.59 -4.79
CA THR C 174 -6.71 -20.06 -4.64
C THR C 174 -6.77 -18.53 -4.73
N ARG C 175 -5.69 -17.87 -4.33
CA ARG C 175 -5.61 -16.41 -4.41
C ARG C 175 -4.36 -15.91 -5.15
N PRO C 176 -4.31 -16.12 -6.47
CA PRO C 176 -3.06 -15.80 -7.18
C PRO C 176 -2.80 -14.31 -7.38
N ASP C 177 -1.53 -13.93 -7.35
CA ASP C 177 -1.18 -12.56 -7.74
C ASP C 177 -1.51 -12.34 -9.21
N ARG C 178 -1.12 -13.30 -10.04
CA ARG C 178 -1.58 -13.30 -11.42
C ARG C 178 -1.58 -14.72 -11.98
N ILE C 179 -2.28 -14.90 -13.09
CA ILE C 179 -2.26 -16.13 -13.86
C ILE C 179 -1.65 -15.81 -15.20
N VAL C 180 -0.55 -16.47 -15.52
CA VAL C 180 0.12 -16.27 -16.80
C VAL C 180 -0.33 -17.34 -17.78
N ILE C 181 -0.79 -16.91 -18.95
CA ILE C 181 -1.22 -17.84 -19.99
C ILE C 181 -0.57 -17.44 -21.33
N GLY C 182 0.26 -18.34 -21.86
CA GLY C 182 0.97 -18.10 -23.11
C GLY C 182 0.33 -18.96 -24.19
N CYS C 183 -0.25 -18.32 -25.20
CA CYS C 183 -0.91 -19.04 -26.30
C CYS C 183 -0.52 -18.51 -27.66
N ASP C 184 -0.65 -19.36 -28.67
CA ASP C 184 -0.34 -19.01 -30.07
C ASP C 184 -1.37 -18.08 -30.65
N ASP C 185 -0.96 -17.40 -31.72
CA ASP C 185 -1.75 -16.38 -32.39
C ASP C 185 -2.72 -16.93 -33.44
N ASP C 186 -2.55 -18.20 -33.80
CA ASP C 186 -3.35 -18.79 -34.88
C ASP C 186 -4.75 -19.22 -34.42
N VAL C 187 -5.49 -19.93 -35.28
CA VAL C 187 -6.86 -20.27 -34.93
C VAL C 187 -6.97 -21.34 -33.83
N PRO C 188 -6.08 -22.34 -33.86
CA PRO C 188 -6.13 -23.29 -32.74
C PRO C 188 -5.69 -22.60 -31.45
N GLY C 189 -4.75 -21.66 -31.56
CA GLY C 189 -4.27 -20.94 -30.39
C GLY C 189 -5.33 -20.03 -29.80
N GLU C 190 -6.11 -19.40 -30.68
CA GLU C 190 -7.19 -18.51 -30.27
C GLU C 190 -8.30 -19.35 -29.61
N ARG C 191 -8.50 -20.56 -30.13
CA ARG C 191 -9.51 -21.46 -29.56
C ARG C 191 -9.09 -21.92 -28.16
N ALA C 192 -7.82 -22.24 -28.00
CA ALA C 192 -7.27 -22.61 -26.69
C ALA C 192 -7.35 -21.46 -25.69
N ARG C 193 -7.04 -20.24 -26.16
CA ARG C 193 -7.12 -19.07 -25.31
C ARG C 193 -8.53 -18.91 -24.72
N GLU C 194 -9.56 -19.07 -25.54
CA GLU C 194 -10.92 -18.92 -25.05
C GLU C 194 -11.26 -19.99 -24.01
N LEU C 195 -10.73 -21.20 -24.21
CA LEU C 195 -10.98 -22.28 -23.26
C LEU C 195 -10.28 -21.98 -21.93
N MET C 196 -9.09 -21.37 -22.02
CA MET C 196 -8.34 -21.00 -20.80
C MET C 196 -9.03 -19.88 -20.04
N LYS C 197 -9.57 -18.92 -20.78
CA LYS C 197 -10.38 -17.87 -20.18
C LYS C 197 -11.58 -18.47 -19.41
N LYS C 198 -12.30 -19.40 -20.04
CA LYS C 198 -13.46 -20.01 -19.40
C LYS C 198 -13.04 -20.81 -18.17
N LEU C 199 -12.00 -21.63 -18.33
CA LEU C 199 -11.42 -22.41 -17.24
C LEU C 199 -11.14 -21.53 -16.01
N TYR C 200 -10.54 -20.36 -16.23
CA TYR C 200 -10.10 -19.54 -15.09
C TYR C 200 -11.10 -18.45 -14.72
N ALA C 201 -12.28 -18.50 -15.33
CA ALA C 201 -13.30 -17.49 -15.08
C ALA C 201 -13.55 -17.15 -13.61
N PRO C 202 -13.64 -18.16 -12.74
CA PRO C 202 -13.94 -17.84 -11.34
C PRO C 202 -12.86 -16.99 -10.66
N PHE C 203 -11.61 -17.12 -11.08
CA PHE C 203 -10.52 -16.34 -10.49
C PHE C 203 -10.50 -14.90 -11.00
N ASN C 204 -11.11 -14.66 -12.16
CA ASN C 204 -11.19 -13.31 -12.74
C ASN C 204 -12.55 -12.63 -12.55
N ARG C 205 -13.39 -13.22 -11.72
CA ARG C 205 -14.75 -12.75 -11.55
C ARG C 205 -14.76 -11.29 -11.08
N ASN C 206 -13.99 -10.99 -10.04
CA ASN C 206 -14.05 -9.63 -9.45
C ASN C 206 -12.87 -8.76 -9.84
N HIS C 207 -11.71 -9.38 -10.08
CA HIS C 207 -10.50 -8.67 -10.47
C HIS C 207 -9.87 -9.43 -11.62
N GLU C 208 -9.47 -8.74 -12.69
CA GLU C 208 -8.79 -9.44 -13.78
C GLU C 208 -7.37 -9.82 -13.35
N ARG C 209 -7.11 -11.13 -13.28
CA ARG C 209 -5.85 -11.64 -12.78
C ARG C 209 -5.01 -12.32 -13.86
N THR C 210 -5.60 -12.55 -15.01
CA THR C 210 -4.90 -13.28 -16.06
C THR C 210 -4.13 -12.33 -16.97
N LEU C 211 -2.91 -12.72 -17.27
CA LEU C 211 -2.07 -12.00 -18.18
C LEU C 211 -1.81 -12.89 -19.38
N TYR C 212 -2.30 -12.48 -20.55
CA TYR C 212 -2.12 -13.28 -21.75
C TYR C 212 -0.95 -12.76 -22.55
N MET C 213 -0.13 -13.69 -23.05
CA MET C 213 1.05 -13.39 -23.85
C MET C 213 1.34 -14.56 -24.79
N ASP C 214 2.41 -14.49 -25.58
CA ASP C 214 2.74 -15.61 -26.43
C ASP C 214 3.39 -16.74 -25.62
N VAL C 215 3.47 -17.92 -26.23
CA VAL C 215 3.93 -19.12 -25.50
C VAL C 215 5.36 -18.96 -24.94
N ARG C 216 6.31 -18.58 -25.79
CA ARG C 216 7.71 -18.47 -25.35
C ARG C 216 7.89 -17.41 -24.26
N SER C 217 7.15 -16.29 -24.36
CA SER C 217 7.25 -15.29 -23.28
C SER C 217 6.76 -15.79 -21.94
N ALA C 218 5.68 -16.58 -21.97
CA ALA C 218 5.20 -17.18 -20.71
C ALA C 218 6.21 -18.17 -20.13
N GLU C 219 6.82 -18.99 -21.00
CA GLU C 219 7.85 -19.93 -20.53
C GLU C 219 9.01 -19.18 -19.88
N PHE C 220 9.42 -18.09 -20.53
CA PHE C 220 10.54 -17.27 -20.05
C PHE C 220 10.19 -16.57 -18.71
N THR C 221 8.97 -16.07 -18.61
CA THR C 221 8.50 -15.35 -17.43
C THR C 221 8.77 -16.10 -16.13
N LYS C 222 8.48 -17.40 -16.14
CA LYS C 222 8.64 -18.19 -14.92
C LYS C 222 10.11 -18.14 -14.43
N TYR C 223 11.04 -18.40 -15.34
CA TYR C 223 12.47 -18.35 -15.01
C TYR C 223 12.92 -16.94 -14.62
N ALA C 224 12.44 -15.95 -15.36
CA ALA C 224 12.83 -14.57 -15.12
C ALA C 224 12.37 -14.12 -13.71
N ALA C 225 11.18 -14.54 -13.30
CA ALA C 225 10.66 -14.15 -11.99
C ALA C 225 11.54 -14.70 -10.86
N ASN C 226 11.77 -16.02 -10.91
CA ASN C 226 12.64 -16.61 -9.89
C ASN C 226 14.06 -16.03 -9.96
N ALA C 227 14.57 -15.79 -11.16
CA ALA C 227 15.91 -15.16 -11.26
C ALA C 227 16.00 -13.77 -10.60
N MET C 228 14.94 -12.97 -10.71
CA MET C 228 14.96 -11.63 -10.13
C MET C 228 14.89 -11.75 -8.58
N LEU C 229 14.10 -12.70 -8.10
CA LEU C 229 14.02 -12.90 -6.65
C LEU C 229 15.39 -13.32 -6.11
N ALA C 230 16.04 -14.24 -6.80
CA ALA C 230 17.36 -14.68 -6.37
C ALA C 230 18.38 -13.53 -6.45
N THR C 231 18.21 -12.70 -7.47
CA THR C 231 19.09 -11.53 -7.62
C THR C 231 18.94 -10.56 -6.45
N ARG C 232 17.69 -10.33 -5.99
CA ARG C 232 17.51 -9.42 -4.86
C ARG C 232 18.22 -9.98 -3.63
N ILE C 233 18.07 -11.28 -3.39
CA ILE C 233 18.71 -11.87 -2.23
C ILE C 233 20.26 -11.80 -2.29
N SER C 234 20.84 -12.18 -3.42
CA SER C 234 22.30 -12.14 -3.54
C SER C 234 22.79 -10.70 -3.50
N PHE C 235 22.01 -9.77 -4.06
CA PHE C 235 22.37 -8.36 -3.99
C PHE C 235 22.52 -7.95 -2.52
N MET C 236 21.53 -8.32 -1.69
CA MET C 236 21.61 -7.93 -0.30
C MET C 236 22.72 -8.69 0.44
N ASN C 237 23.01 -9.92 0.02
CA ASN C 237 24.08 -10.67 0.72
C ASN C 237 25.44 -10.10 0.42
N GLU C 238 25.63 -9.64 -0.82
CA GLU C 238 26.90 -8.99 -1.12
C GLU C 238 27.01 -7.67 -0.37
N LEU C 239 25.92 -6.91 -0.29
CA LEU C 239 25.97 -5.68 0.51
C LEU C 239 26.09 -5.96 2.01
N ALA C 240 25.61 -7.12 2.48
CA ALA C 240 25.80 -7.47 3.90
C ALA C 240 27.28 -7.63 4.24
N ASN C 241 27.98 -8.33 3.35
CA ASN C 241 29.42 -8.52 3.52
C ASN C 241 30.16 -7.15 3.50
N LEU C 242 29.74 -6.24 2.62
CA LEU C 242 30.28 -4.88 2.58
C LEU C 242 29.90 -4.07 3.83
N ALA C 243 28.68 -4.25 4.32
CA ALA C 243 28.26 -3.57 5.56
C ALA C 243 29.20 -3.88 6.71
N ASP C 244 29.62 -5.14 6.82
CA ASP C 244 30.59 -5.49 7.85
C ASP C 244 31.88 -4.67 7.69
N ARG C 245 32.34 -4.50 6.48
CA ARG C 245 33.59 -3.78 6.24
C ARG C 245 33.47 -2.28 6.56
N PHE C 246 32.26 -1.75 6.35
CA PHE C 246 31.94 -0.33 6.55
C PHE C 246 31.49 0.01 7.96
N GLY C 247 31.16 -0.99 8.77
CA GLY C 247 30.52 -0.75 10.06
C GLY C 247 29.06 -0.31 9.97
N ALA C 248 28.40 -0.65 8.87
CA ALA C 248 26.97 -0.34 8.69
C ALA C 248 26.09 -1.56 9.05
N ASP C 249 24.78 -1.36 9.01
CA ASP C 249 23.80 -2.37 9.43
C ASP C 249 22.92 -2.71 8.24
N ILE C 250 23.07 -3.92 7.70
CA ILE C 250 22.31 -4.30 6.51
C ILE C 250 20.79 -4.23 6.74
N GLU C 251 20.29 -4.39 7.96
CA GLU C 251 18.85 -4.36 8.14
C GLU C 251 18.33 -2.93 8.08
N ALA C 252 19.16 -1.98 8.53
CA ALA C 252 18.87 -0.55 8.36
C ALA C 252 18.88 -0.20 6.86
N VAL C 253 19.86 -0.73 6.15
CA VAL C 253 19.90 -0.54 4.69
C VAL C 253 18.64 -1.12 4.00
N ARG C 254 18.24 -2.32 4.43
CA ARG C 254 16.98 -2.88 3.93
C ARG C 254 15.80 -1.93 4.14
N ARG C 255 15.67 -1.40 5.35
CA ARG C 255 14.55 -0.47 5.60
C ARG C 255 14.72 0.76 4.71
N GLY C 256 15.95 1.22 4.56
CA GLY C 256 16.20 2.45 3.82
C GLY C 256 15.95 2.35 2.33
N ILE C 257 16.17 1.19 1.73
CA ILE C 257 15.94 1.04 0.28
C ILE C 257 14.59 0.44 -0.04
N GLY C 258 14.08 -0.41 0.84
CA GLY C 258 12.82 -1.06 0.52
C GLY C 258 11.66 -0.08 0.63
N SER C 259 11.92 1.03 1.33
CA SER C 259 10.93 2.09 1.49
C SER C 259 10.79 2.92 0.21
N ASP C 260 11.63 2.68 -0.79
CA ASP C 260 11.41 3.28 -2.12
C ASP C 260 10.48 2.30 -2.83
N PRO C 261 9.27 2.72 -3.19
CA PRO C 261 8.33 1.72 -3.74
C PRO C 261 8.72 1.17 -5.10
N ARG C 262 9.69 1.78 -5.77
CA ARG C 262 10.19 1.20 -7.02
C ARG C 262 11.01 -0.03 -6.74
N ILE C 263 11.57 -0.12 -5.54
CA ILE C 263 12.33 -1.28 -5.13
C ILE C 263 11.44 -2.27 -4.35
N GLY C 264 10.64 -1.76 -3.42
CA GLY C 264 9.71 -2.58 -2.65
C GLY C 264 10.38 -3.25 -1.48
N TYR C 265 9.59 -3.74 -0.51
CA TYR C 265 10.20 -4.16 0.74
C TYR C 265 10.51 -5.66 0.84
N HIS C 266 10.04 -6.45 -0.12
CA HIS C 266 10.12 -7.91 -0.01
C HIS C 266 11.41 -8.52 -0.51
N PHE C 267 11.78 -9.70 0.00
CA PHE C 267 12.93 -10.44 -0.54
C PHE C 267 14.22 -9.62 -0.49
N LEU C 268 14.40 -8.90 0.62
CA LEU C 268 15.64 -8.15 0.84
C LEU C 268 16.30 -8.60 2.14
N TYR C 269 15.97 -9.80 2.62
CA TYR C 269 16.57 -10.28 3.84
C TYR C 269 17.86 -11.01 3.61
N ALA C 270 18.97 -10.34 3.95
CA ALA C 270 20.25 -11.01 3.90
C ALA C 270 20.30 -12.16 4.89
N GLY C 271 21.13 -13.16 4.61
CA GLY C 271 21.20 -14.29 5.50
C GLY C 271 22.26 -15.26 5.00
N CYS C 272 22.04 -16.53 5.27
CA CYS C 272 23.03 -17.57 4.94
C CYS C 272 22.77 -18.18 3.56
N GLY C 273 21.99 -17.48 2.72
CA GLY C 273 21.79 -17.85 1.32
C GLY C 273 20.42 -18.41 1.00
N TYR C 274 20.13 -18.57 -0.30
CA TYR C 274 18.86 -19.20 -0.70
C TYR C 274 19.05 -20.67 -1.08
N GLY C 275 18.01 -21.45 -0.85
CA GLY C 275 18.01 -22.85 -1.23
C GLY C 275 16.69 -23.20 -1.88
N GLY C 276 16.36 -24.48 -1.85
CA GLY C 276 15.12 -24.95 -2.45
C GLY C 276 15.38 -25.61 -3.78
N SER C 277 14.36 -26.22 -4.36
CA SER C 277 14.51 -26.85 -5.66
C SER C 277 14.09 -25.91 -6.77
N CYS C 278 14.02 -24.61 -6.50
CA CYS C 278 13.54 -23.71 -7.56
C CYS C 278 14.53 -22.65 -7.98
N PHE C 279 14.98 -21.80 -7.06
CA PHE C 279 15.90 -20.75 -7.40
C PHE C 279 17.23 -21.25 -7.98
N PRO C 280 17.89 -22.21 -7.30
CA PRO C 280 19.17 -22.60 -7.90
C PRO C 280 18.94 -23.28 -9.22
N LYS C 281 17.93 -24.15 -9.31
CA LYS C 281 17.64 -24.80 -10.58
C LYS C 281 17.35 -23.79 -11.70
N ASP C 282 16.47 -22.81 -11.43
CA ASP C 282 16.02 -21.92 -12.48
C ASP C 282 17.11 -20.93 -12.87
N VAL C 283 17.88 -20.40 -11.90
CA VAL C 283 18.98 -19.54 -12.35
C VAL C 283 20.07 -20.32 -13.10
N GLU C 284 20.39 -21.52 -12.64
CA GLU C 284 21.34 -22.36 -13.39
C GLU C 284 20.85 -22.66 -14.80
N ALA C 285 19.55 -22.95 -14.93
CA ALA C 285 18.98 -23.26 -16.25
C ALA C 285 19.14 -22.08 -17.22
N LEU C 286 18.87 -20.85 -16.74
CA LEU C 286 19.05 -19.66 -17.56
CA LEU C 286 19.04 -19.68 -17.59
C LEU C 286 20.49 -19.48 -17.95
N ILE C 287 21.39 -19.65 -16.97
CA ILE C 287 22.81 -19.45 -17.26
C ILE C 287 23.21 -20.45 -18.34
N ARG C 288 22.84 -21.70 -18.15
CA ARG C 288 23.28 -22.76 -19.07
C ARG C 288 22.75 -22.56 -20.48
N THR C 289 21.45 -22.32 -20.60
CA THR C 289 20.84 -22.11 -21.91
C THR C 289 21.40 -20.88 -22.62
N ALA C 290 21.62 -19.80 -21.85
CA ALA C 290 22.21 -18.63 -22.45
C ALA C 290 23.61 -18.95 -22.98
N ASP C 291 24.42 -19.64 -22.17
CA ASP C 291 25.78 -19.99 -22.61
C ASP C 291 25.70 -20.83 -23.89
N GLU C 292 24.64 -21.62 -24.01
CA GLU C 292 24.49 -22.49 -25.18
C GLU C 292 24.03 -21.74 -26.41
N HIS C 293 23.61 -20.49 -26.22
CA HIS C 293 23.31 -19.59 -27.32
C HIS C 293 24.37 -18.53 -27.46
N GLY C 294 25.53 -18.76 -26.85
CA GLY C 294 26.66 -17.86 -26.94
C GLY C 294 26.52 -16.53 -26.19
N GLN C 295 25.68 -16.51 -25.16
CA GLN C 295 25.51 -15.32 -24.32
C GLN C 295 25.87 -15.65 -22.87
N SER C 296 26.69 -14.83 -22.25
CA SER C 296 27.05 -15.01 -20.84
C SER C 296 26.16 -14.10 -20.01
N LEU C 297 25.36 -14.67 -19.12
CA LEU C 297 24.51 -13.82 -18.25
C LEU C 297 25.34 -13.38 -17.10
N GLN C 298 25.96 -12.20 -17.22
CA GLN C 298 26.93 -11.74 -16.22
C GLN C 298 26.29 -11.56 -14.86
N ILE C 299 25.11 -10.96 -14.82
CA ILE C 299 24.51 -10.70 -13.53
C ILE C 299 24.08 -12.03 -12.88
N LEU C 300 23.42 -12.91 -13.64
CA LEU C 300 22.98 -14.16 -12.99
C LEU C 300 24.18 -15.04 -12.58
N LYS C 301 25.24 -15.04 -13.36
CA LYS C 301 26.45 -15.74 -12.92
C LYS C 301 27.01 -15.17 -11.62
N ALA C 302 26.96 -13.85 -11.44
CA ALA C 302 27.38 -13.23 -10.19
C ALA C 302 26.41 -13.59 -9.06
N VAL C 303 25.11 -13.58 -9.34
CA VAL C 303 24.19 -13.93 -8.24
C VAL C 303 24.37 -15.36 -7.75
N SER C 304 24.59 -16.29 -8.68
CA SER C 304 24.83 -17.70 -8.32
C SER C 304 26.16 -17.85 -7.54
N SER C 305 27.19 -17.14 -8.00
CA SER C 305 28.49 -17.15 -7.30
C SER C 305 28.37 -16.60 -5.88
N VAL C 306 27.68 -15.45 -5.72
CA VAL C 306 27.56 -14.94 -4.37
C VAL C 306 26.76 -15.89 -3.47
N ASN C 307 25.76 -16.58 -4.03
CA ASN C 307 24.98 -17.49 -3.17
C ASN C 307 25.83 -18.68 -2.73
N ALA C 308 26.70 -19.17 -3.62
CA ALA C 308 27.61 -20.26 -3.24
C ALA C 308 28.54 -19.81 -2.11
N THR C 309 29.09 -18.60 -2.24
CA THR C 309 29.92 -18.07 -1.16
C THR C 309 29.17 -17.84 0.16
N GLN C 310 27.94 -17.34 0.04
CA GLN C 310 27.15 -17.02 1.25
C GLN C 310 26.85 -18.28 2.06
N LYS C 311 26.73 -19.43 1.39
CA LYS C 311 26.47 -20.67 2.10
C LYS C 311 27.66 -21.15 2.92
N ARG C 312 28.81 -20.49 2.76
CA ARG C 312 30.03 -20.77 3.54
C ARG C 312 30.22 -19.81 4.71
N VAL C 313 29.40 -18.77 4.78
CA VAL C 313 29.67 -17.68 5.72
C VAL C 313 29.55 -18.09 7.18
N LEU C 314 28.55 -18.89 7.52
CA LEU C 314 28.37 -19.30 8.92
C LEU C 314 29.57 -20.13 9.41
N ALA C 315 29.99 -21.10 8.61
CA ALA C 315 31.15 -21.91 8.99
C ALA C 315 32.39 -21.04 9.09
N ASP C 316 32.53 -20.10 8.15
CA ASP C 316 33.65 -19.15 8.20
C ASP C 316 33.72 -18.40 9.53
N LYS C 317 32.57 -17.91 9.98
CA LYS C 317 32.50 -17.18 11.26
C LYS C 317 32.84 -18.06 12.43
N ILE C 318 32.38 -19.31 12.35
CA ILE C 318 32.60 -20.29 13.40
C ILE C 318 34.10 -20.62 13.50
N VAL C 319 34.73 -20.77 12.35
CA VAL C 319 36.17 -21.00 12.30
C VAL C 319 36.98 -19.79 12.80
N ALA C 320 36.53 -18.59 12.44
CA ALA C 320 37.18 -17.37 12.94
C ALA C 320 37.11 -17.30 14.46
N ARG C 321 36.01 -17.77 15.04
CA ARG C 321 35.80 -17.69 16.48
C ARG C 321 36.40 -18.84 17.31
N PHE C 322 36.42 -20.05 16.75
CA PHE C 322 36.86 -21.22 17.51
C PHE C 322 38.09 -21.95 16.96
N GLY C 323 38.48 -21.62 15.74
CA GLY C 323 39.66 -22.21 15.13
C GLY C 323 39.30 -23.17 14.01
N GLU C 324 40.30 -23.56 13.24
CA GLU C 324 40.05 -24.40 12.08
C GLU C 324 39.76 -25.88 12.42
N ASP C 325 40.22 -26.32 13.58
CA ASP C 325 40.00 -27.69 14.03
C ASP C 325 38.90 -27.67 15.08
N LEU C 326 37.73 -28.23 14.75
CA LEU C 326 36.58 -28.14 15.63
C LEU C 326 36.38 -29.45 16.37
N THR C 327 37.39 -30.33 16.34
CA THR C 327 37.33 -31.54 17.17
C THR C 327 37.19 -31.13 18.65
N GLY C 328 36.23 -31.72 19.37
CA GLY C 328 36.02 -31.32 20.75
C GLY C 328 35.02 -30.18 20.93
N ARG C 329 34.48 -29.69 19.82
CA ARG C 329 33.40 -28.69 19.84
C ARG C 329 32.07 -29.36 19.53
N THR C 330 31.00 -28.77 20.04
CA THR C 330 29.64 -29.20 19.73
C THR C 330 28.82 -28.00 19.29
N PHE C 331 28.12 -28.11 18.16
CA PHE C 331 27.25 -27.03 17.75
C PHE C 331 25.80 -27.47 17.66
N ALA C 332 24.91 -26.67 18.23
CA ALA C 332 23.47 -26.87 18.07
C ALA C 332 23.05 -26.15 16.80
N ILE C 333 22.22 -26.79 15.98
CA ILE C 333 21.74 -26.15 14.75
C ILE C 333 20.21 -26.04 14.82
N TRP C 334 19.70 -24.82 14.70
CA TRP C 334 18.25 -24.57 14.68
C TRP C 334 17.85 -24.26 13.26
N GLY C 335 17.09 -25.19 12.66
CA GLY C 335 16.62 -25.07 11.29
C GLY C 335 17.38 -25.96 10.34
N LEU C 336 16.66 -26.79 9.58
CA LEU C 336 17.25 -27.67 8.57
C LEU C 336 16.63 -27.47 7.19
N ALA C 337 15.30 -27.35 7.14
CA ALA C 337 14.62 -27.17 5.87
C ALA C 337 15.17 -25.91 5.16
N PHE C 338 15.06 -25.87 3.85
CA PHE C 338 15.62 -24.72 3.12
C PHE C 338 14.92 -23.40 3.42
N LYS C 339 13.68 -23.49 3.88
CA LYS C 339 12.93 -22.31 4.34
C LYS C 339 11.98 -22.82 5.40
N PRO C 340 11.32 -21.91 6.14
CA PRO C 340 10.36 -22.39 7.15
C PRO C 340 9.10 -22.96 6.48
N ASN C 341 8.38 -23.79 7.23
CA ASN C 341 7.05 -24.30 6.85
C ASN C 341 7.09 -25.37 5.74
N THR C 342 8.17 -26.14 5.68
CA THR C 342 8.28 -27.26 4.75
C THR C 342 9.28 -28.29 5.30
N ASP C 343 9.19 -29.55 4.83
CA ASP C 343 10.25 -30.52 5.12
C ASP C 343 11.30 -30.64 4.00
N ASP C 344 11.19 -29.78 2.98
CA ASP C 344 12.03 -29.86 1.78
C ASP C 344 13.47 -29.44 2.10
N MET C 345 14.40 -30.33 1.75
CA MET C 345 15.79 -30.16 2.12
C MET C 345 16.60 -29.82 0.88
N ARG C 346 15.96 -29.72 -0.28
CA ARG C 346 16.73 -29.47 -1.52
C ARG C 346 17.55 -28.19 -1.47
N GLU C 347 18.84 -28.30 -1.78
CA GLU C 347 19.74 -27.17 -1.76
C GLU C 347 19.75 -26.40 -0.45
N ALA C 348 19.42 -27.06 0.66
CA ALA C 348 19.32 -26.34 1.93
C ALA C 348 20.70 -25.84 2.42
N PRO C 349 20.80 -24.56 2.80
CA PRO C 349 22.05 -24.08 3.41
C PRO C 349 22.53 -24.92 4.59
N SER C 350 21.59 -25.51 5.33
CA SER C 350 21.97 -26.34 6.49
C SER C 350 22.86 -27.50 6.09
N ARG C 351 22.69 -28.03 4.87
CA ARG C 351 23.45 -29.20 4.47
C ARG C 351 24.91 -28.85 4.29
N GLU C 352 25.18 -27.68 3.74
CA GLU C 352 26.55 -27.25 3.51
C GLU C 352 27.22 -26.91 4.83
N LEU C 353 26.49 -26.21 5.70
CA LEU C 353 27.01 -25.84 7.01
C LEU C 353 27.36 -27.10 7.79
N ILE C 354 26.44 -28.07 7.80
CA ILE C 354 26.67 -29.25 8.65
C ILE C 354 27.86 -30.07 8.10
N ALA C 355 27.95 -30.13 6.79
CA ALA C 355 29.05 -30.87 6.18
C ALA C 355 30.37 -30.20 6.55
N GLU C 356 30.41 -28.87 6.46
CA GLU C 356 31.66 -28.16 6.74
C GLU C 356 32.07 -28.33 8.20
N LEU C 357 31.14 -28.16 9.13
CA LEU C 357 31.45 -28.36 10.55
C LEU C 357 31.87 -29.77 10.87
N LEU C 358 31.16 -30.77 10.35
CA LEU C 358 31.56 -32.17 10.65
C LEU C 358 32.91 -32.46 10.06
N SER C 359 33.18 -31.91 8.88
CA SER C 359 34.46 -32.19 8.21
C SER C 359 35.63 -31.71 9.07
N ARG C 360 35.36 -30.75 9.95
CA ARG C 360 36.38 -30.19 10.82
C ARG C 360 36.41 -30.85 12.21
N GLY C 361 35.63 -31.91 12.39
CA GLY C 361 35.70 -32.65 13.62
C GLY C 361 34.59 -32.36 14.61
N ALA C 362 33.73 -31.39 14.29
CA ALA C 362 32.70 -30.97 15.26
C ALA C 362 31.68 -32.08 15.49
N ARG C 363 31.07 -32.07 16.68
CA ARG C 363 29.79 -32.76 16.89
C ARG C 363 28.63 -31.81 16.66
N ILE C 364 27.53 -32.33 16.13
CA ILE C 364 26.40 -31.51 15.73
C ILE C 364 25.12 -32.12 16.26
N ALA C 365 24.27 -31.29 16.86
CA ALA C 365 22.94 -31.72 17.25
C ALA C 365 21.94 -30.79 16.62
N ALA C 366 21.09 -31.34 15.77
CA ALA C 366 20.25 -30.49 14.92
C ALA C 366 18.76 -30.64 15.23
N TYR C 367 18.01 -29.55 15.10
CA TYR C 367 16.59 -29.58 15.35
C TYR C 367 15.86 -28.85 14.23
N ASP C 368 14.76 -29.40 13.77
CA ASP C 368 13.83 -28.67 12.89
C ASP C 368 12.42 -29.19 13.24
N PRO C 369 11.42 -28.30 13.25
CA PRO C 369 10.05 -28.69 13.61
C PRO C 369 9.46 -29.81 12.75
N VAL C 370 9.87 -29.90 11.49
CA VAL C 370 9.28 -30.93 10.62
C VAL C 370 10.25 -31.67 9.72
N ALA C 371 11.43 -31.12 9.52
CA ALA C 371 12.33 -31.67 8.50
C ALA C 371 13.37 -32.69 8.98
N GLN C 372 13.28 -33.14 10.23
CA GLN C 372 14.31 -34.02 10.78
C GLN C 372 14.50 -35.30 9.97
N GLU C 373 13.41 -35.96 9.59
CA GLU C 373 13.52 -37.23 8.87
C GLU C 373 14.18 -37.04 7.49
N GLU C 374 13.72 -36.00 6.76
CA GLU C 374 14.26 -35.68 5.45
C GLU C 374 15.73 -35.31 5.56
N ALA C 375 16.07 -34.54 6.57
CA ALA C 375 17.43 -34.08 6.76
C ALA C 375 18.36 -35.27 7.02
N ARG C 376 17.95 -36.14 7.94
CA ARG C 376 18.73 -37.36 8.17
C ARG C 376 18.99 -38.14 6.86
N ARG C 377 17.93 -38.31 6.07
CA ARG C 377 18.01 -39.05 4.82
C ARG C 377 19.00 -38.47 3.84
N VAL C 378 18.91 -37.16 3.69
CA VAL C 378 19.62 -36.48 2.64
C VAL C 378 21.06 -36.20 3.09
N ILE C 379 21.24 -35.92 4.38
CA ILE C 379 22.59 -35.69 4.83
C ILE C 379 23.39 -37.02 4.86
N ALA C 380 22.72 -38.12 5.20
CA ALA C 380 23.40 -39.43 5.09
C ALA C 380 23.87 -39.68 3.65
N LEU C 381 23.10 -39.25 2.66
CA LEU C 381 23.57 -39.39 1.27
C LEU C 381 24.74 -38.46 0.97
N ASP C 382 24.62 -37.18 1.35
CA ASP C 382 25.66 -36.18 1.16
C ASP C 382 27.02 -36.70 1.67
N LEU C 383 26.98 -37.34 2.84
CA LEU C 383 28.20 -37.63 3.56
C LEU C 383 28.45 -39.12 3.59
N ALA C 384 27.90 -39.82 2.60
CA ALA C 384 28.02 -41.28 2.53
C ALA C 384 29.45 -41.79 2.57
N ASP C 385 30.38 -41.01 2.05
CA ASP C 385 31.80 -41.40 2.07
C ASP C 385 32.50 -41.20 3.41
N HIS C 386 31.78 -40.65 4.41
CA HIS C 386 32.42 -40.33 5.67
C HIS C 386 31.57 -40.77 6.84
N PRO C 387 31.48 -42.08 7.04
CA PRO C 387 30.68 -42.56 8.17
C PRO C 387 31.12 -42.02 9.52
N SER C 388 32.41 -41.70 9.71
CA SER C 388 32.83 -41.14 11.01
C SER C 388 32.25 -39.75 11.27
N TRP C 389 32.02 -39.00 10.20
CA TRP C 389 31.39 -37.69 10.31
C TRP C 389 29.92 -37.89 10.68
N LEU C 390 29.25 -38.84 10.02
CA LEU C 390 27.83 -39.09 10.33
C LEU C 390 27.60 -39.54 11.77
N GLU C 391 28.54 -40.30 12.34
CA GLU C 391 28.40 -40.64 13.74
C GLU C 391 28.41 -39.44 14.69
N ARG C 392 28.95 -38.32 14.24
CA ARG C 392 28.99 -37.12 15.07
C ARG C 392 27.79 -36.21 14.88
N LEU C 393 26.82 -36.66 14.09
CA LEU C 393 25.59 -35.89 13.83
C LEU C 393 24.42 -36.58 14.50
N SER C 394 23.65 -35.83 15.30
CA SER C 394 22.43 -36.37 15.89
C SER C 394 21.34 -35.34 15.70
N PHE C 395 20.10 -35.81 15.80
CA PHE C 395 18.94 -34.95 15.65
C PHE C 395 18.11 -35.08 16.91
N VAL C 396 17.68 -33.94 17.47
CA VAL C 396 16.94 -33.92 18.72
C VAL C 396 15.48 -33.46 18.49
N ASP C 397 14.58 -33.88 19.36
CA ASP C 397 13.16 -33.61 19.14
C ASP C 397 12.67 -32.33 19.83
N ASP C 398 13.55 -31.75 20.63
CA ASP C 398 13.21 -30.54 21.35
C ASP C 398 14.28 -29.49 21.06
N GLU C 399 13.87 -28.24 20.81
CA GLU C 399 14.85 -27.24 20.35
C GLU C 399 15.92 -26.94 21.40
N ALA C 400 15.54 -26.89 22.67
CA ALA C 400 16.54 -26.54 23.68
C ALA C 400 17.51 -27.70 23.85
N GLN C 401 17.00 -28.92 23.76
CA GLN C 401 17.86 -30.08 23.95
C GLN C 401 19.06 -30.09 22.98
N ALA C 402 18.93 -29.47 21.82
CA ALA C 402 20.06 -29.45 20.89
C ALA C 402 21.24 -28.69 21.48
N ALA C 403 20.99 -27.81 22.43
CA ALA C 403 22.05 -26.96 22.96
C ALA C 403 22.85 -27.62 24.10
N ARG C 404 22.54 -28.86 24.44
CA ARG C 404 23.25 -29.53 25.53
C ARG C 404 24.76 -29.65 25.26
N ASP C 405 25.54 -28.98 26.11
CA ASP C 405 27.00 -28.95 26.04
C ASP C 405 27.53 -28.26 24.78
N ALA C 406 26.72 -27.38 24.19
CA ALA C 406 27.10 -26.80 22.91
C ALA C 406 28.01 -25.59 23.10
N ASP C 407 29.02 -25.50 22.26
CA ASP C 407 29.86 -24.32 22.24
C ASP C 407 29.14 -23.09 21.66
N ALA C 408 28.16 -23.33 20.80
CA ALA C 408 27.43 -22.24 20.12
C ALA C 408 26.18 -22.83 19.51
N LEU C 409 25.18 -21.98 19.34
CA LEU C 409 23.95 -22.32 18.66
C LEU C 409 24.00 -21.60 17.30
N VAL C 410 23.58 -22.29 16.24
CA VAL C 410 23.58 -21.68 14.91
C VAL C 410 22.17 -21.70 14.34
N ILE C 411 21.65 -20.54 14.00
CA ILE C 411 20.32 -20.45 13.41
C ILE C 411 20.39 -20.37 11.89
N VAL C 412 19.72 -21.31 11.23
CA VAL C 412 19.80 -21.45 9.79
C VAL C 412 18.48 -21.21 9.08
N THR C 413 17.36 -21.49 9.73
CA THR C 413 16.06 -21.38 9.07
C THR C 413 15.08 -20.74 10.06
N GLU C 414 14.45 -19.64 9.64
CA GLU C 414 13.73 -18.80 10.58
C GLU C 414 12.32 -19.27 10.91
N TRP C 415 12.17 -20.55 11.25
CA TRP C 415 10.91 -21.01 11.84
C TRP C 415 10.45 -20.11 12.98
N LYS C 416 9.15 -19.83 13.01
CA LYS C 416 8.58 -18.92 14.01
C LYS C 416 8.96 -19.28 15.43
N ILE C 417 9.04 -20.58 15.72
CA ILE C 417 9.37 -21.02 17.07
C ILE C 417 10.69 -20.42 17.59
N PHE C 418 11.66 -20.21 16.68
CA PHE C 418 12.97 -19.73 17.11
C PHE C 418 12.95 -18.23 17.47
N LYS C 419 11.88 -17.52 17.13
CA LYS C 419 11.87 -16.07 17.34
C LYS C 419 11.65 -15.75 18.81
N SER C 420 11.29 -16.75 19.60
CA SER C 420 11.02 -16.54 21.03
C SER C 420 11.73 -17.57 21.91
N PRO C 421 13.07 -17.56 21.89
CA PRO C 421 13.86 -18.53 22.64
C PRO C 421 13.66 -18.40 24.14
N ASP C 422 13.71 -19.54 24.83
CA ASP C 422 13.66 -19.58 26.29
C ASP C 422 15.10 -19.67 26.77
N PHE C 423 15.67 -18.52 27.10
CA PHE C 423 17.08 -18.49 27.47
C PHE C 423 17.39 -19.14 28.84
N VAL C 424 16.38 -19.31 29.67
CA VAL C 424 16.57 -20.05 30.91
C VAL C 424 16.78 -21.52 30.60
N ALA C 425 15.93 -22.08 29.74
CA ALA C 425 16.14 -23.48 29.29
C ALA C 425 17.51 -23.64 28.61
N LEU C 426 17.82 -22.75 27.68
CA LEU C 426 19.13 -22.81 27.02
C LEU C 426 20.30 -22.67 28.00
N GLY C 427 20.11 -21.85 29.02
CA GLY C 427 21.16 -21.65 30.01
C GLY C 427 21.40 -22.86 30.89
N ARG C 428 20.39 -23.72 31.00
CA ARG C 428 20.58 -24.94 31.79
C ARG C 428 21.36 -25.99 31.00
N LEU C 429 21.62 -25.68 29.73
CA LEU C 429 22.15 -26.67 28.79
C LEU C 429 23.49 -26.37 28.08
N TRP C 430 23.68 -25.15 27.55
CA TRP C 430 24.86 -24.89 26.70
C TRP C 430 26.16 -24.59 27.45
N LYS C 431 27.30 -24.83 26.81
CA LYS C 431 28.60 -24.59 27.45
C LYS C 431 28.98 -23.12 27.47
N THR C 432 28.78 -22.43 26.35
CA THR C 432 29.04 -20.98 26.25
C THR C 432 27.91 -20.32 25.46
N PRO C 433 27.46 -19.12 25.88
CA PRO C 433 26.27 -18.49 25.30
C PRO C 433 26.62 -17.74 24.03
N VAL C 434 26.86 -18.49 22.95
CA VAL C 434 27.30 -17.91 21.68
C VAL C 434 26.30 -18.33 20.63
N ILE C 435 25.82 -17.36 19.85
CA ILE C 435 24.86 -17.61 18.76
C ILE C 435 25.37 -17.06 17.46
N PHE C 436 25.34 -17.89 16.42
CA PHE C 436 25.64 -17.42 15.07
C PHE C 436 24.31 -17.45 14.37
N ASP C 437 23.89 -16.32 13.83
CA ASP C 437 22.55 -16.21 13.28
C ASP C 437 22.59 -15.92 11.80
N GLY C 438 22.22 -16.92 11.01
CA GLY C 438 22.21 -16.76 9.58
C GLY C 438 20.92 -16.17 9.06
N ARG C 439 19.96 -15.87 9.94
CA ARG C 439 18.70 -15.24 9.50
C ARG C 439 18.35 -13.96 10.22
N ASN C 440 19.27 -13.43 11.03
CA ASN C 440 19.03 -12.14 11.71
C ASN C 440 17.68 -12.03 12.43
N LEU C 441 17.44 -12.95 13.34
CA LEU C 441 16.16 -12.98 14.10
C LEU C 441 16.06 -12.03 15.29
N TYR C 442 17.19 -11.72 15.91
CA TYR C 442 17.21 -10.96 17.15
C TYR C 442 17.89 -9.61 17.03
N GLU C 443 17.55 -8.69 17.93
CA GLU C 443 18.23 -7.39 17.96
C GLU C 443 19.51 -7.52 18.75
N PRO C 444 20.61 -6.99 18.19
CA PRO C 444 21.90 -7.19 18.86
C PRO C 444 21.94 -6.58 20.27
N GLU C 445 21.25 -5.46 20.46
CA GLU C 445 21.20 -4.84 21.78
C GLU C 445 20.48 -5.72 22.78
N THR C 446 19.42 -6.37 22.33
CA THR C 446 18.68 -7.28 23.20
C THR C 446 19.52 -8.47 23.59
N MET C 447 20.24 -9.00 22.62
CA MET C 447 21.22 -10.05 22.93
C MET C 447 22.29 -9.57 23.92
N SER C 448 22.74 -8.32 23.78
CA SER C 448 23.70 -7.81 24.76
C SER C 448 23.11 -7.86 26.17
N GLU C 449 21.85 -7.45 26.31
CA GLU C 449 21.18 -7.40 27.62
C GLU C 449 21.10 -8.78 28.26
N GLN C 450 21.03 -9.82 27.45
CA GLN C 450 20.85 -11.18 27.95
C GLN C 450 22.18 -11.90 28.15
N GLY C 451 23.29 -11.19 27.95
CA GLY C 451 24.61 -11.78 28.12
C GLY C 451 24.92 -12.82 27.04
N ILE C 452 24.38 -12.62 25.86
CA ILE C 452 24.62 -13.55 24.75
C ILE C 452 25.61 -12.96 23.75
N GLU C 453 26.61 -13.75 23.36
CA GLU C 453 27.58 -13.35 22.35
C GLU C 453 26.98 -13.65 20.97
N TYR C 454 26.60 -12.60 20.25
CA TYR C 454 25.71 -12.74 19.09
C TYR C 454 26.41 -12.28 17.81
N HIS C 455 26.40 -13.15 16.79
CA HIS C 455 27.10 -12.94 15.52
C HIS C 455 26.10 -13.02 14.36
N PRO C 456 25.48 -11.89 14.00
CA PRO C 456 24.49 -11.88 12.91
C PRO C 456 25.18 -11.63 11.56
N ILE C 457 24.39 -11.61 10.47
CA ILE C 457 24.95 -11.39 9.14
C ILE C 457 24.81 -9.91 8.79
N GLY C 458 25.94 -9.26 8.52
CA GLY C 458 25.90 -7.89 8.02
C GLY C 458 25.48 -6.82 9.02
N ARG C 459 25.59 -7.08 10.32
CA ARG C 459 25.26 -6.05 11.31
C ARG C 459 26.31 -6.18 12.40
N PRO C 460 26.54 -5.11 13.12
CA PRO C 460 27.41 -5.32 14.28
C PRO C 460 26.69 -6.24 15.28
N GLY C 461 27.43 -7.14 15.92
CA GLY C 461 26.81 -8.08 16.85
C GLY C 461 26.62 -7.49 18.24
N SER C 462 26.34 -8.35 19.21
CA SER C 462 26.19 -7.92 20.60
C SER C 462 27.55 -7.43 21.10
N ARG C 463 27.55 -6.69 22.22
CA ARG C 463 28.80 -6.19 22.77
C ARG C 463 29.74 -7.34 23.11
N GLN C 464 29.18 -8.44 23.62
CA GLN C 464 29.96 -9.63 23.94
C GLN C 464 30.63 -10.21 22.71
N ALA C 465 30.10 -9.87 21.53
CA ALA C 465 30.65 -10.41 20.28
C ALA C 465 31.70 -9.49 19.68
N GLY D 7 7.80 25.62 16.22
CA GLY D 7 7.53 25.28 14.84
C GLY D 7 8.68 25.59 13.89
N SER D 8 8.86 26.88 13.60
CA SER D 8 9.83 27.36 12.61
C SER D 8 11.28 27.41 13.12
N MET D 9 12.22 26.99 12.28
CA MET D 9 13.62 26.95 12.64
C MET D 9 14.47 27.78 11.68
N ASN D 10 15.62 28.24 12.17
CA ASN D 10 16.60 28.94 11.33
C ASN D 10 17.56 27.93 10.71
N LEU D 11 17.52 27.81 9.39
CA LEU D 11 18.30 26.81 8.68
C LEU D 11 19.24 27.48 7.70
N THR D 12 20.38 26.86 7.46
CA THR D 12 21.29 27.32 6.43
C THR D 12 21.55 26.17 5.48
N ILE D 13 21.52 26.44 4.17
CA ILE D 13 21.87 25.45 3.16
C ILE D 13 23.15 25.91 2.51
N ILE D 14 24.15 25.03 2.52
CA ILE D 14 25.43 25.35 1.90
C ILE D 14 25.51 24.68 0.55
N GLY D 15 25.55 25.51 -0.50
CA GLY D 15 25.52 25.00 -1.86
C GLY D 15 24.22 25.43 -2.49
N SER D 16 24.31 26.30 -3.48
CA SER D 16 23.13 26.77 -4.18
C SER D 16 22.91 25.97 -5.45
N GLY D 17 23.49 24.78 -5.49
CA GLY D 17 23.20 23.85 -6.57
C GLY D 17 21.80 23.24 -6.50
N TYR D 18 21.57 22.29 -7.38
CA TYR D 18 20.28 21.63 -7.52
C TYR D 18 19.67 21.07 -6.20
N VAL D 19 20.39 20.17 -5.55
CA VAL D 19 19.94 19.61 -4.28
C VAL D 19 19.73 20.74 -3.25
N GLY D 20 20.66 21.69 -3.21
CA GLY D 20 20.59 22.72 -2.20
C GLY D 20 19.45 23.69 -2.42
N LEU D 21 19.22 24.03 -3.68
CA LEU D 21 18.18 25.01 -3.99
C LEU D 21 16.81 24.47 -3.73
N VAL D 22 16.59 23.22 -4.15
CA VAL D 22 15.28 22.61 -3.95
C VAL D 22 15.04 22.42 -2.45
N THR D 23 16.04 21.88 -1.74
CA THR D 23 15.91 21.69 -0.30
C THR D 23 15.63 23.00 0.45
N GLY D 24 16.41 24.02 0.12
CA GLY D 24 16.28 25.29 0.79
C GLY D 24 14.95 25.95 0.48
N ALA D 25 14.60 25.99 -0.80
CA ALA D 25 13.35 26.63 -1.22
C ALA D 25 12.14 25.92 -0.59
N CYS D 26 12.11 24.60 -0.63
CA CYS D 26 10.96 23.88 -0.08
C CYS D 26 10.89 23.90 1.44
N LEU D 27 12.04 23.97 2.11
CA LEU D 27 11.99 24.09 3.57
C LEU D 27 11.53 25.48 3.98
N ALA D 28 11.89 26.49 3.20
CA ALA D 28 11.39 27.84 3.45
C ALA D 28 9.87 27.83 3.27
N ASP D 29 9.44 27.02 2.32
CA ASP D 29 8.03 27.04 1.92
C ASP D 29 7.10 26.43 2.99
N ILE D 30 7.66 25.59 3.86
CA ILE D 30 6.88 25.08 5.00
C ILE D 30 7.02 25.93 6.25
N GLY D 31 7.74 27.04 6.16
CA GLY D 31 7.72 28.01 7.23
C GLY D 31 9.06 28.25 7.90
N HIS D 32 10.09 27.51 7.51
CA HIS D 32 11.42 27.74 8.13
C HIS D 32 12.07 29.00 7.54
N ASP D 33 13.06 29.57 8.24
CA ASP D 33 13.75 30.80 7.78
C ASP D 33 15.12 30.39 7.22
N VAL D 34 15.31 30.48 5.90
CA VAL D 34 16.40 29.75 5.24
C VAL D 34 17.44 30.68 4.62
N PHE D 35 18.72 30.45 4.93
CA PHE D 35 19.85 31.21 4.37
C PHE D 35 20.58 30.27 3.41
N CYS D 36 20.59 30.59 2.12
CA CYS D 36 21.28 29.75 1.15
C CYS D 36 22.64 30.35 0.84
N LEU D 37 23.70 29.64 1.20
CA LEU D 37 25.05 30.14 1.02
C LEU D 37 25.70 29.50 -0.20
N ASP D 38 26.36 30.30 -1.02
CA ASP D 38 27.23 29.78 -2.03
C ASP D 38 28.36 30.78 -2.15
N VAL D 39 29.57 30.30 -2.37
CA VAL D 39 30.72 31.19 -2.47
C VAL D 39 30.76 31.90 -3.83
N ASP D 40 30.15 31.29 -4.84
CA ASP D 40 30.11 31.86 -6.19
C ASP D 40 29.16 33.06 -6.30
N GLN D 41 29.72 34.27 -6.31
CA GLN D 41 28.91 35.48 -6.35
C GLN D 41 28.01 35.55 -7.59
N ALA D 42 28.51 35.02 -8.70
CA ALA D 42 27.76 35.04 -9.96
C ALA D 42 26.43 34.29 -9.83
N LYS D 43 26.49 33.10 -9.25
CA LYS D 43 25.30 32.26 -9.07
C LYS D 43 24.34 32.95 -8.11
N ILE D 44 24.90 33.47 -7.02
CA ILE D 44 24.10 34.17 -6.03
C ILE D 44 23.44 35.36 -6.69
N ASP D 45 24.21 36.12 -7.47
CA ASP D 45 23.62 37.25 -8.17
C ASP D 45 22.46 36.81 -9.07
N ILE D 46 22.65 35.74 -9.83
CA ILE D 46 21.58 35.21 -10.68
C ILE D 46 20.31 34.86 -9.90
N LEU D 47 20.48 34.29 -8.71
CA LEU D 47 19.33 33.92 -7.89
C LEU D 47 18.62 35.13 -7.31
N ASN D 48 19.39 36.12 -6.88
CA ASN D 48 18.81 37.37 -6.36
C ASN D 48 18.18 38.28 -7.43
N ASN D 49 18.40 37.97 -8.70
CA ASN D 49 17.73 38.69 -9.79
C ASN D 49 16.56 37.87 -10.34
N GLY D 50 16.17 36.84 -9.60
CA GLY D 50 14.94 36.12 -9.89
C GLY D 50 15.10 35.04 -10.94
N GLY D 51 16.34 34.69 -11.26
CA GLY D 51 16.61 33.63 -12.20
C GLY D 51 16.86 32.28 -11.53
N VAL D 52 16.85 31.23 -12.33
CA VAL D 52 17.10 29.89 -11.83
C VAL D 52 17.97 29.12 -12.83
N PRO D 53 19.20 28.78 -12.41
CA PRO D 53 20.20 28.12 -13.25
C PRO D 53 19.88 26.67 -13.60
N ILE D 54 18.72 26.15 -13.20
CA ILE D 54 18.39 24.75 -13.51
C ILE D 54 16.99 24.53 -14.11
N HIS D 55 16.83 23.43 -14.85
CA HIS D 55 15.52 23.04 -15.43
C HIS D 55 14.68 22.33 -14.36
N GLU D 56 13.97 23.10 -13.54
CA GLU D 56 13.23 22.51 -12.42
C GLU D 56 11.83 23.12 -12.26
N PRO D 57 10.83 22.42 -12.80
CA PRO D 57 9.41 22.82 -12.73
C PRO D 57 9.00 23.30 -11.33
N GLY D 58 8.37 24.47 -11.25
CA GLY D 58 7.81 24.92 -9.99
C GLY D 58 8.83 25.61 -9.08
N LEU D 59 10.13 25.46 -9.36
CA LEU D 59 11.13 25.96 -8.41
C LEU D 59 11.21 27.49 -8.38
N LYS D 60 11.10 28.12 -9.56
CA LYS D 60 11.22 29.56 -9.60
C LYS D 60 10.12 30.19 -8.77
N GLU D 61 8.91 29.66 -8.88
CA GLU D 61 7.80 30.25 -8.14
C GLU D 61 7.90 29.99 -6.63
N VAL D 62 8.44 28.83 -6.24
CA VAL D 62 8.68 28.62 -4.81
C VAL D 62 9.74 29.58 -4.25
N ILE D 63 10.83 29.74 -4.99
CA ILE D 63 11.86 30.70 -4.59
C ILE D 63 11.23 32.09 -4.48
N ALA D 64 10.45 32.47 -5.50
CA ALA D 64 9.90 33.83 -5.54
C ALA D 64 9.05 34.14 -4.32
N ARG D 65 8.11 33.25 -4.00
CA ARG D 65 7.19 33.53 -2.90
C ARG D 65 7.88 33.51 -1.53
N ASN D 66 8.91 32.68 -1.40
CA ASN D 66 9.63 32.69 -0.14
C ASN D 66 10.62 33.83 0.07
N ARG D 67 11.21 34.32 -1.02
CA ARG D 67 12.02 35.53 -0.96
C ARG D 67 11.14 36.70 -0.53
N SER D 68 9.94 36.77 -1.10
CA SER D 68 9.01 37.86 -0.78
C SER D 68 8.51 37.80 0.64
N ALA D 69 8.30 36.59 1.14
CA ALA D 69 7.89 36.36 2.53
C ALA D 69 9.00 36.57 3.55
N GLY D 70 10.21 36.83 3.07
CA GLY D 70 11.36 37.00 3.96
C GLY D 70 11.87 35.71 4.59
N ARG D 71 11.60 34.57 3.95
CA ARG D 71 12.03 33.28 4.50
C ARG D 71 13.20 32.67 3.72
N LEU D 72 13.69 33.36 2.70
CA LEU D 72 14.73 32.76 1.85
C LEU D 72 15.67 33.86 1.40
N ARG D 73 16.95 33.69 1.67
CA ARG D 73 17.97 34.67 1.29
C ARG D 73 19.15 33.97 0.59
N PHE D 74 19.77 34.64 -0.37
CA PHE D 74 20.91 34.08 -1.11
C PHE D 74 22.12 34.96 -0.91
N SER D 75 23.20 34.38 -0.41
CA SER D 75 24.36 35.18 -0.02
C SER D 75 25.67 34.41 -0.14
N THR D 76 26.76 35.14 -0.31
CA THR D 76 28.09 34.53 -0.29
C THR D 76 28.74 34.74 1.08
N ASP D 77 28.00 35.34 2.01
CA ASP D 77 28.55 35.70 3.31
C ASP D 77 28.64 34.50 4.28
N ILE D 78 29.81 33.88 4.33
CA ILE D 78 30.01 32.64 5.09
C ILE D 78 29.72 32.84 6.58
N GLU D 79 30.23 33.93 7.16
CA GLU D 79 29.99 34.17 8.58
C GLU D 79 28.52 34.35 8.94
N ALA D 80 27.82 35.16 8.15
CA ALA D 80 26.40 35.36 8.36
C ALA D 80 25.69 34.00 8.23
N ALA D 81 26.16 33.15 7.32
CA ALA D 81 25.48 31.83 7.13
C ALA D 81 25.64 30.96 8.38
N VAL D 82 26.82 30.97 8.98
CA VAL D 82 27.05 30.15 10.15
C VAL D 82 26.26 30.65 11.36
N ALA D 83 26.16 31.96 11.48
CA ALA D 83 25.48 32.53 12.62
C ALA D 83 23.98 32.31 12.51
N HIS D 84 23.49 32.31 11.27
CA HIS D 84 22.04 32.22 11.07
C HIS D 84 21.50 30.85 11.49
N GLY D 85 22.15 29.80 10.99
CA GLY D 85 21.57 28.47 10.96
C GLY D 85 21.96 27.61 12.14
N ASP D 86 20.96 27.19 12.91
CA ASP D 86 21.13 26.18 13.96
C ASP D 86 21.36 24.80 13.35
N VAL D 87 20.79 24.59 12.18
CA VAL D 87 21.02 23.37 11.41
C VAL D 87 21.68 23.81 10.11
N GLN D 88 22.80 23.17 9.77
CA GLN D 88 23.60 23.55 8.60
C GLN D 88 23.60 22.39 7.64
N PHE D 89 22.95 22.53 6.49
CA PHE D 89 22.92 21.48 5.49
C PHE D 89 24.08 21.62 4.55
N ILE D 90 24.94 20.61 4.50
CA ILE D 90 26.01 20.63 3.49
C ILE D 90 25.46 19.98 2.23
N ALA D 91 25.31 20.80 1.19
CA ALA D 91 24.71 20.34 -0.06
C ALA D 91 25.60 20.70 -1.22
N VAL D 92 26.91 20.72 -0.97
CA VAL D 92 27.87 21.13 -2.02
C VAL D 92 28.19 19.95 -2.93
N GLY D 93 28.66 20.22 -4.13
CA GLY D 93 28.99 19.11 -5.03
C GLY D 93 30.13 18.23 -4.52
N THR D 94 30.31 17.07 -5.16
CA THR D 94 31.52 16.29 -4.95
C THR D 94 32.07 15.79 -6.29
N PRO D 95 32.46 16.74 -7.16
CA PRO D 95 32.93 16.41 -8.51
C PRO D 95 34.08 15.39 -8.49
N PRO D 96 34.32 14.73 -9.64
CA PRO D 96 35.44 13.79 -9.77
C PRO D 96 36.79 14.51 -9.66
N ASP D 103 35.82 13.69 -4.80
CA ASP D 103 36.55 14.79 -4.14
C ASP D 103 35.69 15.43 -3.06
N LEU D 104 36.13 15.29 -1.82
CA LEU D 104 35.36 15.80 -0.69
C LEU D 104 35.89 17.12 -0.16
N GLN D 105 36.76 17.79 -0.91
CA GLN D 105 37.36 19.03 -0.40
C GLN D 105 36.31 20.08 -0.11
N TYR D 106 35.25 20.14 -0.93
CA TYR D 106 34.22 21.14 -0.71
C TYR D 106 33.36 20.83 0.49
N VAL D 107 32.98 19.57 0.71
CA VAL D 107 32.22 19.31 1.93
C VAL D 107 33.10 19.55 3.15
N LEU D 108 34.38 19.19 3.07
CA LEU D 108 35.27 19.44 4.20
C LEU D 108 35.52 20.93 4.43
N ALA D 109 35.64 21.72 3.37
CA ALA D 109 35.78 23.18 3.54
C ALA D 109 34.54 23.82 4.18
N ALA D 110 33.34 23.36 3.78
CA ALA D 110 32.11 23.80 4.42
C ALA D 110 32.12 23.47 5.93
N ALA D 111 32.52 22.25 6.26
CA ALA D 111 32.59 21.82 7.64
C ALA D 111 33.54 22.72 8.43
N ARG D 112 34.72 22.96 7.89
CA ARG D 112 35.71 23.80 8.60
C ARG D 112 35.22 25.24 8.85
N ASN D 113 34.46 25.78 7.91
CA ASN D 113 33.90 27.11 8.10
C ASN D 113 32.86 27.12 9.21
N ILE D 114 32.06 26.05 9.31
CA ILE D 114 31.14 25.96 10.42
C ILE D 114 31.92 25.92 11.74
N GLY D 115 32.92 25.03 11.81
CA GLY D 115 33.69 24.94 13.02
C GLY D 115 34.45 26.22 13.39
N ARG D 116 34.91 26.94 12.39
CA ARG D 116 35.68 28.14 12.66
C ARG D 116 34.84 29.31 13.21
N TYR D 117 33.54 29.32 12.90
CA TYR D 117 32.70 30.44 13.31
C TYR D 117 31.58 30.15 14.31
N MET D 118 31.17 28.88 14.45
CA MET D 118 29.99 28.59 15.28
C MET D 118 30.15 29.03 16.72
N THR D 119 29.06 29.52 17.34
CA THR D 119 29.12 29.91 18.74
C THR D 119 28.08 29.23 19.63
N GLY D 120 27.40 28.23 19.10
CA GLY D 120 26.47 27.49 19.92
C GLY D 120 26.28 26.13 19.27
N PHE D 121 25.41 25.30 19.83
CA PHE D 121 25.22 23.96 19.26
C PHE D 121 24.82 24.01 17.80
N LYS D 122 25.39 23.12 17.00
CA LYS D 122 25.01 23.04 15.60
C LYS D 122 24.69 21.59 15.24
N VAL D 123 23.68 21.42 14.40
CA VAL D 123 23.49 20.12 13.76
C VAL D 123 24.03 20.33 12.36
N ILE D 124 25.02 19.53 11.97
CA ILE D 124 25.58 19.63 10.62
C ILE D 124 25.05 18.43 9.84
N VAL D 125 24.32 18.72 8.77
CA VAL D 125 23.63 17.70 7.99
C VAL D 125 24.31 17.44 6.64
N ASP D 126 24.80 16.22 6.45
CA ASP D 126 25.40 15.88 5.18
C ASP D 126 24.24 15.47 4.27
N LYS D 127 23.92 16.33 3.31
CA LYS D 127 22.75 16.12 2.46
C LYS D 127 23.19 15.69 1.06
N SER D 128 24.28 16.27 0.60
CA SER D 128 24.96 15.79 -0.60
C SER D 128 25.31 14.31 -0.49
N THR D 129 25.24 13.58 -1.60
CA THR D 129 25.62 12.15 -1.58
C THR D 129 27.11 12.05 -1.34
N VAL D 130 27.48 11.43 -0.22
CA VAL D 130 28.89 11.31 0.14
C VAL D 130 29.22 9.90 0.60
N PRO D 131 30.48 9.48 0.46
CA PRO D 131 30.81 8.08 0.78
C PRO D 131 30.59 7.75 2.23
N VAL D 132 30.37 6.47 2.51
CA VAL D 132 30.26 6.13 3.91
C VAL D 132 31.54 6.46 4.68
N GLY D 133 31.38 6.98 5.89
CA GLY D 133 32.54 7.47 6.62
C GLY D 133 32.78 8.97 6.48
N THR D 134 32.07 9.63 5.58
CA THR D 134 32.25 11.07 5.43
C THR D 134 31.85 11.86 6.67
N ALA D 135 30.76 11.45 7.31
CA ALA D 135 30.29 12.15 8.50
C ALA D 135 31.34 12.16 9.59
N GLU D 136 32.12 11.07 9.68
CA GLU D 136 33.24 11.04 10.63
C GLU D 136 34.34 12.02 10.28
N ARG D 137 34.61 12.20 8.99
CA ARG D 137 35.63 13.17 8.55
C ARG D 137 35.14 14.59 8.78
N VAL D 138 33.86 14.83 8.53
CA VAL D 138 33.27 16.13 8.82
C VAL D 138 33.38 16.41 10.32
N ARG D 139 33.05 15.42 11.15
CA ARG D 139 33.16 15.62 12.60
C ARG D 139 34.59 15.98 13.01
N ALA D 140 35.57 15.26 12.48
CA ALA D 140 36.97 15.53 12.82
C ALA D 140 37.37 16.95 12.40
N ALA D 141 36.96 17.36 11.21
CA ALA D 141 37.28 18.70 10.72
C ALA D 141 36.69 19.80 11.59
N VAL D 142 35.41 19.67 11.95
CA VAL D 142 34.79 20.67 12.82
C VAL D 142 35.48 20.68 14.20
N ALA D 143 35.70 19.50 14.74
CA ALA D 143 36.34 19.37 16.07
C ALA D 143 37.69 20.06 16.12
N GLU D 144 38.47 19.92 15.05
CA GLU D 144 39.79 20.53 15.08
C GLU D 144 39.68 22.05 15.00
N GLU D 145 38.68 22.55 14.27
CA GLU D 145 38.47 24.00 14.29
C GLU D 145 38.07 24.46 15.68
N LEU D 146 37.19 23.73 16.34
CA LEU D 146 36.81 24.09 17.71
C LEU D 146 37.99 24.08 18.69
N ALA D 147 38.88 23.09 18.53
CA ALA D 147 40.05 22.99 19.41
C ALA D 147 41.00 24.14 19.25
N LYS D 148 41.04 24.72 18.05
CA LYS D 148 41.88 25.92 17.84
C LYS D 148 41.33 27.10 18.61
N ARG D 149 40.03 27.09 18.85
CA ARG D 149 39.36 28.24 19.45
C ARG D 149 39.19 28.11 20.96
N GLY D 150 39.43 26.91 21.46
CA GLY D 150 39.38 26.62 22.87
C GLY D 150 37.97 26.49 23.40
N GLY D 151 37.00 26.56 22.48
CA GLY D 151 35.60 26.59 22.86
C GLY D 151 34.99 25.26 23.27
N ASP D 152 33.96 25.35 24.09
CA ASP D 152 33.25 24.17 24.60
C ASP D 152 32.09 23.75 23.68
N GLN D 153 31.77 24.57 22.69
CA GLN D 153 30.67 24.29 21.76
C GLN D 153 30.51 22.81 21.40
N MET D 154 29.27 22.35 21.34
CA MET D 154 28.91 20.96 21.05
C MET D 154 28.26 20.91 19.66
N PHE D 155 28.35 19.77 18.99
CA PHE D 155 27.68 19.64 17.70
C PHE D 155 27.49 18.17 17.38
N SER D 156 26.72 17.91 16.33
CA SER D 156 26.56 16.53 15.86
C SER D 156 26.41 16.55 14.36
N VAL D 157 27.03 15.55 13.70
CA VAL D 157 26.91 15.39 12.25
C VAL D 157 25.89 14.29 11.92
N VAL D 158 24.91 14.65 11.09
CA VAL D 158 23.77 13.78 10.75
C VAL D 158 23.90 13.49 9.27
N SER D 159 23.52 12.28 8.85
CA SER D 159 23.43 12.01 7.42
C SER D 159 21.96 12.07 7.04
N ASN D 160 21.63 12.88 6.02
CA ASN D 160 20.24 12.94 5.55
C ASN D 160 20.29 13.04 4.03
N PRO D 161 20.45 11.89 3.36
CA PRO D 161 20.61 11.87 1.89
C PRO D 161 19.40 12.45 1.16
N GLU D 162 19.64 12.77 -0.11
CA GLU D 162 18.62 13.28 -1.02
C GLU D 162 18.13 12.13 -1.91
N PHE D 163 16.82 12.12 -2.16
CA PHE D 163 16.18 11.20 -3.08
C PHE D 163 15.32 11.98 -4.06
N LEU D 164 15.94 12.96 -4.70
CA LEU D 164 15.20 13.78 -5.65
C LEU D 164 15.48 13.22 -7.04
N LYS D 165 14.59 13.48 -7.97
CA LYS D 165 14.81 13.15 -9.37
C LYS D 165 14.82 14.45 -10.13
N GLU D 166 15.89 14.72 -10.87
CA GLU D 166 15.91 15.90 -11.73
C GLU D 166 14.64 16.06 -12.54
N GLY D 167 14.11 17.29 -12.55
CA GLY D 167 12.92 17.58 -13.32
C GLY D 167 11.62 17.27 -12.61
N ALA D 168 11.72 16.63 -11.44
CA ALA D 168 10.54 16.33 -10.61
C ALA D 168 10.90 16.62 -9.15
N ALA D 169 11.89 17.46 -8.95
CA ALA D 169 12.51 17.53 -7.64
C ALA D 169 11.63 18.23 -6.61
N VAL D 170 10.88 19.23 -7.04
CA VAL D 170 10.03 19.92 -6.07
C VAL D 170 8.96 18.97 -5.53
N ASP D 171 8.28 18.22 -6.42
CA ASP D 171 7.30 17.23 -5.96
C ASP D 171 7.90 16.09 -5.11
N ASP D 172 9.08 15.60 -5.51
CA ASP D 172 9.75 14.55 -4.75
C ASP D 172 10.13 15.04 -3.35
N PHE D 173 10.52 16.31 -3.24
CA PHE D 173 10.87 16.82 -1.90
C PHE D 173 9.59 16.98 -1.07
N THR D 174 8.53 17.42 -1.70
CA THR D 174 7.36 17.85 -0.95
C THR D 174 6.51 16.66 -0.52
N ARG D 175 6.60 15.56 -1.28
CA ARG D 175 5.87 14.34 -0.92
C ARG D 175 6.79 13.13 -0.97
N PRO D 176 7.72 13.04 -0.02
CA PRO D 176 8.76 12.01 -0.19
C PRO D 176 8.24 10.62 0.18
N ASP D 177 8.81 9.59 -0.43
CA ASP D 177 8.51 8.23 0.00
C ASP D 177 8.98 7.96 1.44
N ARG D 178 10.17 8.43 1.76
CA ARG D 178 10.67 8.41 3.14
C ARG D 178 11.76 9.46 3.28
N ILE D 179 12.11 9.78 4.53
CA ILE D 179 13.18 10.73 4.81
C ILE D 179 14.16 9.96 5.63
N VAL D 180 15.38 9.79 5.15
CA VAL D 180 16.34 8.95 5.87
C VAL D 180 17.22 9.84 6.72
N ILE D 181 17.23 9.56 8.01
CA ILE D 181 18.06 10.32 8.95
C ILE D 181 18.99 9.41 9.74
N GLY D 182 20.29 9.59 9.55
CA GLY D 182 21.28 8.79 10.26
C GLY D 182 21.82 9.68 11.36
N CYS D 183 21.72 9.23 12.60
CA CYS D 183 22.16 10.04 13.73
C CYS D 183 22.91 9.20 14.76
N ASP D 184 23.87 9.81 15.47
CA ASP D 184 24.50 9.13 16.60
C ASP D 184 23.53 9.04 17.78
N ASP D 185 23.81 8.15 18.72
CA ASP D 185 22.91 8.00 19.87
C ASP D 185 23.55 8.45 21.17
N ASP D 186 24.61 9.23 21.05
CA ASP D 186 25.22 9.84 22.23
C ASP D 186 24.47 11.14 22.54
N VAL D 187 24.92 11.91 23.52
CA VAL D 187 24.10 13.03 23.96
C VAL D 187 23.90 14.06 22.85
N PRO D 188 24.98 14.45 22.16
CA PRO D 188 24.74 15.42 21.08
C PRO D 188 23.95 14.82 19.91
N GLY D 189 24.10 13.51 19.68
CA GLY D 189 23.35 12.85 18.63
C GLY D 189 21.86 12.88 18.91
N GLU D 190 21.48 12.64 20.15
CA GLU D 190 20.07 12.67 20.52
C GLU D 190 19.49 14.08 20.45
N ARG D 191 20.27 15.08 20.84
CA ARG D 191 19.85 16.48 20.71
C ARG D 191 19.63 16.83 19.22
N ALA D 192 20.54 16.38 18.36
CA ALA D 192 20.37 16.57 16.91
C ALA D 192 19.13 15.83 16.38
N ARG D 193 18.88 14.62 16.87
CA ARG D 193 17.77 13.84 16.37
C ARG D 193 16.46 14.54 16.72
N GLU D 194 16.42 15.14 17.90
CA GLU D 194 15.23 15.91 18.31
C GLU D 194 15.01 17.11 17.40
N LEU D 195 16.08 17.77 17.01
CA LEU D 195 15.94 18.93 16.14
C LEU D 195 15.49 18.49 14.76
N MET D 196 16.01 17.35 14.28
CA MET D 196 15.58 16.85 12.96
C MET D 196 14.12 16.46 12.97
N LYS D 197 13.67 15.88 14.08
CA LYS D 197 12.29 15.53 14.22
C LYS D 197 11.42 16.78 14.13
N LYS D 198 11.84 17.84 14.79
CA LYS D 198 11.07 19.09 14.73
C LYS D 198 11.09 19.66 13.31
N LEU D 199 12.26 19.60 12.69
CA LEU D 199 12.44 20.17 11.36
C LEU D 199 11.52 19.50 10.35
N TYR D 200 11.40 18.16 10.43
CA TYR D 200 10.62 17.48 9.42
C TYR D 200 9.20 17.16 9.87
N ALA D 201 8.81 17.68 11.03
CA ALA D 201 7.48 17.39 11.54
C ALA D 201 6.34 17.60 10.52
N PRO D 202 6.39 18.68 9.71
CA PRO D 202 5.27 18.87 8.78
C PRO D 202 5.13 17.75 7.75
N PHE D 203 6.16 16.94 7.54
CA PHE D 203 6.06 15.82 6.59
C PHE D 203 5.56 14.53 7.27
N ASN D 204 5.40 14.59 8.58
CA ASN D 204 5.09 13.42 9.37
C ASN D 204 3.73 13.54 10.02
N ARG D 205 2.85 14.35 9.44
CA ARG D 205 1.55 14.59 10.11
C ARG D 205 0.59 13.45 9.91
N ASN D 206 0.84 12.65 8.88
CA ASN D 206 0.07 11.44 8.63
C ASN D 206 0.96 10.23 8.89
N HIS D 207 1.21 9.43 7.86
CA HIS D 207 2.11 8.28 8.00
C HIS D 207 3.45 8.80 8.44
N GLU D 208 4.15 8.05 9.28
CA GLU D 208 5.50 8.45 9.64
C GLU D 208 6.41 8.29 8.41
N ARG D 209 7.05 9.37 7.94
CA ARG D 209 7.89 9.27 6.73
C ARG D 209 9.36 9.21 7.09
N THR D 210 9.69 9.72 8.27
CA THR D 210 11.11 9.68 8.66
C THR D 210 11.52 8.28 9.12
N LEU D 211 12.69 7.85 8.68
CA LEU D 211 13.29 6.57 9.08
C LEU D 211 14.62 6.90 9.75
N TYR D 212 14.76 6.61 11.03
CA TYR D 212 15.99 6.92 11.75
C TYR D 212 16.89 5.70 11.81
N MET D 213 18.19 5.92 11.65
CA MET D 213 19.18 4.84 11.72
C MET D 213 20.53 5.41 12.14
N ASP D 214 21.57 4.60 12.19
CA ASP D 214 22.88 5.16 12.52
C ASP D 214 23.46 5.85 11.30
N VAL D 215 24.51 6.64 11.52
CA VAL D 215 25.00 7.49 10.47
C VAL D 215 25.57 6.71 9.28
N ARG D 216 26.44 5.73 9.56
CA ARG D 216 27.02 4.94 8.48
C ARG D 216 25.97 4.22 7.65
N SER D 217 24.95 3.67 8.29
CA SER D 217 23.90 3.01 7.51
C SER D 217 23.12 3.97 6.60
N ALA D 218 22.85 5.20 7.08
CA ALA D 218 22.19 6.19 6.22
C ALA D 218 23.07 6.55 5.04
N GLU D 219 24.37 6.73 5.28
CA GLU D 219 25.27 7.01 4.16
C GLU D 219 25.24 5.88 3.13
N PHE D 220 25.26 4.63 3.62
CA PHE D 220 25.28 3.45 2.72
C PHE D 220 23.96 3.33 1.96
N THR D 221 22.85 3.62 2.63
CA THR D 221 21.51 3.50 2.02
C THR D 221 21.40 4.21 0.67
N LYS D 222 21.91 5.44 0.56
CA LYS D 222 21.72 6.16 -0.66
C LYS D 222 22.37 5.42 -1.83
N TYR D 223 23.61 4.96 -1.63
CA TYR D 223 24.31 4.20 -2.67
C TYR D 223 23.58 2.89 -2.95
N ALA D 224 23.19 2.18 -1.90
CA ALA D 224 22.49 0.89 -2.08
C ALA D 224 21.21 1.05 -2.88
N ALA D 225 20.48 2.15 -2.66
CA ALA D 225 19.20 2.33 -3.36
C ALA D 225 19.44 2.50 -4.84
N ASN D 226 20.36 3.40 -5.19
CA ASN D 226 20.66 3.62 -6.59
C ASN D 226 21.27 2.37 -7.22
N ALA D 227 22.08 1.64 -6.46
CA ALA D 227 22.66 0.41 -6.97
C ALA D 227 21.54 -0.62 -7.30
N MET D 228 20.53 -0.73 -6.45
CA MET D 228 19.46 -1.68 -6.73
C MET D 228 18.63 -1.25 -7.96
N LEU D 229 18.38 0.05 -8.10
CA LEU D 229 17.66 0.52 -9.28
C LEU D 229 18.44 0.23 -10.55
N ALA D 230 19.74 0.49 -10.53
CA ALA D 230 20.60 0.16 -11.70
C ALA D 230 20.63 -1.33 -11.98
N THR D 231 20.57 -2.13 -10.92
CA THR D 231 20.62 -3.57 -11.05
C THR D 231 19.36 -4.07 -11.76
N ARG D 232 18.21 -3.51 -11.40
CA ARG D 232 16.94 -3.85 -12.08
C ARG D 232 17.05 -3.59 -13.57
N ILE D 233 17.60 -2.42 -13.91
CA ILE D 233 17.69 -2.06 -15.32
C ILE D 233 18.65 -2.99 -16.08
N SER D 234 19.85 -3.21 -15.56
CA SER D 234 20.78 -4.10 -16.25
C SER D 234 20.29 -5.56 -16.29
N PHE D 235 19.63 -5.97 -15.21
CA PHE D 235 18.99 -7.28 -15.23
C PHE D 235 18.06 -7.44 -16.41
N MET D 236 17.20 -6.43 -16.63
CA MET D 236 16.27 -6.53 -17.76
C MET D 236 16.95 -6.41 -19.09
N ASN D 237 18.03 -5.62 -19.13
CA ASN D 237 18.73 -5.50 -20.41
C ASN D 237 19.43 -6.82 -20.83
N GLU D 238 19.97 -7.55 -19.85
CA GLU D 238 20.55 -8.86 -20.16
C GLU D 238 19.45 -9.80 -20.60
N LEU D 239 18.34 -9.80 -19.89
CA LEU D 239 17.23 -10.67 -20.33
C LEU D 239 16.65 -10.28 -21.69
N ALA D 240 16.63 -8.97 -22.03
CA ALA D 240 16.18 -8.54 -23.36
C ALA D 240 17.03 -9.16 -24.45
N ASN D 241 18.33 -9.21 -24.23
CA ASN D 241 19.24 -9.81 -25.21
C ASN D 241 18.96 -11.30 -25.36
N LEU D 242 18.70 -11.96 -24.25
CA LEU D 242 18.32 -13.37 -24.27
C LEU D 242 16.93 -13.61 -24.92
N ALA D 243 15.97 -12.70 -24.67
CA ALA D 243 14.65 -12.78 -25.30
C ALA D 243 14.77 -12.82 -26.82
N ASP D 244 15.70 -12.04 -27.37
CA ASP D 244 15.89 -12.05 -28.82
C ASP D 244 16.25 -13.48 -29.29
N ARG D 245 17.10 -14.15 -28.54
CA ARG D 245 17.57 -15.50 -28.91
C ARG D 245 16.48 -16.55 -28.75
N PHE D 246 15.65 -16.35 -27.74
CA PHE D 246 14.52 -17.21 -27.41
C PHE D 246 13.28 -16.99 -28.26
N GLY D 247 13.20 -15.88 -28.97
CA GLY D 247 11.97 -15.49 -29.63
C GLY D 247 10.90 -15.02 -28.63
N ALA D 248 11.32 -14.52 -27.49
CA ALA D 248 10.39 -14.03 -26.48
C ALA D 248 10.27 -12.51 -26.52
N ASP D 249 9.30 -11.96 -25.79
CA ASP D 249 9.03 -10.51 -25.81
C ASP D 249 9.32 -9.96 -24.40
N ILE D 250 10.38 -9.16 -24.25
CA ILE D 250 10.75 -8.70 -22.90
C ILE D 250 9.66 -7.84 -22.25
N GLU D 251 8.79 -7.19 -23.04
CA GLU D 251 7.71 -6.41 -22.43
C GLU D 251 6.66 -7.31 -21.78
N ALA D 252 6.38 -8.44 -22.42
CA ALA D 252 5.51 -9.45 -21.82
C ALA D 252 6.14 -10.01 -20.54
N VAL D 253 7.45 -10.28 -20.60
CA VAL D 253 8.16 -10.78 -19.42
C VAL D 253 8.12 -9.72 -18.31
N ARG D 254 8.31 -8.46 -18.70
CA ARG D 254 8.25 -7.38 -17.71
C ARG D 254 6.95 -7.36 -16.95
N ARG D 255 5.82 -7.44 -17.66
CA ARG D 255 4.53 -7.50 -16.97
C ARG D 255 4.39 -8.80 -16.19
N GLY D 256 4.91 -9.88 -16.77
CA GLY D 256 4.83 -11.18 -16.14
C GLY D 256 5.54 -11.25 -14.79
N ILE D 257 6.70 -10.61 -14.67
CA ILE D 257 7.39 -10.65 -13.38
C ILE D 257 7.00 -9.45 -12.51
N GLY D 258 6.69 -8.30 -13.12
CA GLY D 258 6.38 -7.12 -12.31
C GLY D 258 5.08 -7.30 -11.51
N SER D 259 4.23 -8.18 -12.01
CA SER D 259 2.95 -8.54 -11.39
C SER D 259 3.10 -9.40 -10.13
N ASP D 260 4.32 -9.85 -9.85
CA ASP D 260 4.61 -10.44 -8.52
C ASP D 260 4.93 -9.26 -7.62
N PRO D 261 4.12 -9.03 -6.57
CA PRO D 261 4.30 -7.88 -5.68
C PRO D 261 5.67 -7.82 -4.99
N ARG D 262 6.38 -8.93 -4.92
CA ARG D 262 7.69 -8.96 -4.33
C ARG D 262 8.74 -8.36 -5.26
N ILE D 263 8.39 -8.25 -6.54
CA ILE D 263 9.26 -7.65 -7.56
C ILE D 263 8.83 -6.24 -7.86
N GLY D 264 7.55 -6.07 -8.16
CA GLY D 264 7.01 -4.78 -8.53
C GLY D 264 7.23 -4.36 -9.98
N TYR D 265 6.48 -3.35 -10.41
CA TYR D 265 6.38 -3.05 -11.85
C TYR D 265 7.37 -2.00 -12.35
N HIS D 266 8.01 -1.27 -11.43
CA HIS D 266 8.80 -0.08 -11.84
C HIS D 266 10.24 -0.37 -12.09
N PHE D 267 10.88 0.46 -12.92
CA PHE D 267 12.32 0.30 -13.17
C PHE D 267 12.70 -1.05 -13.75
N LEU D 268 11.83 -1.56 -14.64
CA LEU D 268 12.11 -2.80 -15.34
C LEU D 268 12.00 -2.61 -16.83
N TYR D 269 12.22 -1.38 -17.30
CA TYR D 269 12.11 -1.16 -18.74
C TYR D 269 13.45 -1.31 -19.41
N ALA D 270 13.61 -2.41 -20.14
CA ALA D 270 14.81 -2.58 -20.96
C ALA D 270 14.90 -1.47 -21.97
N GLY D 271 16.11 -1.16 -22.41
CA GLY D 271 16.28 -0.15 -23.45
C GLY D 271 17.73 0.07 -23.73
N CYS D 272 18.09 1.31 -24.07
CA CYS D 272 19.47 1.55 -24.49
C CYS D 272 20.42 1.98 -23.37
N GLY D 273 20.04 1.65 -22.13
CA GLY D 273 20.91 1.85 -20.97
C GLY D 273 20.52 2.99 -20.06
N TYR D 274 21.17 3.09 -18.88
CA TYR D 274 20.92 4.21 -17.98
C TYR D 274 22.06 5.20 -18.10
N GLY D 275 21.71 6.48 -18.02
CA GLY D 275 22.69 7.55 -17.92
C GLY D 275 22.39 8.45 -16.72
N GLY D 276 22.77 9.73 -16.84
CA GLY D 276 22.55 10.68 -15.76
C GLY D 276 23.82 10.93 -14.93
N SER D 277 23.71 11.75 -13.90
CA SER D 277 24.88 12.01 -13.07
C SER D 277 24.78 11.27 -11.75
N CYS D 278 23.92 10.27 -11.68
CA CYS D 278 23.69 9.60 -10.40
C CYS D 278 24.03 8.14 -10.39
N PHE D 279 23.33 7.38 -11.21
CA PHE D 279 23.56 5.93 -11.24
C PHE D 279 24.96 5.54 -11.64
N PRO D 280 25.46 6.09 -12.75
CA PRO D 280 26.80 5.60 -13.09
C PRO D 280 27.75 6.00 -11.99
N LYS D 281 27.61 7.23 -11.51
CA LYS D 281 28.58 7.70 -10.50
C LYS D 281 28.48 6.92 -9.19
N ASP D 282 27.26 6.68 -8.71
CA ASP D 282 27.07 5.98 -7.42
C ASP D 282 27.42 4.48 -7.52
N VAL D 283 27.03 3.82 -8.63
CA VAL D 283 27.45 2.43 -8.86
C VAL D 283 28.98 2.32 -8.92
N GLU D 284 29.61 3.22 -9.67
CA GLU D 284 31.07 3.12 -9.78
C GLU D 284 31.73 3.41 -8.45
N ALA D 285 31.18 4.37 -7.69
CA ALA D 285 31.76 4.70 -6.38
C ALA D 285 31.69 3.53 -5.42
N LEU D 286 30.56 2.86 -5.38
CA LEU D 286 30.40 1.70 -4.52
C LEU D 286 31.35 0.55 -4.91
N ILE D 287 31.52 0.30 -6.21
CA ILE D 287 32.47 -0.71 -6.68
C ILE D 287 33.91 -0.34 -6.25
N ARG D 288 34.24 0.93 -6.42
CA ARG D 288 35.60 1.37 -6.17
C ARG D 288 35.92 1.29 -4.69
N THR D 289 35.00 1.74 -3.85
CA THR D 289 35.31 1.72 -2.42
C THR D 289 35.26 0.31 -1.86
N ALA D 290 34.38 -0.53 -2.40
CA ALA D 290 34.42 -1.91 -1.97
C ALA D 290 35.77 -2.55 -2.29
N ASP D 291 36.26 -2.32 -3.51
CA ASP D 291 37.54 -2.87 -3.91
C ASP D 291 38.66 -2.35 -2.99
N GLU D 292 38.57 -1.09 -2.61
CA GLU D 292 39.58 -0.50 -1.71
C GLU D 292 39.56 -1.15 -0.32
N HIS D 293 38.42 -1.73 0.02
CA HIS D 293 38.19 -2.41 1.29
C HIS D 293 38.38 -3.91 1.17
N GLY D 294 38.90 -4.34 0.03
CA GLY D 294 39.20 -5.75 -0.20
C GLY D 294 38.07 -6.62 -0.67
N GLN D 295 36.98 -6.03 -1.18
CA GLN D 295 35.83 -6.83 -1.61
C GLN D 295 35.47 -6.50 -3.06
N SER D 296 35.32 -7.54 -3.88
CA SER D 296 34.87 -7.35 -5.27
C SER D 296 33.36 -7.52 -5.31
N LEU D 297 32.64 -6.46 -5.69
CA LEU D 297 31.19 -6.53 -5.78
C LEU D 297 30.81 -7.17 -7.12
N GLN D 298 30.56 -8.48 -7.11
CA GLN D 298 30.41 -9.17 -8.38
C GLN D 298 29.16 -8.73 -9.12
N ILE D 299 28.05 -8.56 -8.37
CA ILE D 299 26.82 -8.22 -9.04
C ILE D 299 26.91 -6.80 -9.62
N LEU D 300 27.41 -5.86 -8.82
CA LEU D 300 27.47 -4.47 -9.29
C LEU D 300 28.47 -4.30 -10.46
N LYS D 301 29.59 -5.02 -10.42
CA LYS D 301 30.49 -5.05 -11.57
C LYS D 301 29.76 -5.54 -12.82
N ALA D 302 28.96 -6.57 -12.68
CA ALA D 302 28.23 -7.10 -13.82
C ALA D 302 27.21 -6.06 -14.33
N VAL D 303 26.51 -5.42 -13.39
CA VAL D 303 25.50 -4.41 -13.74
C VAL D 303 26.14 -3.28 -14.56
N SER D 304 27.29 -2.81 -14.09
CA SER D 304 28.01 -1.74 -14.76
C SER D 304 28.52 -2.21 -16.16
N SER D 305 29.03 -3.45 -16.23
CA SER D 305 29.50 -3.99 -17.51
C SER D 305 28.36 -4.10 -18.51
N VAL D 306 27.21 -4.57 -18.04
CA VAL D 306 26.05 -4.69 -18.90
C VAL D 306 25.65 -3.33 -19.42
N ASN D 307 25.61 -2.36 -18.53
CA ASN D 307 25.18 -1.04 -18.98
C ASN D 307 26.13 -0.42 -20.04
N ALA D 308 27.43 -0.64 -19.86
CA ALA D 308 28.41 -0.10 -20.80
C ALA D 308 28.15 -0.66 -22.20
N THR D 309 27.93 -1.96 -22.26
CA THR D 309 27.62 -2.60 -23.56
C THR D 309 26.29 -2.17 -24.11
N GLN D 310 25.32 -1.99 -23.22
CA GLN D 310 23.97 -1.67 -23.67
C GLN D 310 23.90 -0.31 -24.34
N LYS D 311 24.73 0.63 -23.87
CA LYS D 311 24.81 1.97 -24.51
C LYS D 311 25.40 1.92 -25.93
N ARG D 312 25.91 0.76 -26.33
CA ARG D 312 26.40 0.57 -27.71
C ARG D 312 25.43 -0.22 -28.57
N VAL D 313 24.35 -0.71 -27.98
CA VAL D 313 23.44 -1.60 -28.72
C VAL D 313 22.78 -0.97 -29.94
N LEU D 314 22.33 0.27 -29.81
CA LEU D 314 21.68 0.91 -30.96
C LEU D 314 22.63 0.99 -32.15
N ALA D 315 23.84 1.48 -31.92
CA ALA D 315 24.78 1.63 -33.04
C ALA D 315 25.16 0.26 -33.57
N ASP D 316 25.25 -0.73 -32.68
CA ASP D 316 25.59 -2.08 -33.16
C ASP D 316 24.52 -2.62 -34.07
N LYS D 317 23.25 -2.40 -33.72
CA LYS D 317 22.16 -2.87 -34.57
C LYS D 317 22.14 -2.15 -35.89
N ILE D 318 22.45 -0.85 -35.84
CA ILE D 318 22.54 -0.04 -37.07
C ILE D 318 23.64 -0.55 -37.98
N VAL D 319 24.81 -0.84 -37.42
CA VAL D 319 25.90 -1.43 -38.21
C VAL D 319 25.53 -2.81 -38.77
N ALA D 320 24.87 -3.64 -37.96
CA ALA D 320 24.41 -4.95 -38.44
C ALA D 320 23.44 -4.82 -39.63
N ARG D 321 22.64 -3.76 -39.63
CA ARG D 321 21.62 -3.58 -40.64
C ARG D 321 22.16 -2.92 -41.94
N PHE D 322 23.08 -1.97 -41.77
CA PHE D 322 23.51 -1.09 -42.87
C PHE D 322 24.98 -1.27 -43.28
N GLY D 323 25.76 -1.96 -42.45
CA GLY D 323 27.20 -2.11 -42.69
C GLY D 323 28.09 -1.19 -41.88
N GLU D 324 29.39 -1.47 -41.90
CA GLU D 324 30.34 -0.75 -41.06
C GLU D 324 30.63 0.67 -41.53
N ASP D 325 30.47 0.90 -42.85
CA ASP D 325 30.69 2.23 -43.44
C ASP D 325 29.35 2.92 -43.69
N LEU D 326 29.06 3.97 -42.94
CA LEU D 326 27.74 4.63 -43.01
C LEU D 326 27.80 5.90 -43.83
N THR D 327 28.89 6.08 -44.58
CA THR D 327 28.99 7.23 -45.47
C THR D 327 27.86 7.17 -46.50
N GLY D 328 27.16 8.27 -46.71
CA GLY D 328 26.01 8.25 -47.59
C GLY D 328 24.70 7.95 -46.90
N ARG D 329 24.74 7.73 -45.58
CA ARG D 329 23.51 7.40 -44.84
C ARG D 329 23.19 8.57 -43.90
N THR D 330 21.91 8.76 -43.59
CA THR D 330 21.46 9.80 -42.68
C THR D 330 20.56 9.18 -41.61
N PHE D 331 20.81 9.52 -40.35
CA PHE D 331 19.98 9.01 -39.24
C PHE D 331 19.35 10.14 -38.47
N ALA D 332 18.05 10.03 -38.25
CA ALA D 332 17.31 10.97 -37.42
C ALA D 332 17.37 10.47 -35.99
N ILE D 333 17.66 11.36 -35.05
CA ILE D 333 17.71 10.94 -33.64
C ILE D 333 16.61 11.64 -32.87
N TRP D 334 15.77 10.87 -32.20
CA TRP D 334 14.71 11.41 -31.37
C TRP D 334 15.05 11.20 -29.90
N GLY D 335 15.43 12.28 -29.21
CA GLY D 335 15.76 12.18 -27.80
C GLY D 335 17.26 12.34 -27.63
N LEU D 336 17.63 13.32 -26.83
CA LEU D 336 19.05 13.55 -26.55
C LEU D 336 19.34 13.46 -25.05
N ALA D 337 18.49 14.07 -24.25
CA ALA D 337 18.70 14.09 -22.79
C ALA D 337 18.80 12.68 -22.26
N PHE D 338 19.42 12.51 -21.09
CA PHE D 338 19.62 11.13 -20.58
C PHE D 338 18.32 10.44 -20.21
N LYS D 339 17.28 11.24 -19.92
CA LYS D 339 15.93 10.72 -19.64
C LYS D 339 14.96 11.83 -20.00
N PRO D 340 13.65 11.52 -20.07
CA PRO D 340 12.69 12.59 -20.35
C PRO D 340 12.59 13.63 -19.23
N ASN D 341 12.14 14.82 -19.61
CA ASN D 341 11.81 15.90 -18.67
C ASN D 341 13.02 16.58 -18.06
N THR D 342 14.14 16.60 -18.78
CA THR D 342 15.32 17.33 -18.31
C THR D 342 16.14 17.75 -19.51
N ASP D 343 17.00 18.75 -19.35
CA ASP D 343 17.96 19.06 -20.39
C ASP D 343 19.32 18.40 -20.10
N ASP D 344 19.40 17.60 -19.04
CA ASP D 344 20.68 17.02 -18.58
C ASP D 344 21.23 16.01 -19.60
N MET D 345 22.48 16.21 -20.01
CA MET D 345 23.13 15.35 -21.00
C MET D 345 24.18 14.42 -20.38
N ARG D 346 24.36 14.48 -19.06
CA ARG D 346 25.41 13.67 -18.43
C ARG D 346 25.17 12.17 -18.64
N GLU D 347 26.22 11.48 -19.13
CA GLU D 347 26.21 10.05 -19.47
C GLU D 347 25.05 9.64 -20.36
N ALA D 348 24.55 10.57 -21.16
CA ALA D 348 23.43 10.28 -22.05
C ALA D 348 23.80 9.24 -23.11
N PRO D 349 22.97 8.20 -23.24
CA PRO D 349 23.24 7.24 -24.33
C PRO D 349 23.28 7.89 -25.70
N SER D 350 22.54 8.99 -25.91
CA SER D 350 22.53 9.64 -27.23
C SER D 350 23.95 10.07 -27.62
N ARG D 351 24.78 10.45 -26.64
CA ARG D 351 26.13 10.93 -26.96
C ARG D 351 27.01 9.83 -27.53
N GLU D 352 26.89 8.64 -26.96
CA GLU D 352 27.63 7.52 -27.45
C GLU D 352 27.16 7.07 -28.84
N LEU D 353 25.84 7.05 -29.03
CA LEU D 353 25.27 6.70 -30.31
C LEU D 353 25.73 7.67 -31.41
N ILE D 354 25.60 8.96 -31.14
CA ILE D 354 25.90 9.95 -32.19
C ILE D 354 27.38 9.94 -32.54
N ALA D 355 28.25 9.83 -31.54
CA ALA D 355 29.67 9.68 -31.81
C ALA D 355 29.94 8.46 -32.68
N GLU D 356 29.38 7.32 -32.33
CA GLU D 356 29.60 6.10 -33.08
C GLU D 356 29.17 6.27 -34.55
N LEU D 357 27.98 6.84 -34.77
CA LEU D 357 27.46 6.97 -36.14
C LEU D 357 28.28 7.96 -36.93
N LEU D 358 28.59 9.11 -36.33
CA LEU D 358 29.42 10.11 -37.03
C LEU D 358 30.79 9.54 -37.38
N SER D 359 31.35 8.73 -36.50
CA SER D 359 32.69 8.20 -36.77
C SER D 359 32.72 7.33 -38.02
N ARG D 360 31.54 6.83 -38.40
CA ARG D 360 31.43 5.93 -39.53
C ARG D 360 30.96 6.61 -40.77
N GLY D 361 30.90 7.95 -40.71
CA GLY D 361 30.59 8.70 -41.91
C GLY D 361 29.14 9.15 -42.08
N ALA D 362 28.26 8.78 -41.15
CA ALA D 362 26.82 9.09 -41.28
C ALA D 362 26.60 10.60 -41.12
N ARG D 363 25.48 11.09 -41.66
CA ARG D 363 24.94 12.40 -41.27
C ARG D 363 23.88 12.17 -40.20
N ILE D 364 23.71 13.14 -39.30
CA ILE D 364 22.78 12.99 -38.16
C ILE D 364 21.94 14.26 -38.04
N ALA D 365 20.63 14.09 -37.94
CA ALA D 365 19.74 15.20 -37.61
C ALA D 365 19.05 14.85 -36.29
N ALA D 366 19.28 15.66 -35.27
CA ALA D 366 18.85 15.32 -33.91
C ALA D 366 17.77 16.25 -33.39
N TYR D 367 16.84 15.67 -32.64
CA TYR D 367 15.77 16.46 -32.03
C TYR D 367 15.59 16.09 -30.57
N ASP D 368 15.39 17.11 -29.73
CA ASP D 368 14.94 16.87 -28.35
C ASP D 368 14.08 18.08 -27.94
N PRO D 369 12.97 17.85 -27.26
CA PRO D 369 12.06 18.97 -26.93
C PRO D 369 12.72 20.07 -26.11
N VAL D 370 13.70 19.73 -25.28
CA VAL D 370 14.30 20.73 -24.38
C VAL D 370 15.82 20.77 -24.36
N ALA D 371 16.46 19.69 -24.79
CA ALA D 371 17.89 19.53 -24.58
C ALA D 371 18.78 19.98 -25.74
N GLN D 372 18.22 20.64 -26.76
CA GLN D 372 18.99 20.94 -27.97
C GLN D 372 20.25 21.75 -27.66
N GLU D 373 20.09 22.81 -26.86
CA GLU D 373 21.22 23.67 -26.58
C GLU D 373 22.32 22.95 -25.80
N GLU D 374 21.93 22.17 -24.80
CA GLU D 374 22.93 21.48 -24.00
C GLU D 374 23.60 20.38 -24.82
N ALA D 375 22.83 19.71 -25.68
CA ALA D 375 23.38 18.63 -26.50
C ALA D 375 24.41 19.20 -27.48
N ARG D 376 24.08 20.33 -28.08
CA ARG D 376 25.00 20.96 -29.00
C ARG D 376 26.30 21.27 -28.28
N ARG D 377 26.20 21.80 -27.06
CA ARG D 377 27.39 22.18 -26.31
C ARG D 377 28.26 20.95 -26.04
N VAL D 378 27.68 19.93 -25.43
CA VAL D 378 28.49 18.80 -24.98
C VAL D 378 28.96 17.90 -26.10
N ILE D 379 28.18 17.79 -27.19
CA ILE D 379 28.64 16.93 -28.27
C ILE D 379 29.77 17.62 -29.03
N ALA D 380 29.73 18.95 -29.09
CA ALA D 380 30.84 19.65 -29.75
C ALA D 380 32.13 19.44 -28.95
N LEU D 381 32.00 19.32 -27.63
CA LEU D 381 33.14 18.99 -26.78
C LEU D 381 33.59 17.55 -26.95
N ASP D 382 32.62 16.63 -26.92
CA ASP D 382 32.92 15.21 -27.09
C ASP D 382 33.76 14.98 -28.35
N LEU D 383 33.39 15.67 -29.42
CA LEU D 383 33.97 15.39 -30.74
C LEU D 383 34.87 16.54 -31.17
N ALA D 384 35.43 17.24 -30.19
CA ALA D 384 36.30 18.38 -30.47
C ALA D 384 37.48 17.95 -31.33
N ASP D 385 37.99 16.75 -31.11
CA ASP D 385 39.08 16.25 -31.97
C ASP D 385 38.70 15.89 -33.42
N HIS D 386 37.41 15.93 -33.75
CA HIS D 386 36.94 15.64 -35.11
C HIS D 386 35.97 16.68 -35.66
N PRO D 387 36.45 17.91 -35.86
CA PRO D 387 35.63 18.99 -36.43
C PRO D 387 34.90 18.57 -37.69
N SER D 388 35.51 17.73 -38.52
CA SER D 388 34.84 17.33 -39.74
C SER D 388 33.62 16.46 -39.46
N TRP D 389 33.63 15.71 -38.36
CA TRP D 389 32.44 14.94 -38.02
C TRP D 389 31.31 15.87 -37.63
N LEU D 390 31.64 16.94 -36.91
CA LEU D 390 30.61 17.89 -36.47
C LEU D 390 29.89 18.59 -37.63
N GLU D 391 30.55 18.73 -38.77
CA GLU D 391 29.90 19.30 -39.95
C GLU D 391 28.73 18.42 -40.43
N ARG D 392 28.75 17.15 -40.07
CA ARG D 392 27.67 16.21 -40.46
C ARG D 392 26.56 16.08 -39.41
N LEU D 393 26.64 16.88 -38.36
CA LEU D 393 25.67 16.85 -37.26
C LEU D 393 24.80 18.10 -37.30
N SER D 394 23.48 17.93 -37.36
CA SER D 394 22.59 19.08 -37.26
C SER D 394 21.52 18.84 -36.23
N PHE D 395 20.93 19.92 -35.72
CA PHE D 395 19.83 19.86 -34.76
C PHE D 395 18.61 20.54 -35.36
N VAL D 396 17.45 19.90 -35.27
CA VAL D 396 16.22 20.47 -35.83
C VAL D 396 15.21 20.87 -34.75
N ASP D 397 14.28 21.75 -35.13
CA ASP D 397 13.33 22.26 -34.13
C ASP D 397 12.03 21.50 -34.11
N ASP D 398 11.82 20.64 -35.09
CA ASP D 398 10.60 19.83 -35.14
C ASP D 398 10.96 18.37 -35.33
N GLU D 399 10.30 17.49 -34.60
CA GLU D 399 10.66 16.07 -34.64
C GLU D 399 10.61 15.48 -36.04
N ALA D 400 9.56 15.77 -36.79
CA ALA D 400 9.41 15.15 -38.10
C ALA D 400 10.52 15.60 -39.05
N GLN D 401 10.99 16.83 -38.91
CA GLN D 401 12.02 17.31 -39.83
C GLN D 401 13.34 16.54 -39.72
N ALA D 402 13.60 15.94 -38.56
CA ALA D 402 14.81 15.16 -38.37
C ALA D 402 14.83 13.99 -39.35
N ALA D 403 13.66 13.52 -39.75
CA ALA D 403 13.54 12.32 -40.58
C ALA D 403 13.75 12.59 -42.08
N ARG D 404 13.89 13.85 -42.45
CA ARG D 404 14.04 14.16 -43.87
C ARG D 404 15.22 13.41 -44.47
N ASP D 405 14.95 12.62 -45.53
CA ASP D 405 15.95 11.80 -46.22
C ASP D 405 16.65 10.77 -45.33
N ALA D 406 16.08 10.45 -44.18
CA ALA D 406 16.75 9.54 -43.25
C ALA D 406 16.62 8.09 -43.67
N ASP D 407 17.70 7.34 -43.54
CA ASP D 407 17.67 5.91 -43.74
C ASP D 407 16.93 5.23 -42.60
N ALA D 408 17.00 5.83 -41.41
CA ALA D 408 16.27 5.29 -40.26
C ALA D 408 16.12 6.37 -39.21
N LEU D 409 15.11 6.18 -38.36
CA LEU D 409 14.87 7.01 -37.20
C LEU D 409 15.29 6.19 -35.98
N VAL D 410 15.99 6.82 -35.03
CA VAL D 410 16.48 6.14 -33.84
C VAL D 410 15.92 6.84 -32.60
N ILE D 411 15.22 6.08 -31.74
CA ILE D 411 14.60 6.66 -30.55
C ILE D 411 15.45 6.33 -29.34
N VAL D 412 15.89 7.37 -28.63
CA VAL D 412 16.82 7.20 -27.53
C VAL D 412 16.20 7.58 -26.17
N THR D 413 15.26 8.52 -26.17
CA THR D 413 14.73 9.05 -24.90
C THR D 413 13.21 9.17 -25.05
N GLU D 414 12.48 8.56 -24.12
CA GLU D 414 11.04 8.35 -24.31
C GLU D 414 10.18 9.57 -23.93
N TRP D 415 10.53 10.74 -24.47
CA TRP D 415 9.68 11.92 -24.30
C TRP D 415 8.26 11.60 -24.77
N LYS D 416 7.27 12.12 -24.06
CA LYS D 416 5.89 11.81 -24.42
C LYS D 416 5.56 12.18 -25.86
N ILE D 417 6.14 13.26 -26.36
CA ILE D 417 5.78 13.70 -27.70
C ILE D 417 6.10 12.62 -28.74
N PHE D 418 7.01 11.71 -28.42
CA PHE D 418 7.33 10.66 -29.39
C PHE D 418 6.35 9.49 -29.38
N LYS D 419 5.47 9.43 -28.37
CA LYS D 419 4.63 8.24 -28.18
C LYS D 419 3.50 8.07 -29.21
N SER D 420 2.96 9.17 -29.73
CA SER D 420 1.98 9.09 -30.81
C SER D 420 2.31 10.03 -31.97
N PRO D 421 3.30 9.65 -32.79
CA PRO D 421 3.76 10.55 -33.84
C PRO D 421 2.88 10.44 -35.08
N ASP D 422 3.07 11.35 -36.02
CA ASP D 422 2.38 11.30 -37.31
C ASP D 422 3.16 10.50 -38.34
N PHE D 423 2.88 9.20 -38.41
CA PHE D 423 3.63 8.31 -39.29
C PHE D 423 3.36 8.64 -40.76
N VAL D 424 2.18 9.17 -41.07
CA VAL D 424 1.92 9.59 -42.44
C VAL D 424 2.87 10.69 -42.88
N ALA D 425 3.05 11.69 -42.02
CA ALA D 425 3.95 12.79 -42.30
C ALA D 425 5.39 12.28 -42.38
N LEU D 426 5.75 11.37 -41.47
CA LEU D 426 7.07 10.77 -41.51
C LEU D 426 7.26 10.05 -42.83
N GLY D 427 6.23 9.37 -43.29
CA GLY D 427 6.33 8.60 -44.51
C GLY D 427 6.66 9.44 -45.73
N ARG D 428 6.34 10.73 -45.69
CA ARG D 428 6.63 11.64 -46.79
C ARG D 428 8.04 12.23 -46.74
N LEU D 429 8.77 11.99 -45.64
CA LEU D 429 10.06 12.62 -45.37
C LEU D 429 11.24 11.66 -45.47
N TRP D 430 11.15 10.53 -44.79
CA TRP D 430 12.26 9.60 -44.74
C TRP D 430 12.56 8.88 -46.06
N LYS D 431 13.80 8.44 -46.19
CA LYS D 431 14.21 7.66 -47.35
C LYS D 431 13.65 6.24 -47.25
N THR D 432 13.79 5.63 -46.07
CA THR D 432 13.27 4.27 -45.86
C THR D 432 12.62 4.21 -44.47
N PRO D 433 11.54 3.41 -44.33
CA PRO D 433 10.71 3.40 -43.13
C PRO D 433 11.31 2.48 -42.09
N VAL D 434 12.43 2.88 -41.48
CA VAL D 434 13.14 2.01 -40.57
C VAL D 434 13.26 2.72 -39.23
N ILE D 435 12.94 2.01 -38.15
CA ILE D 435 13.00 2.62 -36.84
C ILE D 435 13.79 1.71 -35.90
N PHE D 436 14.79 2.27 -35.21
CA PHE D 436 15.48 1.53 -34.18
C PHE D 436 15.03 2.19 -32.89
N ASP D 437 14.46 1.42 -31.98
CA ASP D 437 13.82 2.01 -30.82
C ASP D 437 14.55 1.53 -29.60
N GLY D 438 15.29 2.42 -28.95
CA GLY D 438 16.00 2.10 -27.72
C GLY D 438 15.12 2.19 -26.48
N ARG D 439 13.84 2.51 -26.65
CA ARG D 439 12.96 2.65 -25.48
C ARG D 439 11.62 1.91 -25.58
N ASN D 440 11.45 1.07 -26.61
CA ASN D 440 10.21 0.29 -26.77
C ASN D 440 8.92 1.08 -26.60
N LEU D 441 8.72 2.05 -27.49
CA LEU D 441 7.55 2.94 -27.44
C LEU D 441 6.33 2.36 -28.15
N TYR D 442 6.55 1.55 -29.17
CA TYR D 442 5.46 1.07 -30.04
C TYR D 442 5.21 -0.45 -30.01
N GLU D 443 4.01 -0.87 -30.41
CA GLU D 443 3.75 -2.29 -30.55
C GLU D 443 4.28 -2.78 -31.89
N PRO D 444 5.08 -3.86 -31.88
CA PRO D 444 5.66 -4.38 -33.11
C PRO D 444 4.58 -4.67 -34.16
N GLU D 445 3.48 -5.27 -33.74
CA GLU D 445 2.44 -5.66 -34.70
C GLU D 445 1.88 -4.42 -35.41
N THR D 446 1.73 -3.35 -34.66
CA THR D 446 1.25 -2.09 -35.19
C THR D 446 2.22 -1.44 -36.18
N MET D 447 3.51 -1.53 -35.86
CA MET D 447 4.52 -1.05 -36.78
C MET D 447 4.50 -1.88 -38.08
N SER D 448 4.35 -3.20 -37.94
CA SER D 448 4.22 -4.09 -39.11
C SER D 448 3.08 -3.61 -40.00
N GLU D 449 1.96 -3.32 -39.37
CA GLU D 449 0.74 -3.02 -40.10
C GLU D 449 0.83 -1.68 -40.78
N GLN D 450 1.80 -0.87 -40.36
CA GLN D 450 2.04 0.45 -40.92
C GLN D 450 3.22 0.50 -41.88
N GLY D 451 3.77 -0.67 -42.20
CA GLY D 451 4.84 -0.76 -43.19
C GLY D 451 6.19 -0.27 -42.70
N ILE D 452 6.38 -0.27 -41.38
CA ILE D 452 7.65 0.18 -40.79
C ILE D 452 8.47 -1.03 -40.36
N GLU D 453 9.75 -1.00 -40.73
CA GLU D 453 10.73 -2.00 -40.34
C GLU D 453 11.21 -1.60 -38.94
N TYR D 454 10.72 -2.30 -37.92
CA TYR D 454 10.85 -1.85 -36.52
C TYR D 454 11.84 -2.75 -35.74
N HIS D 455 12.83 -2.12 -35.10
CA HIS D 455 13.90 -2.82 -34.38
C HIS D 455 13.90 -2.37 -32.91
N PRO D 456 13.09 -3.04 -32.07
CA PRO D 456 13.03 -2.66 -30.65
C PRO D 456 14.06 -3.45 -29.84
N ILE D 457 14.13 -3.17 -28.56
CA ILE D 457 15.05 -3.88 -27.67
C ILE D 457 14.37 -5.08 -27.01
N GLY D 458 14.82 -6.29 -27.31
CA GLY D 458 14.26 -7.45 -26.63
C GLY D 458 12.85 -7.87 -27.03
N ARG D 459 12.38 -7.43 -28.19
CA ARG D 459 11.06 -7.81 -28.66
C ARG D 459 11.14 -8.19 -30.12
N PRO D 460 10.30 -9.12 -30.56
CA PRO D 460 10.37 -9.41 -32.00
C PRO D 460 10.17 -8.14 -32.84
N GLY D 461 10.99 -7.95 -33.87
CA GLY D 461 10.84 -6.80 -34.74
C GLY D 461 9.59 -6.96 -35.60
N SER D 462 9.19 -5.88 -36.27
CA SER D 462 8.05 -5.97 -37.16
C SER D 462 8.43 -6.98 -38.25
N ARG D 463 7.46 -7.38 -39.09
CA ARG D 463 7.73 -8.41 -40.09
C ARG D 463 8.75 -7.93 -41.10
N GLN D 464 8.77 -6.62 -41.32
CA GLN D 464 9.75 -6.05 -42.23
C GLN D 464 11.16 -6.19 -41.65
N ALA D 465 11.25 -6.09 -40.32
CA ALA D 465 12.54 -6.24 -39.63
C ALA D 465 13.06 -7.67 -39.79
N VAL D 466 12.19 -8.64 -39.50
CA VAL D 466 12.54 -10.05 -39.63
C VAL D 466 13.10 -10.40 -41.02
C1' UGA E . -12.30 -4.15 18.57
C2' UGA E . -11.28 -3.35 17.73
O2' UGA E . -11.12 -3.93 16.45
C3' UGA E . -9.90 -3.36 18.37
O3' UGA E . -9.07 -2.48 17.61
C4' UGA E . -10.06 -2.78 19.76
O4' UGA E . -8.80 -2.71 20.45
C5' UGA E . -10.99 -3.69 20.53
O5' UGA E . -12.28 -3.68 19.89
C6' UGA E . -11.05 -3.18 21.95
O'P UGA E . -10.49 -3.89 22.82
O'Q UGA E . -11.58 -2.05 22.21
PB UGA E . -13.05 -6.68 18.67
O1B UGA E . -14.35 -6.14 19.20
O2B UGA E . -12.29 -7.80 19.29
O3B UGA E . -11.91 -5.53 18.51
O3A UGA E . -13.32 -7.19 17.22
PA UGA E . -13.50 -6.68 15.75
O1A UGA E . -12.64 -7.57 14.89
O2A UGA E . -13.28 -5.22 15.63
O5D UGA E . -15.02 -7.06 15.41
C5D UGA E . -16.11 -6.30 15.95
C4D UGA E . -17.40 -6.67 15.25
O4D UGA E . -17.52 -6.09 13.94
C3D UGA E . -17.49 -8.18 15.01
O3D UGA E . -18.85 -8.50 15.39
C2D UGA E . -17.36 -8.32 13.50
O2D UGA E . -18.12 -9.45 13.04
C1D UGA E . -17.98 -7.04 12.99
N1 UGA E . -17.51 -6.60 11.68
C6 UGA E . -16.21 -6.36 11.53
C2 UGA E . -18.36 -6.42 10.64
O2 UGA E . -19.58 -6.65 10.75
N3 UGA E . -17.90 -6.00 9.43
C4 UGA E . -16.58 -5.73 9.26
O4 UGA E . -16.20 -5.34 8.13
C5 UGA E . -15.70 -5.90 10.31
S SO4 F . -23.49 -11.04 28.33
O1 SO4 F . -22.76 -9.98 29.03
O2 SO4 F . -23.88 -12.07 29.30
O3 SO4 F . -24.73 -10.49 27.78
O4 SO4 F . -22.62 -11.63 27.31
S SO4 G . -12.39 -8.96 -2.82
O1 SO4 G . -12.39 -7.70 -3.54
O2 SO4 G . -11.85 -8.74 -1.48
O3 SO4 G . -13.75 -9.50 -2.75
O4 SO4 G . -11.53 -9.91 -3.53
S SO4 H . 10.82 12.15 22.13
O1 SO4 H . 11.58 12.42 23.35
O2 SO4 H . 9.43 11.89 22.47
O3 SO4 H . 10.87 13.32 21.26
O4 SO4 H . 11.39 10.99 21.43
C ACT I . 2.02 -2.11 22.36
O ACT I . 1.36 -2.96 21.68
OXT ACT I . 1.39 -1.11 22.78
CH3 ACT I . 3.47 -2.32 22.64
C1 GOL J . 10.38 9.30 44.85
O1 GOL J . 10.67 7.95 44.45
C2 GOL J . 10.79 10.24 43.72
O2 GOL J . 12.11 9.91 43.29
C3 GOL J . 10.76 11.68 44.20
O3 GOL J . 9.53 12.27 43.79
C1 GOL K . -15.79 16.78 33.30
O1 GOL K . -15.37 15.42 33.45
C2 GOL K . -15.40 17.25 31.91
O2 GOL K . -14.16 16.61 31.59
C3 GOL K . -15.28 18.77 31.87
O3 GOL K . -14.21 19.23 31.03
C1 GOL L . -9.81 -6.16 4.20
O1 GOL L . -9.03 -7.20 3.63
C2 GOL L . -10.18 -6.58 5.61
O2 GOL L . -10.25 -8.02 5.63
C3 GOL L . -11.52 -5.96 5.93
O3 GOL L . -11.71 -5.87 7.33
C1' UGA M . -14.96 15.33 -4.42
C2' UGA M . -14.19 14.01 -4.25
O2' UGA M . -13.05 14.19 -3.41
C3' UGA M . -13.75 13.46 -5.61
O3' UGA M . -13.23 12.15 -5.38
C4' UGA M . -14.96 13.32 -6.50
O4' UGA M . -14.64 12.82 -7.80
C5' UGA M . -15.58 14.70 -6.67
O5' UGA M . -15.99 15.13 -5.37
C6' UGA M . -16.71 14.49 -7.64
O'P UGA M . -16.56 14.97 -8.80
O'Q UGA M . -17.74 13.81 -7.33
PB UGA M . -14.26 17.89 -4.54
O1B UGA M . -13.78 18.68 -5.76
O2B UGA M . -15.63 18.14 -4.00
O3B UGA M . -14.03 16.32 -4.87
O3A UGA M . -13.21 18.22 -3.42
PA UGA M . -12.83 17.58 -2.00
O1A UGA M . -13.47 16.23 -1.81
O2A UGA M . -11.32 17.75 -1.84
O5D UGA M . -13.42 18.61 -0.92
C5D UGA M . -14.83 18.64 -0.68
C4D UGA M . -15.12 19.46 0.59
O4D UGA M . -14.73 18.75 1.79
C3D UGA M . -14.35 20.78 0.62
O3D UGA M . -15.27 21.79 1.05
C2D UGA M . -13.22 20.52 1.62
O2D UGA M . -12.74 21.71 2.29
C1D UGA M . -13.89 19.57 2.61
N1 UGA M . -13.00 18.71 3.38
C6 UGA M . -12.25 17.81 2.73
C2 UGA M . -13.03 18.74 4.73
O2 UGA M . -13.74 19.57 5.34
N3 UGA M . -12.22 17.95 5.47
C4 UGA M . -11.47 17.02 4.85
O4 UGA M . -10.78 16.26 5.55
C5 UGA M . -11.46 16.92 3.44
S SO4 N . -20.94 51.35 10.49
O1 SO4 N . -20.06 51.38 11.63
O2 SO4 N . -22.29 51.70 10.88
O3 SO4 N . -20.45 52.34 9.50
O4 SO4 N . -20.92 50.04 9.86
S SO4 O . -3.79 14.64 3.20
O1 SO4 O . -3.26 15.60 4.18
O2 SO4 O . -4.93 13.93 3.81
O3 SO4 O . -4.19 15.30 1.95
O4 SO4 O . -2.73 13.69 2.82
S SO4 P . -28.80 33.32 11.40
O1 SO4 P . -27.71 34.11 10.81
O2 SO4 P . -28.37 32.77 12.69
O3 SO4 P . -29.95 34.18 11.59
O4 SO4 P . -29.15 32.23 10.48
S SO4 Q . -10.65 -10.91 -22.73
O1 SO4 Q . -10.13 -9.62 -23.15
O2 SO4 Q . -9.98 -11.34 -21.51
O3 SO4 Q . -12.09 -10.79 -22.45
O4 SO4 Q . -10.45 -11.90 -23.79
S SO4 R . -24.59 28.64 -6.61
O1 SO4 R . -23.18 28.99 -6.49
O2 SO4 R . -25.42 29.67 -5.99
O3 SO4 R . -24.95 28.55 -8.02
O4 SO4 R . -24.81 27.35 -5.95
C ACT S . -9.01 7.38 -15.69
O ACT S . -10.17 6.89 -15.48
OXT ACT S . -8.64 8.29 -14.90
CH3 ACT S . -8.14 6.90 -16.78
C1' UGA T . 9.95 -19.91 -4.98
C2' UGA T . 9.15 -18.67 -5.37
O2' UGA T . 9.07 -17.82 -4.22
C3' UGA T . 7.75 -19.00 -5.86
O3' UGA T . 7.09 -17.80 -6.29
C4' UGA T . 7.81 -19.99 -7.00
O4' UGA T . 6.48 -20.36 -7.43
C5' UGA T . 8.50 -21.23 -6.44
O5' UGA T . 9.84 -20.83 -6.08
C6' UGA T . 8.47 -22.22 -7.56
O'P UGA T . 7.66 -23.19 -7.48
O'Q UGA T . 9.20 -22.00 -8.57
PB UGA T . 10.23 -21.32 -2.74
O1B UGA T . 9.29 -22.43 -2.29
O2B UGA T . 11.58 -21.63 -3.30
O3B UGA T . 9.35 -20.46 -3.79
O3A UGA T . 10.40 -20.40 -1.45
PA UGA T . 10.94 -18.88 -1.25
O1A UGA T . 10.96 -18.13 -2.53
O2A UGA T . 10.08 -18.31 -0.12
O5D UGA T . 12.39 -19.02 -0.64
C5D UGA T . 13.51 -19.38 -1.47
C4D UGA T . 14.82 -19.24 -0.71
O4D UGA T . 15.15 -17.84 -0.54
C3D UGA T . 14.73 -19.83 0.72
O3D UGA T . 15.92 -20.53 0.99
C2D UGA T . 14.66 -18.57 1.59
O2D UGA T . 15.17 -18.79 2.91
C1D UGA T . 15.52 -17.60 0.81
N1 UGA T . 15.22 -16.17 1.05
C6 UGA T . 13.99 -15.71 0.75
C2 UGA T . 16.19 -15.36 1.51
O2 UGA T . 17.33 -15.78 1.73
N3 UGA T . 15.96 -14.03 1.68
C4 UGA T . 14.74 -13.52 1.41
O4 UGA T . 14.52 -12.30 1.57
C5 UGA T . 13.71 -14.35 0.93
S SO4 U . 11.10 -4.07 9.77
O1 SO4 U . 12.29 -4.86 10.14
O2 SO4 U . 9.95 -4.53 10.56
O3 SO4 U . 11.37 -2.68 10.10
O4 SO4 U . 10.80 -4.20 8.35
S SO4 V . 18.75 -33.81 -2.99
O1 SO4 V . 20.07 -33.18 -3.06
O2 SO4 V . 17.93 -33.17 -1.97
O3 SO4 V . 18.12 -33.68 -4.31
O4 SO4 V . 18.94 -35.23 -2.65
S SO4 W . -13.43 -30.67 -33.03
O1 SO4 W . -12.41 -29.80 -33.58
O2 SO4 W . -12.95 -31.31 -31.79
O3 SO4 W . -14.63 -29.90 -32.73
O4 SO4 W . -13.73 -31.72 -34.00
C ACT X . -4.23 -19.94 -10.06
O ACT X . -3.71 -19.95 -8.93
OXT ACT X . -3.44 -19.90 -11.03
CH3 ACT X . -5.73 -19.99 -10.22
C1 GOL Y . 8.88 -10.58 2.25
O1 GOL Y . 10.24 -10.98 2.01
C2 GOL Y . 8.80 -9.89 3.62
O2 GOL Y . 7.51 -10.09 4.22
C3 GOL Y . 9.04 -8.40 3.53
O3 GOL Y . 8.96 -7.89 4.87
C1 GOL Z . 13.36 -12.42 10.12
O1 GOL Z . 12.56 -11.55 10.93
C2 GOL Z . 12.97 -12.29 8.65
O2 GOL Z . 11.57 -12.61 8.48
C3 GOL Z . 13.83 -13.24 7.80
O3 GOL Z . 13.08 -13.86 6.74
C1' UGA AA . 17.96 8.78 -9.93
C2' UGA AA . 17.02 8.12 -8.91
O2' UGA AA . 15.87 7.66 -9.61
C3' UGA AA . 16.62 9.05 -7.77
O3' UGA AA . 15.85 8.29 -6.82
C4' UGA AA . 17.86 9.54 -7.08
O4' UGA AA . 17.49 10.49 -6.06
C5' UGA AA . 18.67 10.26 -8.13
O5' UGA AA . 19.03 9.30 -9.15
C6' UGA AA . 19.83 10.86 -7.37
O'P UGA AA . 19.84 12.11 -7.21
O'Q UGA AA . 20.73 10.12 -6.89
PB UGA AA . 17.64 10.15 -12.14
O1B UGA AA . 17.31 11.61 -12.19
O2B UGA AA . 19.03 9.63 -12.45
O3B UGA AA . 17.22 9.79 -10.62
O3A UGA AA . 16.50 9.51 -13.08
PA UGA AA . 16.00 8.01 -13.25
O1A UGA AA . 16.41 7.18 -12.09
O2A UGA AA . 14.55 8.22 -13.60
O5D UGA AA . 16.75 7.53 -14.62
C5D UGA AA . 18.09 7.03 -14.58
C4D UGA AA . 18.43 6.41 -15.94
O4D UGA AA . 17.80 5.10 -15.96
C3D UGA AA . 17.84 7.18 -17.11
O3D UGA AA . 18.80 7.16 -18.18
C2D UGA AA . 16.62 6.34 -17.52
O2D UGA AA . 16.33 6.43 -18.93
C1D UGA AA . 17.08 4.91 -17.19
N1 UGA AA . 16.02 3.94 -16.91
C6 UGA AA . 15.15 4.17 -15.89
C2 UGA AA . 15.92 2.81 -17.65
O2 UGA AA . 16.72 2.55 -18.57
N3 UGA AA . 14.97 1.90 -17.40
C4 UGA AA . 14.09 2.09 -16.39
O4 UGA AA . 13.22 1.23 -16.20
C5 UGA AA . 14.14 3.24 -15.61
S SO4 BA . 6.13 3.47 -14.49
O1 SO4 BA . 6.86 4.75 -14.48
O2 SO4 BA . 4.94 3.61 -13.63
O3 SO4 BA . 5.62 3.20 -15.83
O4 SO4 BA . 6.99 2.37 -14.01
S SO4 CA . 29.58 15.84 -18.91
O1 SO4 CA . 30.14 16.75 -17.91
O2 SO4 CA . 29.31 14.56 -18.26
O3 SO4 CA . 28.35 16.43 -19.45
O4 SO4 CA . 30.55 15.65 -19.99
S SO4 DA . 5.01 -3.26 -46.50
O1 SO4 DA . 6.32 -3.04 -45.90
O2 SO4 DA . 4.01 -3.42 -45.46
O3 SO4 DA . 4.66 -2.12 -47.34
O4 SO4 DA . 5.08 -4.47 -47.33
C ACT EA . 11.93 15.67 2.05
O ACT EA . 13.05 15.16 2.36
OXT ACT EA . 11.57 15.55 0.86
CH3 ACT EA . 11.08 16.39 3.03
C1 GOL FA . 25.26 24.59 23.69
O1 GOL FA . 24.76 23.63 24.64
C2 GOL FA . 24.30 25.77 23.72
O2 GOL FA . 22.97 25.27 23.79
C3 GOL FA . 24.46 26.55 22.44
O3 GOL FA . 23.19 26.64 21.78
#